data_5EXC
#
_entry.id   5EXC
#
_cell.length_a   57.423
_cell.length_b   69.521
_cell.length_c   124.481
_cell.angle_alpha   89.880
_cell.angle_beta   89.940
_cell.angle_gamma   65.570
#
_symmetry.space_group_name_H-M   'P 1'
#
loop_
_entity.id
_entity.type
_entity.pdbx_description
1 polymer 'Green fluorescent protein'
2 polymer 'Green fluorescent protein'
3 non-polymer GLYCEROL
4 non-polymer 'MAGNESIUM ION'
5 water water
#
loop_
_entity_poly.entity_id
_entity_poly.type
_entity_poly.pdbx_seq_one_letter_code
_entity_poly.pdbx_strand_id
1 'polypeptide(L)' MGNLIKEDMRVKVHMEGNVNGHAFVIEGEGKGKPYEGTQTLNLTVKEGAPLPFSYDILTTA(NLW) A,B,C,D,E,F,G,H
2 'polypeptide(L)'
;(RC7)NRVFTKYPEDIPDYFKQSFPEGYSWERTMTYEDKGICTIRSDISLEGDCFFQNVRFNGMNFPPNGPVMQKKTLKW
EPSTEKLHVRDGLLVGNINMALLLEGGGHYLCDFKTTYKAKKVVQLPDYHFVDHRIEILSNDSDYNKVKLYEHGVARYSP
LPSQAWGSHHHHHH
;
aa,bb,cc,dd,ee,ff,gg,hh
#
loop_
_chem_comp.id
_chem_comp.type
_chem_comp.name
_chem_comp.formula
GOL non-polymer GLYCEROL 'C3 H8 O3'
MG non-polymer 'MAGNESIUM ION' 'Mg 2'
#
# COMPACT_ATOMS: atom_id res chain seq x y z
N ASN A 3 24.25 11.69 -18.34
CA ASN A 3 23.80 12.11 -17.00
C ASN A 3 24.94 12.75 -16.20
N LEU A 4 25.25 13.97 -16.65
CA LEU A 4 26.22 14.86 -16.02
C LEU A 4 26.14 14.79 -14.48
N ILE A 5 24.97 14.51 -13.92
CA ILE A 5 24.75 14.58 -12.48
C ILE A 5 24.85 13.19 -11.86
N LYS A 6 25.69 13.09 -10.83
CA LYS A 6 26.24 11.82 -10.46
C LYS A 6 25.69 11.38 -9.12
N GLU A 7 25.64 10.09 -8.94
CA GLU A 7 25.17 9.53 -7.69
C GLU A 7 25.80 10.24 -6.46
N ASP A 8 26.99 10.78 -6.63
CA ASP A 8 27.60 11.65 -5.64
C ASP A 8 28.01 13.01 -6.27
N MET A 9 27.82 14.12 -5.54
CA MET A 9 28.16 15.46 -6.03
C MET A 9 28.65 16.38 -4.92
N ARG A 10 29.20 17.53 -5.30
CA ARG A 10 29.68 18.47 -4.33
C ARG A 10 28.92 19.81 -4.41
N VAL A 11 29.06 20.60 -3.36
CA VAL A 11 28.26 21.82 -3.23
C VAL A 11 29.06 22.87 -2.57
N LYS A 12 29.08 24.05 -3.20
CA LYS A 12 29.69 25.23 -2.63
C LYS A 12 28.54 26.23 -2.47
N VAL A 13 28.64 27.15 -1.52
CA VAL A 13 27.52 28.00 -1.13
C VAL A 13 28.06 29.26 -0.56
N HIS A 14 27.72 30.36 -1.20
CA HIS A 14 28.01 31.67 -0.65
C HIS A 14 26.67 32.29 -0.27
N MET A 15 26.56 32.77 0.97
CA MET A 15 25.40 33.52 1.39
C MET A 15 25.83 34.84 1.95
N GLU A 16 25.23 35.93 1.48
CA GLU A 16 25.33 37.22 2.19
C GLU A 16 23.93 37.48 2.68
N GLY A 17 23.78 38.27 3.72
CA GLY A 17 22.46 38.44 4.22
C GLY A 17 22.48 39.41 5.34
N ASN A 18 21.30 39.66 5.90
CA ASN A 18 21.08 40.78 6.83
C ASN A 18 19.76 40.64 7.51
N VAL A 19 19.75 40.48 8.82
CA VAL A 19 18.52 40.25 9.52
C VAL A 19 18.36 41.27 10.63
N ASN A 20 17.22 41.95 10.60
CA ASN A 20 17.01 43.15 11.40
C ASN A 20 18.26 43.94 11.61
N GLY A 21 18.72 44.56 10.55
CA GLY A 21 20.03 45.19 10.50
C GLY A 21 21.19 44.19 10.37
N HIS A 22 21.33 43.30 11.36
CA HIS A 22 22.60 42.51 11.54
C HIS A 22 23.02 41.81 10.27
N ALA A 23 24.09 42.26 9.64
CA ALA A 23 24.55 41.72 8.36
C ALA A 23 25.53 40.57 8.59
N PHE A 24 25.70 39.71 7.58
CA PHE A 24 26.51 38.53 7.74
C PHE A 24 26.78 37.86 6.42
N VAL A 25 27.88 37.12 6.40
CA VAL A 25 28.32 36.41 5.24
C VAL A 25 28.53 35.02 5.74
N ILE A 26 27.86 34.07 5.11
CA ILE A 26 27.98 32.64 5.44
C ILE A 26 28.44 31.88 4.20
N GLU A 27 29.16 30.80 4.46
CA GLU A 27 29.91 30.07 3.48
C GLU A 27 29.95 28.60 3.91
N GLY A 28 29.80 27.68 2.97
CA GLY A 28 29.92 26.29 3.29
C GLY A 28 30.26 25.44 2.09
N GLU A 29 30.70 24.22 2.36
N GLU A 29 30.79 24.24 2.35
CA GLU A 29 30.99 23.23 1.32
CA GLU A 29 31.07 23.24 1.30
C GLU A 29 30.50 21.86 1.76
C GLU A 29 30.57 21.87 1.75
N GLY A 30 30.17 21.03 0.79
CA GLY A 30 29.56 19.74 1.12
C GLY A 30 29.29 18.78 -0.01
N LYS A 31 28.53 17.75 0.31
CA LYS A 31 28.24 16.68 -0.60
C LYS A 31 26.78 16.28 -0.54
N GLY A 32 26.34 15.71 -1.63
CA GLY A 32 25.03 15.20 -1.69
C GLY A 32 24.92 14.05 -2.63
N LYS A 33 23.78 13.39 -2.56
CA LYS A 33 23.45 12.31 -3.41
C LYS A 33 22.20 12.69 -4.16
N PRO A 34 22.43 13.42 -5.34
CA PRO A 34 21.23 13.80 -6.09
C PRO A 34 19.98 12.96 -6.23
N TYR A 35 20.08 11.67 -6.39
CA TYR A 35 18.95 10.80 -6.69
C TYR A 35 18.45 10.12 -5.45
N GLU A 36 19.15 10.29 -4.35
CA GLU A 36 18.69 9.73 -3.11
C GLU A 36 18.01 10.83 -2.27
N GLY A 37 18.17 12.06 -2.73
CA GLY A 37 17.56 13.20 -2.09
C GLY A 37 18.24 13.51 -0.79
N THR A 38 19.57 13.39 -0.75
CA THR A 38 20.35 13.49 0.50
C THR A 38 21.52 14.43 0.27
N GLN A 39 21.92 15.14 1.34
CA GLN A 39 23.10 15.98 1.29
C GLN A 39 23.40 16.51 2.67
N THR A 40 24.58 17.08 2.83
CA THR A 40 25.11 17.37 4.15
C THR A 40 26.08 18.48 3.85
N LEU A 41 26.03 19.55 4.62
CA LEU A 41 26.80 20.73 4.28
C LEU A 41 27.54 21.21 5.50
N ASN A 42 28.77 21.67 5.31
CA ASN A 42 29.56 22.27 6.36
C ASN A 42 29.53 23.76 6.13
N LEU A 43 29.15 24.52 7.15
CA LEU A 43 28.90 25.96 7.01
C LEU A 43 29.66 26.73 8.04
N THR A 44 30.32 27.77 7.57
CA THR A 44 31.00 28.64 8.50
C THR A 44 30.56 30.05 8.21
N VAL A 45 30.36 30.80 9.29
CA VAL A 45 30.13 32.21 9.28
C VAL A 45 31.46 32.93 9.17
N LYS A 46 31.71 33.54 8.01
CA LYS A 46 32.89 34.35 7.78
C LYS A 46 32.76 35.74 8.42
N GLU A 47 31.54 36.18 8.78
CA GLU A 47 31.31 37.55 9.28
C GLU A 47 29.98 37.72 9.98
N GLY A 48 30.00 38.62 10.96
CA GLY A 48 28.78 38.95 11.66
C GLY A 48 28.61 38.02 12.82
N ALA A 49 29.40 36.93 12.82
CA ALA A 49 29.51 36.04 13.96
C ALA A 49 29.81 36.85 15.22
N PRO A 50 29.04 36.63 16.30
CA PRO A 50 28.05 35.61 16.44
C PRO A 50 26.62 36.13 16.12
N LEU A 51 25.82 35.29 15.47
CA LEU A 51 24.51 35.71 14.97
C LEU A 51 23.49 35.95 16.11
N PRO A 52 22.77 37.10 16.06
CA PRO A 52 21.81 37.44 17.12
C PRO A 52 20.46 36.77 16.91
N PHE A 53 20.34 35.96 15.87
CA PHE A 53 19.06 35.46 15.46
C PHE A 53 19.08 33.96 15.36
N SER A 54 17.97 33.33 15.73
CA SER A 54 17.82 31.92 15.42
C SER A 54 18.39 31.55 14.05
N TYR A 55 19.37 30.64 14.05
CA TYR A 55 20.01 30.20 12.81
C TYR A 55 18.97 29.62 11.89
N ASP A 56 17.92 29.06 12.47
CA ASP A 56 16.99 28.23 11.72
C ASP A 56 16.43 28.97 10.47
N ILE A 57 16.25 30.28 10.55
CA ILE A 57 15.64 30.92 9.43
C ILE A 57 16.56 30.85 8.20
N LEU A 58 17.83 30.43 8.36
CA LEU A 58 18.72 30.48 7.24
C LEU A 58 18.82 29.18 6.48
N THR A 59 18.39 28.08 7.07
CA THR A 59 19.00 26.76 6.70
C THR A 59 18.42 26.21 5.42
N THR A 60 17.13 26.48 5.22
CA THR A 60 16.48 26.09 4.01
C THR A 60 16.95 26.92 2.79
N ALA A 61 17.65 28.00 3.00
CA ALA A 61 18.16 28.86 1.92
C ALA A 61 19.65 28.47 1.68
CD2 NLW A 62 23.60 29.48 4.25
CG NLW A 62 22.50 28.80 5.03
CD1 NLW A 62 22.98 28.50 6.44
CB NLW A 62 22.10 27.52 4.33
CA NLW A 62 21.71 27.72 2.86
N NLW A 62 20.33 28.23 2.82
C NLW A 62 21.84 26.39 2.13
O NLW A 62 22.83 26.19 1.39
NH2 NLW A 62 21.24 25.35 2.68
C1 RC7 B 1 17.50 23.77 1.04
N2 RC7 B 1 16.44 23.42 1.57
CA2 RC7 B 1 15.42 23.93 0.91
C2 RC7 B 1 15.99 24.75 -0.16
O2 RC7 B 1 15.50 25.37 -0.98
N3 RC7 B 1 17.32 24.52 -0.05
CA3 RC7 B 1 18.45 25.15 -0.65
C3 RC7 B 1 18.58 24.83 -2.08
O3 RC7 B 1 18.94 25.87 -2.67
CA1 RC7 B 1 18.95 23.39 1.53
CB2 RC7 B 1 14.11 23.82 1.17
CG2 RC7 B 1 13.27 23.14 2.15
CD1 RC7 B 1 11.91 23.42 2.08
CD2 RC7 B 1 13.73 22.23 3.12
CE1 RC7 B 1 11.01 22.87 2.93
CE2 RC7 B 1 12.78 21.66 3.99
CZ RC7 B 1 11.42 22.00 3.91
OH RC7 B 1 10.47 21.47 4.69
CB1 RC7 B 1 19.15 22.33 2.31
CG1 RC7 B 1 20.31 21.89 2.79
ND1 RC7 B 1 21.52 22.39 2.64
CD3 RC7 B 1 20.48 20.80 3.53
NE1 RC7 B 1 21.74 20.74 3.81
CE3 RC7 B 1 22.35 21.70 3.27
N ASN B 2 18.30 23.41 -2.58
CA ASN B 2 18.46 23.12 -3.98
C ASN B 2 17.86 21.81 -4.27
N ARG B 3 16.81 22.05 -4.81
CA ARG B 3 16.01 20.91 -5.11
C ARG B 3 16.61 19.94 -6.10
N VAL B 4 17.80 20.21 -6.60
CA VAL B 4 18.49 19.18 -7.41
C VAL B 4 18.55 17.91 -6.58
N PHE B 5 18.85 18.07 -5.31
CA PHE B 5 18.85 16.97 -4.38
C PHE B 5 17.44 16.72 -3.88
N THR B 6 16.72 15.90 -4.62
CA THR B 6 15.40 15.38 -4.31
C THR B 6 15.27 14.03 -5.05
N LYS B 7 14.63 13.07 -4.42
CA LYS B 7 14.31 11.83 -5.09
C LYS B 7 13.08 11.94 -5.95
N TYR B 8 13.26 11.85 -7.24
CA TYR B 8 12.22 12.13 -8.22
C TYR B 8 11.83 10.97 -9.12
N PRO B 9 10.66 10.42 -8.90
CA PRO B 9 10.20 9.25 -9.60
C PRO B 9 10.18 9.44 -11.10
N GLU B 10 10.14 8.34 -11.83
CA GLU B 10 10.38 8.29 -13.25
C GLU B 10 9.28 9.06 -13.95
N ASP B 11 8.07 8.87 -13.47
CA ASP B 11 6.88 9.49 -14.01
C ASP B 11 6.68 10.95 -13.61
N ILE B 12 7.66 11.53 -12.95
CA ILE B 12 7.59 12.89 -12.58
C ILE B 12 8.79 13.73 -13.04
N PRO B 13 8.56 14.56 -14.16
CA PRO B 13 9.63 15.44 -14.60
C PRO B 13 10.45 16.01 -13.52
N ASP B 14 11.75 16.16 -13.68
CA ASP B 14 12.58 16.75 -12.68
C ASP B 14 13.05 18.06 -13.18
N TYR B 15 12.31 19.11 -12.84
CA TYR B 15 12.59 20.50 -13.26
C TYR B 15 14.05 20.89 -13.00
N PHE B 16 14.60 20.38 -11.90
CA PHE B 16 15.86 20.86 -11.38
C PHE B 16 17.05 20.15 -12.05
N LYS B 17 17.00 18.82 -12.15
CA LYS B 17 18.08 18.05 -12.82
C LYS B 17 17.92 18.11 -14.34
N GLN B 18 16.70 18.38 -14.82
CA GLN B 18 16.52 18.74 -16.22
C GLN B 18 17.15 20.04 -16.62
N SER B 19 17.14 21.03 -15.74
CA SER B 19 17.66 22.36 -16.11
C SER B 19 19.17 22.36 -16.41
N PHE B 20 19.87 21.36 -15.89
CA PHE B 20 21.30 21.23 -16.18
C PHE B 20 21.61 20.71 -17.60
N PRO B 21 22.77 21.13 -18.13
CA PRO B 21 23.88 21.78 -17.44
C PRO B 21 23.68 23.25 -17.08
N GLU B 22 22.64 23.86 -17.62
CA GLU B 22 22.43 25.30 -17.48
C GLU B 22 21.98 25.70 -16.07
N GLY B 23 21.33 24.80 -15.35
CA GLY B 23 20.84 25.09 -13.99
C GLY B 23 19.71 26.12 -13.94
N TYR B 24 19.64 26.83 -12.81
CA TYR B 24 18.42 27.59 -12.47
C TYR B 24 18.58 28.53 -11.28
N SER B 25 17.54 29.31 -11.06
CA SER B 25 17.50 30.19 -9.95
C SER B 25 16.12 30.06 -9.32
N TRP B 26 15.95 30.65 -8.15
CA TRP B 26 14.70 30.52 -7.43
C TRP B 26 14.63 31.63 -6.40
N GLU B 27 13.44 31.86 -5.86
CA GLU B 27 13.09 33.14 -5.24
C GLU B 27 12.06 32.79 -4.26
N ARG B 28 12.18 33.26 -3.05
CA ARG B 28 11.48 32.69 -1.97
C ARG B 28 11.01 33.76 -1.11
N THR B 29 9.80 33.66 -0.62
CA THR B 29 9.35 34.63 0.39
C THR B 29 9.04 33.73 1.56
N MET B 30 9.44 34.08 2.74
CA MET B 30 9.09 33.28 3.87
C MET B 30 8.18 34.20 4.66
N THR B 31 6.97 33.74 4.97
CA THR B 31 6.02 34.57 5.73
C THR B 31 5.80 33.93 7.08
N TYR B 32 6.32 34.59 8.11
CA TYR B 32 6.20 34.14 9.48
C TYR B 32 5.10 34.96 10.06
N GLU B 33 4.62 34.44 11.17
CA GLU B 33 3.31 34.82 11.58
C GLU B 33 3.26 36.16 12.35
N ASP B 34 4.40 36.60 12.89
CA ASP B 34 4.46 37.95 13.43
C ASP B 34 4.91 38.94 12.35
N LYS B 35 4.71 38.58 11.09
CA LYS B 35 5.04 39.42 9.93
C LYS B 35 6.50 39.84 9.78
N GLY B 36 7.39 39.25 10.58
CA GLY B 36 8.79 39.24 10.22
C GLY B 36 8.73 38.61 8.86
N ILE B 37 9.53 39.06 7.89
CA ILE B 37 9.54 38.44 6.62
C ILE B 37 11.02 38.13 6.26
N CYS B 38 11.25 37.17 5.39
CA CYS B 38 12.53 37.04 4.72
C CYS B 38 12.25 36.85 3.28
N THR B 39 13.05 37.46 2.45
CA THR B 39 12.94 37.29 1.03
C THR B 39 14.30 36.73 0.64
N ILE B 40 14.29 35.75 -0.25
CA ILE B 40 15.52 35.11 -0.67
C ILE B 40 15.59 34.87 -2.14
N ARG B 41 16.76 34.94 -2.74
CA ARG B 41 16.93 34.46 -4.09
C ARG B 41 18.27 33.72 -4.17
N SER B 42 18.30 32.67 -4.96
CA SER B 42 19.56 31.94 -5.07
C SER B 42 19.80 31.41 -6.47
N ASP B 43 21.06 31.51 -6.96
CA ASP B 43 21.47 30.90 -8.29
C ASP B 43 22.37 29.67 -8.13
N ILE B 44 21.91 28.57 -8.68
CA ILE B 44 22.56 27.30 -8.53
C ILE B 44 23.24 26.97 -9.82
N SER B 45 24.59 26.86 -9.80
CA SER B 45 25.38 26.48 -11.01
C SER B 45 26.07 25.14 -10.85
N LEU B 46 26.35 24.51 -12.00
CA LEU B 46 27.20 23.31 -12.06
C LEU B 46 28.35 23.50 -13.07
N GLU B 47 29.55 23.10 -12.65
CA GLU B 47 30.68 22.80 -13.55
C GLU B 47 31.62 21.76 -12.92
N GLY B 48 31.59 20.53 -13.44
CA GLY B 48 32.38 19.40 -12.88
C GLY B 48 31.60 18.52 -11.90
N ASP B 49 31.86 18.65 -10.62
CA ASP B 49 31.09 17.87 -9.65
C ASP B 49 30.66 18.60 -8.36
N CYS B 50 30.90 19.92 -8.32
CA CYS B 50 30.46 20.77 -7.22
C CYS B 50 29.54 21.93 -7.67
N PHE B 51 28.23 21.76 -7.45
CA PHE B 51 27.26 22.81 -7.67
C PHE B 51 27.63 24.00 -6.84
N PHE B 52 27.16 25.18 -7.27
CA PHE B 52 27.41 26.43 -6.55
C PHE B 52 26.17 27.28 -6.39
N GLN B 53 25.86 27.52 -5.14
CA GLN B 53 24.70 28.28 -4.81
C GLN B 53 25.18 29.62 -4.44
N ASN B 54 24.61 30.60 -5.10
CA ASN B 54 24.81 31.93 -4.70
C ASN B 54 23.52 32.45 -4.17
N VAL B 55 23.58 33.02 -3.01
CA VAL B 55 22.44 33.29 -2.24
C VAL B 55 22.58 34.56 -1.46
N ARG B 56 21.49 35.32 -1.53
CA ARG B 56 21.27 36.52 -0.78
C ARG B 56 20.08 36.38 0.13
N PHE B 57 20.09 36.98 1.31
CA PHE B 57 19.13 36.70 2.35
C PHE B 57 18.87 37.94 3.18
N ASN B 58 17.59 38.37 3.18
CA ASN B 58 17.13 39.57 3.84
C ASN B 58 15.95 39.32 4.75
N GLY B 59 16.10 39.58 6.04
CA GLY B 59 15.01 39.42 6.96
C GLY B 59 14.72 40.63 7.83
N MET B 60 13.46 41.02 7.87
CA MET B 60 13.18 42.23 8.56
C MET B 60 11.86 42.08 9.23
N ASN B 61 11.63 43.00 10.16
CA ASN B 61 10.39 43.12 10.85
C ASN B 61 10.07 41.97 11.79
N PHE B 62 11.10 41.25 12.23
CA PHE B 62 10.98 40.39 13.40
C PHE B 62 10.89 41.19 14.69
N PRO B 63 9.93 40.79 15.57
CA PRO B 63 9.85 41.49 16.83
C PRO B 63 11.13 41.18 17.63
N PRO B 64 11.72 42.21 18.30
CA PRO B 64 12.90 42.00 19.11
C PRO B 64 12.59 41.02 20.22
N ASN B 65 11.36 41.07 20.72
CA ASN B 65 10.90 40.20 21.79
C ASN B 65 10.07 39.06 21.22
N GLY B 66 10.68 38.26 20.35
CA GLY B 66 10.02 37.10 19.73
C GLY B 66 11.01 35.99 19.49
N PRO B 67 10.51 34.77 19.19
CA PRO B 67 11.35 33.54 19.12
C PRO B 67 12.55 33.49 18.15
N VAL B 68 12.63 34.37 17.16
CA VAL B 68 13.84 34.40 16.33
C VAL B 68 14.84 35.31 17.02
N MET B 69 14.39 36.53 17.31
CA MET B 69 15.24 37.48 18.00
C MET B 69 15.61 37.02 19.39
N GLN B 70 14.80 36.13 19.97
CA GLN B 70 15.13 35.49 21.27
C GLN B 70 15.79 34.10 21.16
N LYS B 71 16.06 33.63 19.95
CA LYS B 71 16.72 32.35 19.74
C LYS B 71 16.06 31.24 20.55
N LYS B 72 14.74 31.09 20.47
CA LYS B 72 14.06 30.05 21.20
C LYS B 72 13.39 29.04 20.26
N THR B 73 13.88 28.94 19.03
CA THR B 73 13.39 27.91 18.10
C THR B 73 14.32 26.72 18.19
N LEU B 74 13.77 25.51 18.14
CA LEU B 74 14.60 24.30 18.16
C LEU B 74 14.98 23.77 16.78
N LYS B 75 14.02 23.76 15.87
CA LYS B 75 14.27 23.21 14.54
C LYS B 75 13.03 23.26 13.66
N TRP B 76 13.15 22.82 12.40
CA TRP B 76 11.98 22.76 11.55
C TRP B 76 11.45 21.38 11.76
N GLU B 77 10.16 21.19 11.54
CA GLU B 77 9.60 19.86 11.45
C GLU B 77 9.98 19.32 10.07
N PRO B 78 9.57 18.11 9.75
CA PRO B 78 9.63 17.83 8.35
C PRO B 78 8.46 18.58 7.71
N SER B 79 8.23 18.36 6.42
CA SER B 79 7.22 19.14 5.70
C SER B 79 6.86 18.50 4.37
N THR B 80 5.83 19.04 3.72
CA THR B 80 5.50 18.68 2.37
C THR B 80 5.21 19.97 1.58
N GLU B 81 5.92 20.16 0.47
CA GLU B 81 5.75 21.30 -0.41
C GLU B 81 4.83 20.91 -1.52
N LYS B 82 4.06 21.92 -1.98
CA LYS B 82 3.13 21.78 -3.09
C LYS B 82 3.81 22.50 -4.22
N LEU B 83 3.94 21.83 -5.38
CA LEU B 83 4.59 22.36 -6.56
C LEU B 83 3.57 22.34 -7.72
N HIS B 84 3.44 23.47 -8.42
CA HIS B 84 2.48 23.68 -9.48
C HIS B 84 3.08 24.69 -10.47
N VAL B 85 2.67 24.58 -11.73
CA VAL B 85 3.13 25.50 -12.75
C VAL B 85 2.17 26.71 -12.75
N ARG B 86 2.73 27.90 -12.70
CA ARG B 86 1.94 29.10 -12.87
C ARG B 86 2.79 30.00 -13.71
N ASP B 87 2.13 30.66 -14.66
CA ASP B 87 2.76 31.50 -15.69
C ASP B 87 4.02 30.90 -16.31
N GLY B 88 3.96 29.61 -16.63
CA GLY B 88 5.08 28.89 -17.25
C GLY B 88 6.22 28.48 -16.33
N LEU B 89 6.08 28.80 -15.04
CA LEU B 89 7.13 28.68 -14.08
C LEU B 89 6.82 27.53 -13.16
N LEU B 90 7.69 27.26 -12.19
CA LEU B 90 7.34 26.30 -11.16
C LEU B 90 7.34 26.94 -9.76
N VAL B 91 6.24 26.79 -9.04
CA VAL B 91 6.11 27.37 -7.73
C VAL B 91 6.06 26.31 -6.63
N GLY B 92 6.51 26.64 -5.45
CA GLY B 92 6.20 25.75 -4.38
C GLY B 92 5.73 26.43 -3.17
N ASN B 93 4.81 25.73 -2.51
CA ASN B 93 4.12 26.26 -1.38
C ASN B 93 4.26 25.34 -0.22
N ILE B 94 4.53 25.89 0.97
CA ILE B 94 4.67 25.04 2.13
C ILE B 94 4.10 25.65 3.41
N ASN B 95 3.43 24.80 4.21
CA ASN B 95 3.22 25.10 5.60
C ASN B 95 4.36 24.64 6.47
N MET B 96 5.10 25.65 6.96
CA MET B 96 6.29 25.46 7.71
C MET B 96 6.11 25.76 9.20
N ALA B 97 6.86 24.99 10.02
CA ALA B 97 6.76 24.95 11.50
C ALA B 97 8.11 25.10 12.12
N LEU B 98 8.30 26.08 13.03
CA LEU B 98 9.44 25.94 13.92
C LEU B 98 8.91 25.37 15.23
N LEU B 99 9.60 24.34 15.70
CA LEU B 99 9.34 23.74 17.00
C LEU B 99 9.95 24.66 18.05
N LEU B 100 9.11 25.16 18.95
CA LEU B 100 9.52 26.12 20.00
C LEU B 100 9.85 25.48 21.34
N GLU B 101 10.99 25.90 21.89
CA GLU B 101 11.58 25.39 23.13
C GLU B 101 10.53 25.14 24.20
N GLY B 102 10.43 23.87 24.62
CA GLY B 102 9.52 23.45 25.66
C GLY B 102 8.17 23.06 25.12
N GLY B 103 7.79 23.65 23.98
CA GLY B 103 6.53 23.33 23.30
C GLY B 103 5.90 24.49 22.57
N GLY B 104 5.27 24.20 21.42
CA GLY B 104 4.55 25.19 20.63
C GLY B 104 5.14 25.34 19.24
N HIS B 105 4.59 26.26 18.45
CA HIS B 105 5.11 26.48 17.11
C HIS B 105 4.94 27.91 16.62
N TYR B 106 5.97 28.35 15.91
CA TYR B 106 6.02 29.67 15.30
C TYR B 106 5.98 29.30 13.83
N LEU B 107 4.94 29.72 13.12
CA LEU B 107 4.72 29.14 11.82
C LEU B 107 5.09 30.04 10.73
N CYS B 108 5.27 29.43 9.58
CA CYS B 108 5.73 30.15 8.43
C CYS B 108 5.09 29.63 7.15
N ASP B 109 4.76 30.54 6.23
CA ASP B 109 4.48 30.16 4.84
C ASP B 109 5.73 30.37 4.03
N PHE B 110 5.98 29.44 3.11
CA PHE B 110 7.12 29.47 2.23
C PHE B 110 6.50 29.52 0.87
N LYS B 111 6.98 30.41 0.03
CA LYS B 111 6.50 30.41 -1.32
C LYS B 111 7.74 30.57 -2.09
N THR B 112 7.93 29.70 -3.06
CA THR B 112 9.13 29.72 -3.84
C THR B 112 8.83 29.70 -5.27
N THR B 113 9.52 30.46 -6.07
CA THR B 113 9.31 30.41 -7.49
C THR B 113 10.61 30.00 -8.17
N TYR B 114 10.56 28.90 -8.92
CA TYR B 114 11.77 28.30 -9.53
C TYR B 114 11.81 28.69 -11.00
N LYS B 115 13.00 29.04 -11.50
CA LYS B 115 13.16 29.59 -12.84
C LYS B 115 14.37 29.00 -13.56
N ALA B 116 14.12 27.96 -14.34
CA ALA B 116 15.18 27.29 -15.11
C ALA B 116 15.62 28.15 -16.31
N LYS B 117 16.93 28.14 -16.55
CA LYS B 117 17.55 28.98 -17.58
C LYS B 117 17.49 28.30 -18.95
N LYS B 118 16.98 27.08 -18.96
CA LYS B 118 16.66 26.37 -20.18
C LYS B 118 15.17 25.98 -20.13
N VAL B 119 14.60 25.70 -21.31
CA VAL B 119 13.29 25.07 -21.38
C VAL B 119 13.43 23.61 -21.02
N VAL B 120 12.84 23.22 -19.89
CA VAL B 120 12.76 21.83 -19.46
C VAL B 120 11.34 21.30 -19.65
N GLN B 121 11.19 19.99 -19.72
CA GLN B 121 9.82 19.40 -19.67
C GLN B 121 9.11 19.75 -18.36
N LEU B 122 7.80 19.94 -18.40
CA LEU B 122 7.09 20.51 -17.26
C LEU B 122 6.29 19.50 -16.47
N PRO B 123 6.46 19.47 -15.14
CA PRO B 123 5.71 18.49 -14.39
C PRO B 123 4.29 18.95 -14.07
N ASP B 124 3.42 17.99 -13.80
CA ASP B 124 2.14 18.22 -13.18
C ASP B 124 2.23 18.47 -11.65
N TYR B 125 1.07 18.81 -11.09
CA TYR B 125 0.90 19.11 -9.65
C TYR B 125 1.47 17.93 -8.95
N HIS B 126 2.38 18.16 -8.02
CA HIS B 126 3.07 17.05 -7.34
C HIS B 126 3.56 17.58 -5.99
N PHE B 127 4.13 16.73 -5.13
CA PHE B 127 4.50 17.12 -3.76
C PHE B 127 5.99 16.81 -3.47
N VAL B 128 6.60 17.46 -2.47
CA VAL B 128 7.94 17.08 -2.00
C VAL B 128 8.04 16.92 -0.49
N ASP B 129 8.24 15.67 -0.06
CA ASP B 129 8.46 15.41 1.36
C ASP B 129 9.89 15.78 1.70
N HIS B 130 10.10 16.59 2.73
CA HIS B 130 11.38 17.19 2.99
C HIS B 130 11.69 16.85 4.43
N ARG B 131 12.95 16.89 4.83
CA ARG B 131 13.26 16.95 6.29
C ARG B 131 14.62 17.61 6.45
N ILE B 132 14.71 18.68 7.23
CA ILE B 132 15.94 19.45 7.38
C ILE B 132 16.29 19.58 8.84
N GLU B 133 17.58 19.52 9.11
CA GLU B 133 18.07 19.27 10.43
C GLU B 133 19.46 19.79 10.57
N ILE B 134 19.69 20.61 11.59
CA ILE B 134 21.08 20.93 11.99
C ILE B 134 21.57 19.70 12.74
N LEU B 135 22.80 19.27 12.41
CA LEU B 135 23.37 18.04 13.02
C LEU B 135 24.44 18.35 14.05
N SER B 136 25.39 19.19 13.67
CA SER B 136 26.41 19.68 14.60
C SER B 136 26.51 21.21 14.62
N ASN B 137 26.55 21.78 15.83
CA ASN B 137 26.71 23.22 16.01
C ASN B 137 27.20 23.67 17.38
N ASP B 138 28.15 24.61 17.39
CA ASP B 138 28.37 25.54 18.55
C ASP B 138 27.05 25.98 19.18
N SER B 139 27.09 26.71 20.32
CA SER B 139 25.87 27.30 20.91
C SER B 139 25.57 28.55 20.11
N ASP B 140 26.63 29.07 19.50
CA ASP B 140 26.62 30.28 18.73
C ASP B 140 26.44 30.01 17.25
N TYR B 141 26.49 28.74 16.86
CA TYR B 141 26.35 28.34 15.46
C TYR B 141 27.24 29.12 14.51
N ASN B 142 28.49 29.32 14.86
CA ASN B 142 29.44 29.85 13.87
C ASN B 142 29.93 28.69 12.99
N LYS B 143 29.84 27.46 13.51
CA LYS B 143 29.96 26.25 12.68
C LYS B 143 28.68 25.45 12.81
N VAL B 144 28.21 24.89 11.68
CA VAL B 144 26.92 24.22 11.59
C VAL B 144 27.09 23.08 10.59
N LYS B 145 26.33 21.99 10.75
CA LYS B 145 26.32 20.95 9.73
C LYS B 145 24.95 20.47 9.34
N LEU B 146 24.63 20.62 8.07
CA LEU B 146 23.23 20.76 7.70
C LEU B 146 22.83 19.71 6.73
N TYR B 147 21.85 18.92 7.17
CA TYR B 147 21.31 17.84 6.42
C TYR B 147 19.89 18.13 5.92
N GLU B 148 19.58 17.78 4.66
CA GLU B 148 18.18 17.75 4.18
C GLU B 148 18.02 16.51 3.39
N HIS B 149 16.83 15.97 3.48
CA HIS B 149 16.42 14.86 2.65
C HIS B 149 15.10 15.32 2.07
N GLY B 150 14.98 15.27 0.75
CA GLY B 150 13.70 15.49 0.08
C GLY B 150 13.34 14.42 -0.94
N VAL B 151 12.06 14.00 -0.93
CA VAL B 151 11.52 13.05 -1.92
C VAL B 151 10.21 13.40 -2.59
N ALA B 152 10.23 13.36 -3.93
CA ALA B 152 9.11 13.74 -4.75
C ALA B 152 8.08 12.63 -4.99
N ARG B 153 6.79 13.04 -5.08
CA ARG B 153 5.74 12.12 -5.36
C ARG B 153 4.41 12.73 -5.88
N TYR B 154 3.44 11.84 -5.96
CA TYR B 154 2.07 12.16 -6.14
C TYR B 154 1.41 11.84 -4.84
N SER B 155 0.08 12.00 -4.77
CA SER B 155 -0.64 11.51 -3.65
C SER B 155 -0.65 9.99 -3.74
N PRO B 156 -0.37 9.27 -2.62
CA PRO B 156 -0.48 7.81 -2.48
C PRO B 156 -1.94 7.30 -2.42
N LEU B 157 -2.90 8.21 -2.45
CA LEU B 157 -4.30 7.85 -2.36
C LEU B 157 -4.82 7.84 -3.77
N PRO B 158 -5.14 6.62 -4.26
CA PRO B 158 -5.61 6.50 -5.63
C PRO B 158 -6.99 7.10 -5.70
N SER B 159 -7.34 7.65 -6.84
CA SER B 159 -8.67 8.17 -7.04
C SER B 159 -9.75 7.09 -7.15
N GLN B 160 -10.94 7.47 -6.70
CA GLN B 160 -12.14 6.72 -7.02
C GLN B 160 -12.99 7.44 -8.05
N ALA B 161 -12.48 8.52 -8.65
CA ALA B 161 -13.28 9.22 -9.64
C ALA B 161 -13.15 8.54 -10.99
N TRP B 162 -14.26 8.40 -11.67
CA TRP B 162 -14.21 7.80 -12.97
C TRP B 162 -15.44 8.08 -13.73
N GLY B 163 -15.31 8.94 -14.73
CA GLY B 163 -16.43 9.32 -15.56
C GLY B 163 -17.11 10.53 -15.00
N SER B 164 -17.18 11.59 -15.80
CA SER B 164 -17.87 12.82 -15.37
C SER B 164 -17.83 13.87 -16.48
N HIS B 165 -18.61 14.94 -16.29
CA HIS B 165 -18.58 16.08 -17.21
C HIS B 165 -19.18 17.26 -16.48
N ASN C 3 1.58 -47.55 -45.74
CA ASN C 3 2.69 -46.96 -44.94
C ASN C 3 2.27 -46.31 -43.61
N LEU C 4 0.98 -46.42 -43.25
CA LEU C 4 0.44 -46.00 -41.93
C LEU C 4 0.45 -44.49 -41.68
N ILE C 5 1.56 -43.86 -42.04
CA ILE C 5 1.66 -42.42 -42.10
C ILE C 5 1.22 -41.97 -43.50
N LYS C 6 -0.04 -41.55 -43.58
CA LYS C 6 -0.66 -41.12 -44.85
C LYS C 6 0.09 -39.93 -45.43
N GLU C 7 -0.07 -39.67 -46.72
CA GLU C 7 0.73 -38.63 -47.35
C GLU C 7 0.29 -37.31 -46.76
N ASP C 8 -1.01 -37.15 -46.48
CA ASP C 8 -1.50 -35.92 -45.82
C ASP C 8 -1.99 -36.20 -44.41
N MET C 9 -1.64 -35.31 -43.49
CA MET C 9 -1.95 -35.55 -42.10
C MET C 9 -2.46 -34.29 -41.42
N ARG C 10 -3.01 -34.50 -40.23
CA ARG C 10 -3.60 -33.42 -39.48
C ARG C 10 -2.88 -33.32 -38.16
N VAL C 11 -2.87 -32.13 -37.62
CA VAL C 11 -2.08 -31.78 -36.47
C VAL C 11 -2.93 -30.95 -35.51
N LYS C 12 -3.10 -31.46 -34.30
CA LYS C 12 -3.64 -30.67 -33.25
C LYS C 12 -2.49 -30.48 -32.31
N VAL C 13 -2.45 -29.31 -31.70
CA VAL C 13 -1.40 -28.98 -30.78
C VAL C 13 -2.00 -28.24 -29.62
N HIS C 14 -1.71 -28.70 -28.42
CA HIS C 14 -2.09 -28.03 -27.22
C HIS C 14 -0.80 -27.64 -26.52
N MET C 15 -0.68 -26.36 -26.13
CA MET C 15 0.48 -25.87 -25.38
C MET C 15 0.17 -25.18 -24.07
N GLU C 16 0.78 -25.62 -22.97
CA GLU C 16 0.68 -24.91 -21.71
C GLU C 16 2.01 -24.32 -21.41
N GLY C 17 2.07 -23.04 -21.20
CA GLY C 17 3.35 -22.39 -21.06
C GLY C 17 3.33 -21.33 -20.00
N ASN C 18 4.46 -20.68 -19.80
CA ASN C 18 4.64 -19.61 -18.82
C ASN C 18 6.02 -19.03 -19.03
N VAL C 19 6.09 -17.76 -19.44
CA VAL C 19 7.32 -17.06 -19.76
C VAL C 19 7.44 -15.86 -18.84
N ASN C 20 8.55 -15.80 -18.11
CA ASN C 20 8.78 -14.90 -16.95
C ASN C 20 7.59 -14.79 -16.00
N GLY C 21 6.82 -15.85 -15.89
CA GLY C 21 5.72 -15.86 -14.99
C GLY C 21 4.41 -15.48 -15.63
N HIS C 22 4.41 -15.12 -16.91
CA HIS C 22 3.18 -14.79 -17.61
C HIS C 22 2.65 -16.06 -18.20
N ALA C 23 1.52 -16.54 -17.67
CA ALA C 23 0.99 -17.86 -18.01
C ALA C 23 0.13 -17.81 -19.25
N PHE C 24 -0.05 -18.94 -19.93
CA PHE C 24 -0.74 -18.95 -21.18
C PHE C 24 -1.02 -20.31 -21.71
N VAL C 25 -1.99 -20.40 -22.59
CA VAL C 25 -2.42 -21.63 -23.18
C VAL C 25 -2.49 -21.29 -24.63
N ILE C 26 -2.12 -22.24 -25.48
CA ILE C 26 -2.32 -22.11 -26.90
C ILE C 26 -2.66 -23.44 -27.44
N GLU C 27 -3.58 -23.46 -28.36
CA GLU C 27 -4.03 -24.65 -29.01
C GLU C 27 -4.02 -24.26 -30.47
N GLY C 28 -3.86 -25.26 -31.35
CA GLY C 28 -3.51 -25.03 -32.75
C GLY C 28 -4.04 -26.13 -33.64
N GLU C 29 -4.22 -25.82 -34.91
CA GLU C 29 -4.91 -26.73 -35.84
C GLU C 29 -4.29 -26.54 -37.20
N GLY C 30 -3.86 -27.63 -37.80
CA GLY C 30 -3.03 -27.50 -38.97
C GLY C 30 -2.91 -28.82 -39.63
N LYS C 31 -1.96 -28.90 -40.54
CA LYS C 31 -1.79 -30.06 -41.39
C LYS C 31 -0.49 -29.92 -42.20
N GLY C 32 0.02 -31.02 -42.72
CA GLY C 32 1.24 -30.97 -43.51
C GLY C 32 1.42 -32.14 -44.45
N LYS C 33 2.60 -32.25 -45.05
CA LYS C 33 3.05 -33.48 -45.67
C LYS C 33 4.34 -34.02 -45.00
N PRO C 34 4.11 -35.20 -44.30
CA PRO C 34 5.30 -35.79 -43.70
C PRO C 34 6.46 -35.96 -44.61
N TYR C 35 6.25 -36.77 -45.60
CA TYR C 35 7.29 -37.17 -46.52
C TYR C 35 7.83 -35.99 -47.30
N GLU C 36 7.09 -34.88 -47.30
CA GLU C 36 7.60 -33.69 -47.99
C GLU C 36 8.37 -32.71 -47.07
N GLY C 37 7.98 -32.64 -45.81
CA GLY C 37 8.63 -31.76 -44.82
C GLY C 37 8.03 -30.37 -44.72
N THR C 38 6.73 -30.24 -44.91
CA THR C 38 6.05 -28.94 -44.81
C THR C 38 4.81 -29.14 -43.95
N GLN C 39 4.52 -28.21 -43.08
CA GLN C 39 3.22 -28.13 -42.43
C GLN C 39 2.86 -26.68 -42.28
N THR C 40 1.59 -26.44 -41.91
CA THR C 40 1.03 -25.10 -41.68
C THR C 40 0.01 -25.25 -40.53
N LEU C 41 0.01 -24.30 -39.61
CA LEU C 41 -0.70 -24.49 -38.34
C LEU C 41 -1.43 -23.23 -37.97
N ASN C 42 -2.68 -23.37 -37.55
CA ASN C 42 -3.45 -22.22 -37.10
C ASN C 42 -3.44 -22.16 -35.62
N LEU C 43 -2.95 -21.05 -35.08
CA LEU C 43 -2.71 -20.97 -33.65
C LEU C 43 -3.59 -19.96 -32.87
N THR C 44 -4.18 -20.42 -31.77
CA THR C 44 -5.05 -19.56 -31.00
C THR C 44 -4.67 -19.46 -29.55
N VAL C 45 -4.21 -18.29 -29.14
CA VAL C 45 -4.03 -18.02 -27.68
C VAL C 45 -5.35 -18.40 -26.98
N LYS C 46 -5.30 -19.15 -25.88
CA LYS C 46 -6.52 -19.49 -25.12
C LYS C 46 -6.55 -18.86 -23.74
N GLU C 47 -5.38 -18.47 -23.25
CA GLU C 47 -5.24 -17.67 -22.03
C GLU C 47 -3.94 -16.88 -22.13
N GLY C 48 -3.86 -15.82 -21.37
CA GLY C 48 -2.66 -15.00 -21.39
C GLY C 48 -2.64 -14.04 -22.56
N ALA C 49 -3.79 -13.87 -23.21
CA ALA C 49 -3.90 -12.98 -24.36
C ALA C 49 -3.99 -11.50 -23.90
N PRO C 50 -3.17 -10.60 -24.46
CA PRO C 50 -2.12 -10.72 -25.44
C PRO C 50 -0.75 -10.97 -24.78
N LEU C 51 0.01 -11.91 -25.36
CA LEU C 51 1.33 -12.29 -24.85
C LEU C 51 2.28 -11.10 -24.77
N PRO C 52 2.85 -10.83 -23.58
CA PRO C 52 3.81 -9.70 -23.40
C PRO C 52 5.27 -9.97 -23.87
N PHE C 53 5.50 -11.09 -24.57
CA PHE C 53 6.85 -11.56 -24.95
C PHE C 53 6.79 -12.04 -26.38
N SER C 54 7.86 -11.82 -27.16
CA SER C 54 7.95 -12.35 -28.54
C SER C 54 7.37 -13.73 -28.79
N TYR C 55 6.46 -13.81 -29.76
CA TYR C 55 5.84 -15.06 -30.17
C TYR C 55 6.87 -16.01 -30.72
N ASP C 56 7.93 -15.44 -31.28
CA ASP C 56 8.91 -16.19 -32.02
C ASP C 56 9.47 -17.33 -31.10
N ILE C 57 9.65 -17.02 -29.82
CA ILE C 57 10.15 -17.99 -28.87
C ILE C 57 9.38 -19.28 -28.75
N LEU C 58 8.15 -19.35 -29.28
CA LEU C 58 7.29 -20.50 -29.09
C LEU C 58 7.12 -21.32 -30.30
N THR C 59 7.36 -20.70 -31.46
CA THR C 59 6.98 -21.29 -32.77
C THR C 59 7.46 -22.71 -33.02
N THR C 60 8.71 -22.94 -32.62
CA THR C 60 9.43 -24.17 -32.89
C THR C 60 8.98 -25.23 -32.00
N ALA C 61 8.38 -24.92 -30.85
CA ALA C 61 7.69 -25.97 -30.05
C ALA C 61 6.27 -26.26 -30.59
CD2 NLW C 62 2.36 -23.78 -29.79
CG NLW C 62 3.35 -23.00 -30.65
CD1 NLW C 62 2.73 -21.66 -31.08
CB NLW C 62 3.74 -23.78 -31.89
CA NLW C 62 4.26 -25.19 -31.61
N NLW C 62 5.65 -25.17 -31.10
C NLW C 62 4.10 -25.97 -32.85
O NLW C 62 3.06 -26.62 -33.00
NH2 NLW C 62 4.80 -25.60 -33.94
C1 RC7 D 1 8.76 -27.03 -35.12
N2 RC7 D 1 9.82 -26.55 -35.57
CA2 RC7 D 1 10.80 -27.18 -34.94
C2 RC7 D 1 10.23 -28.17 -34.00
O2 RC7 D 1 10.81 -28.90 -33.33
N3 RC7 D 1 8.90 -28.08 -34.23
CA3 RC7 D 1 7.75 -28.58 -33.54
C3 RC7 D 1 7.62 -30.05 -33.64
O3 RC7 D 1 7.33 -30.60 -32.62
CA1 RC7 D 1 7.43 -26.64 -35.61
CB2 RC7 D 1 12.08 -26.95 -35.06
CG2 RC7 D 1 12.78 -26.01 -35.90
CD1 RC7 D 1 14.16 -25.90 -35.75
CD2 RC7 D 1 12.06 -25.24 -36.78
CE1 RC7 D 1 14.84 -25.04 -36.53
CE2 RC7 D 1 12.75 -24.36 -37.54
CZ RC7 D 1 14.13 -24.26 -37.43
OH RC7 D 1 14.78 -23.44 -38.20
CB1 RC7 D 1 7.27 -25.82 -36.67
CG1 RC7 D 1 5.98 -25.48 -37.24
ND1 RC7 D 1 4.75 -25.92 -36.86
CD3 RC7 D 1 5.72 -24.65 -38.27
NE1 RC7 D 1 4.39 -24.60 -38.47
CE3 RC7 D 1 3.85 -25.37 -37.60
N ASN D 2 7.78 -30.85 -35.11
CA ASN D 2 7.61 -32.24 -35.16
C ASN D 2 8.27 -32.82 -36.36
N ARG D 3 9.39 -33.44 -36.08
CA ARG D 3 10.19 -34.03 -37.13
C ARG D 3 9.58 -35.25 -37.75
N VAL D 4 8.58 -35.62 -37.65
CA VAL D 4 7.82 -36.33 -38.60
C VAL D 4 7.81 -35.49 -39.87
N PHE D 5 7.72 -34.17 -39.72
CA PHE D 5 7.63 -33.33 -40.90
C PHE D 5 9.00 -32.88 -41.37
N THR D 6 9.71 -33.82 -41.94
CA THR D 6 11.06 -33.70 -42.50
C THR D 6 11.16 -34.60 -43.71
N LYS D 7 11.77 -34.17 -44.79
CA LYS D 7 12.09 -35.08 -45.89
C LYS D 7 13.25 -35.94 -45.48
N TYR D 8 13.10 -37.23 -45.55
CA TYR D 8 14.16 -38.15 -45.22
C TYR D 8 14.43 -39.04 -46.38
N PRO D 9 15.61 -38.85 -46.96
CA PRO D 9 16.09 -39.66 -48.08
C PRO D 9 16.19 -41.12 -47.67
N GLU D 10 16.18 -42.02 -48.64
CA GLU D 10 16.10 -43.45 -48.35
C GLU D 10 17.32 -44.02 -47.62
N ASP D 11 18.46 -43.42 -47.89
CA ASP D 11 19.71 -43.73 -47.27
C ASP D 11 19.80 -43.21 -45.84
N ILE D 12 18.83 -42.45 -45.38
CA ILE D 12 18.81 -42.05 -43.97
C ILE D 12 17.65 -42.57 -43.21
N PRO D 13 17.97 -43.51 -42.22
CA PRO D 13 16.87 -43.86 -41.33
C PRO D 13 16.02 -42.66 -40.85
N ASP D 14 14.71 -42.87 -40.81
CA ASP D 14 13.78 -41.87 -40.37
C ASP D 14 13.34 -42.13 -39.01
N TYR D 15 14.05 -41.55 -38.08
CA TYR D 15 13.88 -41.85 -36.64
C TYR D 15 12.46 -41.62 -36.13
N PHE D 16 11.77 -40.64 -36.71
CA PHE D 16 10.54 -40.13 -36.16
C PHE D 16 9.34 -40.92 -36.69
N LYS D 17 9.26 -41.01 -38.02
CA LYS D 17 8.24 -41.80 -38.67
C LYS D 17 8.29 -43.22 -38.10
N GLN D 18 9.48 -43.84 -38.13
CA GLN D 18 9.70 -45.17 -37.53
C GLN D 18 9.09 -45.30 -36.14
N SER D 19 9.24 -44.27 -35.31
CA SER D 19 8.77 -44.34 -33.93
C SER D 19 7.26 -44.64 -33.75
N PHE D 20 6.50 -44.55 -34.83
CA PHE D 20 5.10 -44.87 -34.78
C PHE D 20 4.84 -46.30 -35.26
N PRO D 21 3.65 -46.85 -34.94
CA PRO D 21 2.54 -46.26 -34.17
C PRO D 21 2.90 -45.76 -32.78
N GLU D 22 3.94 -46.34 -32.17
CA GLU D 22 4.27 -46.15 -30.74
C GLU D 22 4.46 -44.73 -30.20
N GLY D 23 4.86 -43.79 -31.05
CA GLY D 23 5.02 -42.37 -30.66
C GLY D 23 6.41 -41.95 -30.26
N TYR D 24 6.63 -40.65 -30.12
CA TYR D 24 7.85 -40.14 -29.45
C TYR D 24 7.61 -38.85 -28.65
N SER D 25 8.59 -38.53 -27.81
CA SER D 25 8.65 -37.27 -27.11
C SER D 25 9.89 -36.57 -27.54
N TRP D 26 10.03 -35.32 -27.14
CA TRP D 26 11.34 -34.68 -27.18
C TRP D 26 11.49 -33.66 -26.10
N GLU D 27 12.77 -33.34 -25.83
CA GLU D 27 13.17 -32.46 -24.72
C GLU D 27 14.14 -31.49 -25.28
N ARG D 28 13.97 -30.20 -24.97
CA ARG D 28 14.66 -29.18 -25.69
C ARG D 28 15.08 -28.15 -24.72
N THR D 29 16.25 -27.59 -24.86
CA THR D 29 16.54 -26.41 -24.03
C THR D 29 17.05 -25.37 -25.01
N MET D 30 16.77 -24.11 -24.73
CA MET D 30 17.00 -23.07 -25.64
C MET D 30 17.75 -22.10 -24.80
N THR D 31 19.05 -21.98 -25.09
CA THR D 31 19.90 -21.09 -24.30
C THR D 31 20.29 -19.89 -25.10
N TYR D 32 19.63 -18.75 -24.84
CA TYR D 32 19.76 -17.48 -25.60
C TYR D 32 20.97 -16.68 -25.15
N GLU D 33 21.58 -15.93 -26.08
CA GLU D 33 22.86 -15.21 -25.79
C GLU D 33 22.80 -14.07 -24.73
N ASP D 34 21.67 -13.94 -24.00
CA ASP D 34 21.56 -13.08 -22.78
C ASP D 34 21.04 -13.79 -21.52
N LYS D 35 21.32 -15.09 -21.43
CA LYS D 35 21.04 -15.90 -20.24
C LYS D 35 19.55 -16.16 -19.87
N GLY D 36 18.59 -15.70 -20.68
CA GLY D 36 17.25 -16.30 -20.64
C GLY D 36 17.25 -17.70 -21.25
N ILE D 37 16.31 -18.56 -20.88
CA ILE D 37 16.40 -19.94 -21.30
C ILE D 37 14.99 -20.46 -21.42
N CYS D 38 14.79 -21.51 -22.23
CA CYS D 38 13.55 -22.20 -22.22
C CYS D 38 13.74 -23.68 -22.18
N THR D 39 12.81 -24.33 -21.50
CA THR D 39 12.78 -25.76 -21.34
C THR D 39 11.47 -26.18 -21.89
N ILE D 40 11.48 -27.18 -22.77
CA ILE D 40 10.33 -27.62 -23.41
C ILE D 40 10.25 -29.12 -23.44
N ARG D 41 9.02 -29.62 -23.42
CA ARG D 41 8.72 -31.02 -23.40
C ARG D 41 7.57 -31.20 -24.32
N SER D 42 7.63 -32.24 -25.14
CA SER D 42 6.52 -32.39 -26.06
C SER D 42 6.24 -33.83 -26.40
N ASP D 43 5.04 -34.28 -26.02
CA ASP D 43 4.64 -35.63 -26.32
C ASP D 43 3.90 -35.55 -27.64
N ILE D 44 4.29 -36.43 -28.56
CA ILE D 44 3.65 -36.55 -29.85
C ILE D 44 2.76 -37.78 -29.73
N SER D 45 1.53 -37.67 -30.24
CA SER D 45 0.60 -38.80 -30.26
C SER D 45 0.10 -38.97 -31.70
N LEU D 46 -0.34 -40.16 -32.08
CA LEU D 46 -1.02 -40.32 -33.38
C LEU D 46 -2.38 -41.04 -33.23
N GLU D 47 -3.43 -40.37 -33.72
CA GLU D 47 -4.81 -40.88 -33.73
C GLU D 47 -5.37 -40.79 -35.15
N GLY D 48 -5.09 -41.83 -35.94
CA GLY D 48 -5.60 -41.91 -37.30
C GLY D 48 -4.72 -41.13 -38.25
N ASP D 49 -5.27 -40.05 -38.79
CA ASP D 49 -4.52 -39.18 -39.68
C ASP D 49 -4.29 -37.75 -39.08
N CYS D 50 -4.57 -37.60 -37.77
CA CYS D 50 -4.23 -36.35 -37.04
C CYS D 50 -3.18 -36.65 -35.99
N PHE D 51 -2.07 -35.92 -36.06
CA PHE D 51 -1.01 -35.95 -35.04
C PHE D 51 -1.40 -35.09 -33.83
N PHE D 52 -1.21 -35.61 -32.63
CA PHE D 52 -1.39 -34.79 -31.44
C PHE D 52 -0.04 -34.49 -30.83
N GLN D 53 0.11 -33.26 -30.36
CA GLN D 53 1.33 -32.74 -29.79
C GLN D 53 0.98 -32.05 -28.49
N ASN D 54 1.30 -32.65 -27.36
CA ASN D 54 1.03 -32.01 -26.09
C ASN D 54 2.30 -31.45 -25.55
N VAL D 55 2.29 -30.18 -25.33
CA VAL D 55 3.48 -29.44 -25.20
C VAL D 55 3.64 -28.60 -23.87
N ARG D 56 4.77 -28.20 -23.23
N ARG D 56 4.72 -28.40 -23.21
CA ARG D 56 4.93 -27.51 -22.05
CA ARG D 56 4.93 -27.61 -22.02
C ARG D 56 6.19 -26.66 -22.14
C ARG D 56 6.14 -26.69 -22.26
N PHE D 57 5.93 -25.39 -22.07
CA PHE D 57 6.91 -24.43 -22.40
C PHE D 57 7.04 -23.51 -21.24
N ASN D 58 8.29 -23.35 -20.84
CA ASN D 58 8.64 -22.59 -19.71
C ASN D 58 9.85 -21.87 -20.11
N GLY D 59 9.81 -20.58 -19.88
CA GLY D 59 10.95 -19.74 -20.17
C GLY D 59 11.18 -18.76 -19.07
N MET D 60 12.42 -18.29 -18.94
CA MET D 60 12.70 -17.32 -17.91
C MET D 60 13.91 -16.51 -18.28
N ASN D 61 14.16 -15.49 -17.47
CA ASN D 61 15.35 -14.67 -17.49
C ASN D 61 15.61 -13.81 -18.72
N PHE D 62 14.58 -13.52 -19.49
CA PHE D 62 14.79 -12.55 -20.57
C PHE D 62 14.84 -11.11 -20.06
N PRO D 63 15.78 -10.29 -20.63
CA PRO D 63 15.93 -8.94 -20.07
C PRO D 63 14.63 -8.14 -20.21
N PRO D 64 14.30 -7.30 -19.22
CA PRO D 64 13.10 -6.51 -19.29
C PRO D 64 13.01 -5.68 -20.55
N ASN D 65 14.14 -5.10 -20.94
CA ASN D 65 14.27 -4.38 -22.21
C ASN D 65 14.81 -5.24 -23.34
N GLY D 66 15.17 -6.48 -23.04
CA GLY D 66 15.75 -7.38 -24.02
C GLY D 66 14.80 -7.58 -25.17
N PRO D 67 15.31 -7.97 -26.35
CA PRO D 67 14.46 -8.18 -27.54
C PRO D 67 13.29 -9.17 -27.39
N VAL D 68 13.31 -10.00 -26.36
CA VAL D 68 12.15 -10.89 -26.18
C VAL D 68 10.98 -10.21 -25.47
N MET D 69 11.26 -9.53 -24.37
CA MET D 69 10.22 -8.85 -23.63
C MET D 69 9.84 -7.50 -24.24
N GLN D 70 10.67 -6.99 -25.15
CA GLN D 70 10.31 -5.82 -25.95
C GLN D 70 9.91 -6.14 -27.38
N LYS D 71 9.43 -7.35 -27.62
CA LYS D 71 8.91 -7.77 -28.92
C LYS D 71 9.69 -7.26 -30.13
N LYS D 72 11.02 -7.24 -30.00
CA LYS D 72 11.91 -6.81 -31.07
C LYS D 72 12.32 -7.92 -32.08
N THR D 73 11.44 -8.85 -32.46
CA THR D 73 11.84 -9.83 -33.48
C THR D 73 10.86 -9.87 -34.60
N LEU D 74 11.35 -10.18 -35.78
CA LEU D 74 10.47 -10.50 -36.89
C LEU D 74 10.52 -11.93 -37.29
N LYS D 75 11.64 -12.62 -37.13
CA LYS D 75 11.67 -14.01 -37.55
C LYS D 75 12.91 -14.86 -37.15
N TRP D 76 12.86 -16.15 -37.45
CA TRP D 76 13.99 -17.05 -37.21
C TRP D 76 14.72 -17.16 -38.51
N GLU D 77 16.04 -17.02 -38.46
CA GLU D 77 16.82 -17.38 -39.61
C GLU D 77 16.60 -18.85 -39.84
N PRO D 78 16.72 -19.30 -41.09
CA PRO D 78 16.59 -20.71 -41.23
C PRO D 78 17.83 -21.30 -40.66
N SER D 79 17.95 -22.61 -40.79
CA SER D 79 18.97 -23.35 -40.06
C SER D 79 19.22 -24.73 -40.63
N THR D 80 20.26 -25.36 -40.08
CA THR D 80 20.63 -26.73 -40.34
C THR D 80 20.93 -27.39 -38.97
N GLU D 81 20.23 -28.48 -38.63
CA GLU D 81 20.38 -29.17 -37.31
C GLU D 81 21.34 -30.35 -37.46
N LYS D 82 22.12 -30.62 -36.43
CA LYS D 82 23.02 -31.78 -36.52
C LYS D 82 22.39 -32.74 -35.59
N LEU D 83 22.10 -33.93 -36.12
CA LEU D 83 21.58 -35.00 -35.33
C LEU D 83 22.59 -36.17 -35.19
N HIS D 84 22.71 -36.71 -33.98
CA HIS D 84 23.67 -37.74 -33.68
C HIS D 84 23.11 -38.55 -32.54
N VAL D 85 23.53 -39.80 -32.44
CA VAL D 85 22.90 -40.69 -31.52
C VAL D 85 23.81 -40.78 -30.31
N ARG D 86 23.18 -40.80 -29.15
CA ARG D 86 23.86 -40.69 -27.87
C ARG D 86 22.96 -41.34 -26.85
N ASP D 87 23.51 -42.25 -26.05
CA ASP D 87 22.75 -43.04 -25.04
C ASP D 87 21.52 -43.71 -25.63
N GLY D 88 21.60 -44.12 -26.89
CA GLY D 88 20.50 -44.81 -27.53
C GLY D 88 19.56 -43.83 -28.22
N LEU D 89 19.52 -42.58 -27.76
CA LEU D 89 18.64 -41.59 -28.30
C LEU D 89 19.30 -40.78 -29.40
N LEU D 90 18.47 -40.11 -30.19
CA LEU D 90 18.90 -39.19 -31.24
C LEU D 90 18.85 -37.74 -30.72
N VAL D 91 19.96 -37.01 -30.80
CA VAL D 91 20.16 -35.67 -30.19
C VAL D 91 20.52 -34.57 -31.25
N GLY D 92 19.81 -33.46 -31.20
CA GLY D 92 19.97 -32.45 -32.19
C GLY D 92 20.48 -31.23 -31.53
N ASN D 93 21.51 -30.64 -32.15
CA ASN D 93 21.97 -29.32 -31.82
C ASN D 93 21.76 -28.38 -32.94
N ILE D 94 21.57 -27.10 -32.66
CA ILE D 94 21.43 -26.07 -33.71
C ILE D 94 21.85 -24.64 -33.28
N ASN D 95 22.50 -23.92 -34.21
CA ASN D 95 22.75 -22.50 -34.00
C ASN D 95 21.57 -21.79 -34.58
N MET D 96 20.84 -21.05 -33.72
CA MET D 96 19.65 -20.37 -34.18
C MET D 96 19.90 -18.88 -34.18
N ALA D 97 19.06 -18.14 -34.89
CA ALA D 97 19.24 -16.74 -35.07
C ALA D 97 17.90 -16.06 -35.40
N LEU D 98 17.64 -14.91 -34.78
CA LEU D 98 16.39 -14.19 -34.97
C LEU D 98 16.75 -12.90 -35.61
N LEU D 99 15.90 -12.45 -36.53
CA LEU D 99 16.10 -11.16 -37.14
C LEU D 99 15.51 -10.12 -36.20
N LEU D 100 16.40 -9.40 -35.52
CA LEU D 100 16.07 -8.15 -34.79
C LEU D 100 15.51 -7.00 -35.68
N GLU D 101 14.66 -6.14 -35.09
CA GLU D 101 13.94 -5.08 -35.87
C GLU D 101 14.86 -4.26 -36.76
N GLY D 102 14.48 -4.12 -38.03
CA GLY D 102 15.32 -3.49 -39.05
C GLY D 102 16.77 -3.96 -38.95
N GLY D 103 17.02 -5.23 -39.25
CA GLY D 103 18.38 -5.76 -39.32
C GLY D 103 19.00 -6.00 -37.94
N GLY D 104 19.78 -7.09 -37.86
CA GLY D 104 20.46 -7.51 -36.63
C GLY D 104 20.05 -8.92 -36.24
N HIS D 105 20.68 -9.47 -35.19
CA HIS D 105 20.43 -10.88 -34.84
C HIS D 105 20.63 -11.16 -33.38
N TYR D 106 19.64 -11.89 -32.83
CA TYR D 106 19.64 -12.38 -31.43
C TYR D 106 19.73 -13.88 -31.46
N LEU D 107 20.48 -14.48 -30.51
CA LEU D 107 21.06 -15.83 -30.73
C LEU D 107 20.77 -16.88 -29.73
N CYS D 108 20.44 -18.04 -30.28
CA CYS D 108 20.07 -19.14 -29.45
C CYS D 108 20.70 -20.44 -29.95
N ASP D 109 21.05 -21.29 -29.01
CA ASP D 109 21.43 -22.67 -29.32
C ASP D 109 20.34 -23.60 -28.81
N PHE D 110 19.87 -24.49 -29.70
CA PHE D 110 18.94 -25.56 -29.41
C PHE D 110 19.70 -26.80 -29.10
N LYS D 111 19.28 -27.50 -28.08
CA LYS D 111 19.73 -28.88 -27.90
C LYS D 111 18.44 -29.60 -27.72
N THR D 112 18.18 -30.65 -28.53
CA THR D 112 16.99 -31.44 -28.45
C THR D 112 17.32 -32.92 -28.33
N THR D 113 16.52 -33.65 -27.55
CA THR D 113 16.71 -35.09 -27.46
C THR D 113 15.49 -35.75 -27.82
N TYR D 114 15.54 -36.70 -28.74
CA TYR D 114 14.31 -37.30 -29.22
C TYR D 114 14.26 -38.72 -28.71
N LYS D 115 13.06 -39.19 -28.40
CA LYS D 115 12.91 -40.42 -27.66
C LYS D 115 11.78 -41.21 -28.21
N ALA D 116 12.10 -42.14 -29.11
CA ALA D 116 11.10 -43.07 -29.56
C ALA D 116 10.60 -43.84 -28.36
N LYS D 117 9.30 -44.05 -28.35
CA LYS D 117 8.61 -44.84 -27.34
C LYS D 117 8.55 -46.28 -27.85
N LYS D 118 9.73 -46.78 -28.25
CA LYS D 118 9.90 -48.11 -28.82
C LYS D 118 11.39 -48.22 -29.14
N VAL D 119 11.80 -49.31 -29.76
CA VAL D 119 13.12 -49.32 -30.38
C VAL D 119 12.95 -49.06 -31.88
N VAL D 120 13.87 -48.29 -32.48
CA VAL D 120 13.85 -48.02 -33.91
C VAL D 120 15.25 -48.17 -34.50
N GLN D 121 15.36 -48.21 -35.82
CA GLN D 121 16.70 -48.26 -36.42
C GLN D 121 17.30 -46.88 -36.35
N LEU D 122 18.60 -46.79 -36.05
CA LEU D 122 19.26 -45.51 -35.78
C LEU D 122 20.13 -45.02 -36.94
N PRO D 123 20.15 -43.70 -37.15
CA PRO D 123 20.93 -43.15 -38.25
C PRO D 123 22.36 -42.71 -37.91
N ASP D 124 23.21 -42.65 -38.93
CA ASP D 124 24.50 -42.02 -38.77
C ASP D 124 24.26 -40.51 -38.60
N TYR D 125 25.31 -39.82 -38.16
CA TYR D 125 25.33 -38.37 -37.98
C TYR D 125 24.81 -37.71 -39.23
N HIS D 126 23.80 -36.85 -39.13
CA HIS D 126 23.23 -36.26 -40.33
C HIS D 126 22.71 -34.92 -40.02
N PHE D 127 22.24 -34.23 -41.05
CA PHE D 127 21.73 -32.85 -40.91
C PHE D 127 20.30 -32.73 -41.40
N VAL D 128 19.60 -31.75 -40.84
CA VAL D 128 18.29 -31.35 -41.30
C VAL D 128 18.34 -29.85 -41.57
N ASP D 129 18.10 -29.42 -42.80
CA ASP D 129 18.04 -28.00 -43.08
C ASP D 129 16.65 -27.44 -42.75
N HIS D 130 16.56 -26.32 -42.02
CA HIS D 130 15.24 -25.80 -41.55
C HIS D 130 14.89 -24.35 -41.94
N ARG D 131 13.62 -24.11 -42.22
CA ARG D 131 13.09 -22.72 -42.23
C ARG D 131 11.64 -22.68 -41.66
N ILE D 132 11.41 -21.80 -40.68
CA ILE D 132 10.15 -21.68 -39.99
C ILE D 132 9.67 -20.26 -40.08
N GLU D 133 8.39 -20.08 -40.44
CA GLU D 133 7.95 -18.73 -40.76
C GLU D 133 6.54 -18.51 -40.35
N ILE D 134 6.30 -17.32 -39.80
CA ILE D 134 4.94 -16.82 -39.46
C ILE D 134 4.33 -16.25 -40.76
N LEU D 135 3.21 -16.82 -41.20
CA LEU D 135 2.53 -16.31 -42.40
C LEU D 135 1.52 -15.16 -42.11
N SER D 136 0.78 -15.24 -41.02
CA SER D 136 -0.27 -14.24 -40.74
C SER D 136 -0.73 -14.29 -39.29
N ASN D 137 -1.13 -13.13 -38.75
CA ASN D 137 -1.39 -12.96 -37.31
C ASN D 137 -2.05 -11.61 -36.92
N ASP D 138 -2.23 -11.34 -35.62
CA ASP D 138 -2.50 -9.96 -35.12
C ASP D 138 -1.20 -9.25 -34.77
N SER D 139 -1.30 -8.16 -34.02
CA SER D 139 -0.15 -7.36 -33.64
C SER D 139 0.32 -7.77 -32.25
N ASP D 140 -0.61 -8.31 -31.47
CA ASP D 140 -0.33 -9.06 -30.27
C ASP D 140 -0.29 -10.59 -30.54
N TYR D 141 -0.56 -11.00 -31.78
CA TYR D 141 -0.45 -12.40 -32.23
C TYR D 141 -1.40 -13.35 -31.51
N ASN D 142 -2.64 -12.91 -31.29
CA ASN D 142 -3.63 -13.81 -30.72
C ASN D 142 -3.98 -14.87 -31.78
N LYS D 143 -3.73 -14.56 -33.05
CA LYS D 143 -3.88 -15.57 -34.11
C LYS D 143 -2.64 -15.61 -34.95
N VAL D 144 -2.17 -16.81 -35.24
CA VAL D 144 -0.96 -16.95 -35.99
C VAL D 144 -1.07 -18.19 -36.85
N LYS D 145 -0.64 -18.01 -38.09
CA LYS D 145 -0.51 -19.07 -39.05
C LYS D 145 0.98 -19.26 -39.14
N LEU D 146 1.38 -20.52 -39.02
CA LEU D 146 2.81 -20.86 -38.91
C LEU D 146 3.12 -21.91 -39.95
N TYR D 147 4.28 -21.80 -40.59
CA TYR D 147 4.69 -22.75 -41.61
C TYR D 147 6.14 -23.23 -41.36
N GLU D 148 6.40 -24.51 -41.57
CA GLU D 148 7.78 -25.06 -41.45
C GLU D 148 8.12 -25.87 -42.66
N HIS D 149 9.41 -25.87 -43.03
CA HIS D 149 9.90 -26.82 -44.01
C HIS D 149 11.25 -27.41 -43.57
N GLY D 150 11.35 -28.71 -43.46
CA GLY D 150 12.58 -29.39 -42.99
C GLY D 150 12.98 -30.45 -44.00
N VAL D 151 14.24 -30.48 -44.40
CA VAL D 151 14.74 -31.48 -45.36
C VAL D 151 16.02 -32.13 -44.89
N ALA D 152 16.00 -33.44 -44.64
CA ALA D 152 17.17 -34.16 -44.05
C ALA D 152 18.24 -34.56 -45.09
N ARG D 153 19.51 -34.70 -44.65
CA ARG D 153 20.60 -35.03 -45.57
C ARG D 153 21.98 -35.48 -44.95
N TYR D 154 22.96 -35.73 -45.83
CA TYR D 154 24.37 -35.68 -45.45
C TYR D 154 24.94 -34.40 -46.05
N SER D 155 26.24 -34.20 -45.89
CA SER D 155 26.98 -33.14 -46.58
C SER D 155 26.92 -33.26 -48.13
N PRO D 156 26.76 -32.12 -48.81
CA PRO D 156 26.69 -32.12 -50.24
C PRO D 156 28.07 -32.27 -50.80
N LEU D 157 29.08 -31.95 -50.02
CA LEU D 157 30.46 -32.12 -50.48
C LEU D 157 30.81 -33.59 -50.40
N PRO D 158 31.63 -34.08 -51.36
CA PRO D 158 32.17 -35.46 -51.37
C PRO D 158 33.40 -35.64 -50.49
N SER D 159 33.59 -36.86 -49.99
CA SER D 159 34.69 -37.21 -49.07
C SER D 159 35.92 -37.75 -49.82
N GLN D 160 37.07 -37.08 -49.66
CA GLN D 160 38.32 -37.52 -50.25
C GLN D 160 39.37 -38.06 -49.25
N ALA D 161 39.00 -39.04 -48.44
CA ALA D 161 39.99 -39.79 -47.63
C ALA D 161 39.88 -41.29 -47.88
N TRP D 162 40.54 -41.75 -48.93
CA TRP D 162 40.62 -43.15 -49.21
C TRP D 162 41.93 -43.70 -48.68
N GLY D 163 41.82 -44.68 -47.81
CA GLY D 163 43.00 -45.33 -47.25
C GLY D 163 43.53 -44.46 -46.15
N SER D 164 43.45 -44.96 -44.92
CA SER D 164 44.05 -44.31 -43.73
C SER D 164 44.40 -45.40 -42.69
N HIS D 165 44.93 -44.98 -41.55
CA HIS D 165 45.44 -45.93 -40.57
C HIS D 165 45.49 -45.37 -39.13
N HIS D 166 44.34 -45.36 -38.45
CA HIS D 166 44.30 -44.90 -37.06
C HIS D 166 45.04 -45.92 -36.18
N HIS D 167 45.48 -45.46 -34.99
CA HIS D 167 46.24 -46.29 -34.05
C HIS D 167 45.34 -46.86 -32.95
N LEU E 4 19.65 71.57 15.30
CA LEU E 4 20.71 70.98 14.42
C LEU E 4 20.36 70.96 12.93
N ILE E 5 19.10 71.29 12.58
CA ILE E 5 18.63 71.11 11.22
C ILE E 5 17.65 72.22 10.83
N LYS E 6 17.65 72.59 9.54
CA LYS E 6 17.13 73.89 9.15
C LYS E 6 16.29 73.92 7.85
N GLU E 7 15.57 75.04 7.71
CA GLU E 7 14.74 75.36 6.52
C GLU E 7 15.17 74.77 5.16
N ASP E 8 16.47 74.47 5.00
CA ASP E 8 16.93 73.68 3.85
C ASP E 8 17.91 72.60 4.25
N MET E 9 17.96 71.51 3.47
CA MET E 9 18.90 70.42 3.70
C MET E 9 19.20 69.63 2.42
N ARG E 10 20.43 69.18 2.25
CA ARG E 10 20.78 68.43 1.05
C ARG E 10 20.48 66.95 1.18
N VAL E 11 20.30 66.31 0.02
CA VAL E 11 20.01 64.89 -0.11
C VAL E 11 20.93 64.21 -1.13
N LYS E 12 21.57 63.14 -0.65
CA LYS E 12 22.29 62.21 -1.50
C LYS E 12 21.79 60.76 -1.15
N VAL E 13 21.67 59.95 -2.19
CA VAL E 13 21.05 58.65 -2.09
C VAL E 13 21.77 57.61 -2.92
N HIS E 14 22.00 56.45 -2.32
CA HIS E 14 22.60 55.31 -3.00
C HIS E 14 21.74 54.07 -2.74
N MET E 15 21.15 53.53 -3.81
CA MET E 15 20.27 52.37 -3.71
C MET E 15 20.89 51.26 -4.50
N GLU E 16 21.17 50.12 -3.86
CA GLU E 16 21.46 48.86 -4.57
C GLU E 16 20.17 48.07 -4.44
N GLY E 17 19.66 47.54 -5.53
CA GLY E 17 18.47 46.77 -5.50
C GLY E 17 18.41 45.77 -6.61
N ASN E 18 17.28 45.09 -6.65
CA ASN E 18 17.10 43.89 -7.47
C ASN E 18 15.64 43.51 -7.65
N VAL E 19 15.16 43.25 -8.86
CA VAL E 19 13.74 42.96 -9.00
C VAL E 19 13.44 41.90 -10.04
N ASN E 20 13.10 40.71 -9.57
CA ASN E 20 12.81 39.53 -10.42
C ASN E 20 14.00 39.12 -11.31
N GLY E 21 15.22 39.41 -10.85
CA GLY E 21 16.43 39.12 -11.61
C GLY E 21 17.38 40.29 -11.81
N HIS E 22 16.82 41.45 -12.15
CA HIS E 22 17.59 42.56 -12.67
C HIS E 22 18.16 43.29 -11.52
N ALA E 23 19.48 43.48 -11.55
CA ALA E 23 20.19 44.17 -10.55
C ALA E 23 20.45 45.61 -11.07
N PHE E 24 20.46 46.58 -10.15
CA PHE E 24 20.67 47.95 -10.56
C PHE E 24 21.22 48.72 -9.42
N VAL E 25 21.74 49.89 -9.79
CA VAL E 25 22.20 50.82 -8.83
C VAL E 25 21.68 52.18 -9.27
N ILE E 26 21.24 52.95 -8.27
CA ILE E 26 20.67 54.26 -8.51
C ILE E 26 21.32 55.22 -7.57
N GLU E 27 21.67 56.40 -8.09
CA GLU E 27 22.26 57.45 -7.27
C GLU E 27 21.48 58.73 -7.46
N GLY E 28 21.27 59.44 -6.35
CA GLY E 28 20.30 60.54 -6.30
C GLY E 28 20.96 61.75 -5.70
N GLU E 29 20.63 62.93 -6.22
CA GLU E 29 21.03 64.15 -5.52
C GLU E 29 19.85 65.09 -5.56
N GLY E 30 19.76 65.97 -4.56
CA GLY E 30 18.56 66.78 -4.34
C GLY E 30 18.64 67.48 -3.00
N LYS E 31 17.57 68.17 -2.67
CA LYS E 31 17.50 69.00 -1.47
C LYS E 31 16.09 68.80 -0.91
N GLY E 32 15.80 69.38 0.23
CA GLY E 32 14.44 69.39 0.70
C GLY E 32 14.16 70.39 1.80
N LYS E 33 12.89 70.74 2.05
CA LYS E 33 12.47 71.54 3.20
C LYS E 33 11.99 70.72 4.37
N PRO E 34 12.98 70.39 5.30
CA PRO E 34 12.52 69.52 6.40
C PRO E 34 11.36 69.97 7.22
N TYR E 35 11.35 71.21 7.59
CA TYR E 35 10.25 71.73 8.41
C TYR E 35 8.96 71.96 7.66
N GLU E 36 9.04 72.14 6.34
CA GLU E 36 7.79 72.23 5.57
C GLU E 36 7.28 70.85 5.05
N GLY E 37 8.12 69.84 5.12
CA GLY E 37 7.79 68.48 4.67
C GLY E 37 7.87 68.18 3.18
N THR E 38 8.86 68.72 2.47
CA THR E 38 8.96 68.45 1.04
C THR E 38 10.40 68.24 0.65
N GLN E 39 10.57 67.69 -0.55
CA GLN E 39 11.88 67.61 -1.20
C GLN E 39 11.86 67.08 -2.64
N THR E 40 12.99 67.27 -3.30
CA THR E 40 13.12 66.90 -4.70
C THR E 40 14.51 66.29 -4.94
N LEU E 41 14.57 65.40 -5.90
CA LEU E 41 15.70 64.51 -6.03
C LEU E 41 15.90 64.22 -7.50
N ASN E 42 17.11 64.45 -8.00
CA ASN E 42 17.43 64.01 -9.37
C ASN E 42 18.03 62.64 -9.26
N LEU E 43 17.49 61.71 -10.04
CA LEU E 43 17.83 60.28 -9.95
C LEU E 43 18.46 59.65 -11.21
N THR E 44 19.66 59.11 -11.07
CA THR E 44 20.40 58.56 -12.20
C THR E 44 20.61 57.06 -12.02
N VAL E 45 20.43 56.25 -13.05
CA VAL E 45 20.66 54.79 -12.91
C VAL E 45 22.09 54.37 -13.29
N LYS E 46 22.99 54.23 -12.32
CA LYS E 46 24.38 53.85 -12.65
C LYS E 46 24.46 52.48 -13.34
N GLU E 47 24.23 51.41 -12.56
CA GLU E 47 24.35 50.05 -13.05
C GLU E 47 22.93 49.59 -13.37
N GLY E 48 22.81 48.69 -14.33
CA GLY E 48 21.52 48.09 -14.62
C GLY E 48 20.58 48.73 -15.63
N ALA E 49 20.77 50.01 -16.00
CA ALA E 49 19.80 50.66 -16.94
C ALA E 49 19.78 49.87 -18.24
N PRO E 50 18.61 49.71 -18.90
CA PRO E 50 17.30 50.26 -18.67
C PRO E 50 16.35 49.31 -17.94
N LEU E 51 15.53 49.86 -17.06
CA LEU E 51 14.79 49.06 -16.12
C LEU E 51 13.63 48.34 -16.77
N PRO E 52 13.60 46.98 -16.58
CA PRO E 52 12.52 46.12 -17.08
C PRO E 52 11.23 46.17 -16.24
N PHE E 53 11.06 47.23 -15.45
CA PHE E 53 9.97 47.26 -14.49
C PHE E 53 9.61 48.66 -14.05
N SER E 54 8.35 48.84 -13.74
CA SER E 54 7.82 50.11 -13.34
C SER E 54 8.65 50.80 -12.30
N TYR E 55 9.15 51.98 -12.63
CA TYR E 55 9.92 52.77 -11.69
C TYR E 55 9.15 53.22 -10.43
N ASP E 56 7.83 53.04 -10.44
CA ASP E 56 6.99 53.53 -9.37
C ASP E 56 7.34 52.76 -8.08
N ILE E 57 7.58 51.48 -8.21
CA ILE E 57 7.91 50.68 -7.02
C ILE E 57 9.10 51.14 -6.26
N LEU E 58 9.93 51.98 -6.88
CA LEU E 58 11.17 52.41 -6.31
C LEU E 58 11.05 53.68 -5.51
N THR E 59 10.07 54.50 -5.87
CA THR E 59 10.12 55.90 -5.55
C THR E 59 10.01 56.21 -4.08
N THR E 60 9.30 55.36 -3.36
CA THR E 60 9.17 55.61 -1.92
C THR E 60 10.45 55.23 -1.20
N ALA E 61 11.34 54.49 -1.87
CA ALA E 61 12.60 54.09 -1.26
C ALA E 61 13.71 55.10 -1.57
CD2 NLW E 62 16.32 56.13 -5.17
CG NLW E 62 14.82 55.99 -5.22
CD1 NLW E 62 14.31 55.84 -6.66
CB NLW E 62 14.23 57.18 -4.44
CA NLW E 62 14.48 56.95 -2.93
N NLW E 62 13.43 56.11 -2.41
C NLW E 62 14.60 58.24 -2.20
O NLW E 62 15.72 58.62 -1.79
NH2 NLW E 62 13.47 58.82 -1.71
C1 RC7 F 1 10.24 58.58 0.34
N2 RC7 F 1 8.94 58.55 0.33
CA2 RC7 F 1 8.57 57.67 1.27
C2 RC7 F 1 9.83 57.14 1.91
O2 RC7 F 1 9.94 56.37 2.78
N3 RC7 F 1 10.88 57.80 1.32
CA3 RC7 F 1 12.33 57.57 1.53
C3 RC7 F 1 12.86 58.33 2.75
O3 RC7 F 1 13.80 57.82 3.25
CA1 RC7 F 1 11.05 59.46 -0.47
CB2 RC7 F 1 7.39 57.24 1.66
CG2 RC7 F 1 6.02 57.53 1.24
CD1 RC7 F 1 4.92 56.78 1.65
CD2 RC7 F 1 5.81 58.59 0.37
CE1 RC7 F 1 3.65 57.08 1.22
CE2 RC7 F 1 4.54 58.90 -0.07
CZ RC7 F 1 3.48 58.14 0.34
OH RC7 F 1 2.31 58.53 -0.11
CB1 RC7 F 1 10.49 60.26 -1.38
CG1 RC7 F 1 11.15 61.23 -2.19
ND1 RC7 F 1 12.47 61.54 -2.21
CD3 RC7 F 1 10.62 62.01 -3.12
NE1 RC7 F 1 11.60 62.74 -3.67
CE3 RC7 F 1 12.72 62.43 -3.10
N ASN F 2 12.43 59.42 3.24
CA ASN F 2 13.00 60.11 4.43
C ASN F 2 12.03 60.80 5.41
N ARG F 3 11.27 60.49 6.08
CA ARG F 3 10.45 61.13 7.06
C ARG F 3 11.19 62.09 7.95
N VAL F 4 12.20 62.44 7.83
CA VAL F 4 12.75 63.69 8.28
C VAL F 4 12.04 64.81 7.61
N PHE F 5 11.86 64.67 6.29
CA PHE F 5 11.09 65.61 5.45
C PHE F 5 9.61 65.38 5.56
N THR F 6 9.15 65.68 6.75
CA THR F 6 7.76 65.71 7.12
C THR F 6 7.47 66.81 8.12
N LYS F 7 6.37 67.50 7.86
CA LYS F 7 5.94 68.55 8.72
C LYS F 7 5.22 68.03 9.97
N TYR F 8 5.58 68.53 11.12
CA TYR F 8 5.14 68.01 12.39
C TYR F 8 4.86 69.14 13.29
N PRO F 9 3.60 69.36 13.56
CA PRO F 9 3.16 70.37 14.50
C PRO F 9 3.67 70.11 15.96
N GLU F 10 3.59 71.12 16.81
CA GLU F 10 4.16 71.03 18.15
C GLU F 10 3.37 70.08 19.01
N ASP F 11 2.14 69.91 18.60
CA ASP F 11 1.21 68.95 19.09
C ASP F 11 1.86 67.63 19.10
N ILE F 12 2.48 67.25 18.00
CA ILE F 12 3.02 65.94 17.91
C ILE F 12 4.51 65.92 17.95
N PRO F 13 5.05 64.99 18.85
CA PRO F 13 6.47 64.77 18.68
C PRO F 13 6.88 64.33 17.31
N ASP F 14 8.10 64.68 16.90
CA ASP F 14 8.64 64.28 15.63
C ASP F 14 9.73 63.33 15.86
N TYR F 15 9.41 62.09 15.64
CA TYR F 15 10.33 60.98 15.78
C TYR F 15 11.57 61.15 14.94
N PHE F 16 11.47 61.80 13.78
CA PHE F 16 12.54 61.72 12.78
C PHE F 16 13.56 62.84 12.90
N LYS F 17 13.08 64.08 13.04
CA LYS F 17 14.00 65.16 13.31
C LYS F 17 14.61 65.01 14.73
N GLN F 18 13.91 64.35 15.63
CA GLN F 18 14.48 64.12 16.97
C GLN F 18 15.69 63.23 16.97
N SER F 19 15.63 62.23 16.13
CA SER F 19 16.54 61.10 16.22
C SER F 19 17.92 61.63 16.07
N PHE F 20 18.10 62.45 15.02
CA PHE F 20 19.38 63.13 14.75
C PHE F 20 19.84 63.88 15.99
N PRO F 21 21.15 63.89 16.23
CA PRO F 21 22.24 63.87 15.27
C PRO F 21 22.62 62.51 14.68
N GLU F 22 22.47 61.45 15.48
CA GLU F 22 22.85 60.10 15.07
C GLU F 22 22.09 59.74 13.81
N GLY F 23 20.77 59.86 13.88
CA GLY F 23 19.91 59.57 12.75
C GLY F 23 19.07 58.32 12.94
N TYR F 24 18.83 57.58 11.86
CA TYR F 24 17.86 56.48 11.93
C TYR F 24 17.93 55.41 10.82
N SER F 25 17.13 54.38 10.99
N SER F 25 17.13 54.36 11.01
CA SER F 25 17.04 53.26 10.08
CA SER F 25 17.06 53.19 10.15
C SER F 25 15.61 52.79 10.07
C SER F 25 15.61 52.78 10.08
N TRP F 26 15.16 52.36 8.91
CA TRP F 26 13.82 51.86 8.75
C TRP F 26 13.82 50.70 7.79
N GLU F 27 12.78 49.89 7.92
CA GLU F 27 12.64 48.66 7.21
C GLU F 27 11.22 48.66 6.73
N ARG F 28 11.00 48.26 5.49
CA ARG F 28 9.68 48.39 4.95
C ARG F 28 9.47 47.15 4.23
N THR F 29 8.25 46.62 4.33
CA THR F 29 7.75 45.65 3.36
C THR F 29 6.58 46.18 2.55
N MET F 30 6.58 45.87 1.28
CA MET F 30 5.62 46.40 0.43
C MET F 30 5.02 45.14 -0.13
N THR F 31 3.69 44.99 0.06
CA THR F 31 2.98 43.76 -0.36
C THR F 31 1.78 44.08 -1.27
N TYR F 32 1.91 43.68 -2.56
CA TYR F 32 1.14 44.22 -3.68
C TYR F 32 -0.18 43.45 -3.91
N GLU F 33 -1.15 44.00 -4.69
CA GLU F 33 -2.53 43.40 -4.76
C GLU F 33 -2.52 42.18 -5.61
N ASP F 34 -1.45 42.05 -6.39
CA ASP F 34 -1.32 40.95 -7.31
C ASP F 34 -0.28 39.97 -6.82
N LYS F 35 0.19 40.12 -5.56
CA LYS F 35 1.10 39.16 -4.84
C LYS F 35 2.63 39.33 -5.01
N GLY F 36 3.09 40.38 -5.71
CA GLY F 36 4.48 40.83 -5.61
C GLY F 36 4.90 41.41 -4.24
N ILE F 37 6.20 41.60 -4.05
CA ILE F 37 6.63 41.90 -2.73
C ILE F 37 7.96 42.58 -2.83
N CYS F 38 8.22 43.55 -1.96
CA CYS F 38 9.52 44.08 -1.82
C CYS F 38 9.79 44.33 -0.38
N THR F 39 11.02 43.96 0.01
CA THR F 39 11.60 44.44 1.26
C THR F 39 12.69 45.46 0.94
N ILE F 40 12.81 46.47 1.80
CA ILE F 40 13.70 47.56 1.64
C ILE F 40 14.30 47.98 2.97
N ARG F 41 15.57 48.37 2.94
CA ARG F 41 16.25 48.79 4.11
C ARG F 41 16.97 50.02 3.69
N SER F 42 17.01 51.00 4.55
CA SER F 42 17.74 52.21 4.25
C SER F 42 18.27 52.78 5.52
N ASP F 43 19.52 53.24 5.46
CA ASP F 43 20.13 53.94 6.57
C ASP F 43 20.12 55.43 6.25
N ILE F 44 19.65 56.23 7.20
CA ILE F 44 19.67 57.68 7.02
C ILE F 44 20.55 58.38 8.05
N SER F 45 21.60 59.00 7.54
CA SER F 45 22.58 59.70 8.36
C SER F 45 22.64 61.18 7.98
N LEU F 46 23.17 61.99 8.91
CA LEU F 46 23.49 63.40 8.61
C LEU F 46 24.98 63.78 8.80
N GLU F 47 25.64 64.13 7.71
CA GLU F 47 27.03 64.60 7.72
C GLU F 47 27.09 65.96 7.00
N GLY F 48 27.07 67.01 7.82
CA GLY F 48 27.10 68.39 7.35
C GLY F 48 25.70 68.98 7.22
N ASP F 49 25.34 69.26 5.96
CA ASP F 49 24.01 69.70 5.53
C ASP F 49 23.24 68.63 4.66
N CYS F 50 23.90 67.51 4.35
CA CYS F 50 23.41 66.54 3.33
C CYS F 50 23.12 65.19 3.94
N PHE F 51 21.85 64.84 3.95
CA PHE F 51 21.40 63.53 4.39
C PHE F 51 21.86 62.48 3.38
N PHE F 52 22.56 61.47 3.86
CA PHE F 52 22.87 60.31 3.00
C PHE F 52 21.91 59.19 3.32
N GLN F 53 21.40 58.59 2.26
CA GLN F 53 20.43 57.53 2.37
C GLN F 53 20.98 56.33 1.65
N ASN F 54 21.52 55.35 2.36
CA ASN F 54 21.87 54.08 1.70
C ASN F 54 20.76 53.11 1.83
N VAL F 55 20.35 52.56 0.72
CA VAL F 55 19.21 51.68 0.63
C VAL F 55 19.45 50.35 -0.08
N ARG F 56 18.80 49.33 0.39
CA ARG F 56 18.82 48.08 -0.26
C ARG F 56 17.45 47.56 -0.57
N PHE F 57 17.10 47.59 -1.80
CA PHE F 57 15.78 47.27 -2.27
C PHE F 57 15.93 45.92 -2.90
N ASN F 58 15.07 45.01 -2.45
CA ASN F 58 14.97 43.66 -2.94
C ASN F 58 13.53 43.33 -3.24
N GLY F 59 13.14 43.48 -4.50
CA GLY F 59 11.79 43.21 -4.97
C GLY F 59 11.80 41.88 -5.67
N MET F 60 10.65 41.23 -5.70
CA MET F 60 10.61 39.81 -5.92
C MET F 60 9.24 39.35 -6.21
N ASN F 61 9.15 38.24 -6.92
CA ASN F 61 7.94 37.45 -7.01
C ASN F 61 6.78 38.13 -7.71
N PHE F 62 7.03 39.24 -8.41
CA PHE F 62 5.97 39.84 -9.24
C PHE F 62 5.72 38.98 -10.46
N PRO F 63 4.44 38.57 -10.66
CA PRO F 63 4.10 37.84 -11.88
C PRO F 63 4.55 38.53 -13.19
N PRO F 64 4.95 37.74 -14.20
CA PRO F 64 5.75 38.32 -15.29
C PRO F 64 4.96 39.17 -16.24
N ASN F 65 3.66 38.92 -16.30
CA ASN F 65 2.73 39.73 -17.09
C ASN F 65 1.86 40.69 -16.26
N GLY F 66 2.48 41.31 -15.27
CA GLY F 66 1.77 42.23 -14.37
C GLY F 66 2.12 43.66 -14.69
N PRO F 67 1.48 44.63 -13.97
CA PRO F 67 1.58 46.06 -14.31
C PRO F 67 2.92 46.62 -13.87
N VAL F 68 3.61 45.87 -13.00
CA VAL F 68 4.97 46.20 -12.64
C VAL F 68 5.92 45.66 -13.69
N MET F 69 5.92 44.36 -13.88
CA MET F 69 6.83 43.77 -14.87
C MET F 69 6.50 44.20 -16.29
N GLN F 70 5.21 44.31 -16.61
CA GLN F 70 4.81 44.91 -17.90
C GLN F 70 5.03 46.42 -17.99
N LYS F 71 5.65 47.02 -16.97
CA LYS F 71 6.05 48.42 -17.04
C LYS F 71 4.87 49.34 -17.29
N LYS F 72 3.66 48.97 -16.87
CA LYS F 72 2.48 49.82 -17.12
C LYS F 72 1.68 50.21 -15.87
N THR F 73 2.34 50.94 -14.95
CA THR F 73 1.64 51.68 -13.85
C THR F 73 1.69 53.14 -14.21
N LEU F 74 1.07 54.01 -13.40
CA LEU F 74 1.06 55.45 -13.70
C LEU F 74 1.69 56.39 -12.67
N LYS F 75 1.17 56.34 -11.46
CA LYS F 75 1.81 57.02 -10.37
C LYS F 75 1.28 56.43 -9.06
N TRP F 76 1.73 56.95 -7.92
CA TRP F 76 1.09 56.59 -6.68
C TRP F 76 -0.01 57.62 -6.47
N GLU F 77 -1.01 57.21 -5.71
CA GLU F 77 -2.04 58.12 -5.27
C GLU F 77 -1.54 58.83 -4.04
N PRO F 78 -2.06 60.03 -3.79
CA PRO F 78 -1.80 60.54 -2.45
C PRO F 78 -2.21 59.50 -1.39
N SER F 79 -1.73 59.67 -0.16
CA SER F 79 -1.91 58.62 0.85
C SER F 79 -1.95 59.22 2.26
N THR F 80 -2.27 58.36 3.23
CA THR F 80 -2.26 58.74 4.60
C THR F 80 -1.77 57.55 5.46
N GLU F 81 -0.63 57.74 6.10
CA GLU F 81 0.03 56.74 6.92
C GLU F 81 -0.51 56.72 8.31
N LYS F 82 -0.84 55.54 8.83
CA LYS F 82 -1.13 55.45 10.31
C LYS F 82 0.05 54.98 11.15
N LEU F 83 0.30 55.63 12.27
CA LEU F 83 1.57 55.45 12.93
C LEU F 83 1.42 55.35 14.43
N HIS F 84 1.78 54.18 14.95
CA HIS F 84 1.70 53.84 16.37
C HIS F 84 3.04 53.35 16.82
N VAL F 85 3.20 53.37 18.15
CA VAL F 85 4.37 52.86 18.83
C VAL F 85 4.14 51.35 18.96
N ARG F 86 5.19 50.55 18.77
CA ARG F 86 5.09 49.09 18.98
C ARG F 86 6.47 48.51 19.28
N ASP F 87 6.63 47.91 20.45
CA ASP F 87 7.97 47.60 21.04
C ASP F 87 8.90 48.79 21.22
N GLY F 88 8.30 49.98 21.33
CA GLY F 88 9.06 51.21 21.52
C GLY F 88 9.66 51.73 20.22
N LEU F 89 9.25 51.14 19.09
CA LEU F 89 9.56 51.62 17.76
C LEU F 89 8.38 52.36 17.17
N LEU F 90 8.64 53.24 16.19
CA LEU F 90 7.55 53.80 15.44
C LEU F 90 7.26 52.88 14.22
N VAL F 91 5.99 52.51 14.07
CA VAL F 91 5.58 51.71 12.93
C VAL F 91 4.58 52.45 12.01
N GLY F 92 4.78 52.32 10.71
CA GLY F 92 4.09 53.17 9.72
C GLY F 92 3.28 52.21 8.89
N ASN F 93 1.96 52.44 8.85
CA ASN F 93 1.07 51.62 8.05
C ASN F 93 0.25 52.42 7.01
N ILE F 94 0.16 51.90 5.77
CA ILE F 94 -0.43 52.64 4.65
C ILE F 94 -1.19 51.71 3.72
N ASN F 95 -2.22 52.26 3.10
CA ASN F 95 -2.91 51.58 2.03
C ASN F 95 -2.60 52.26 0.72
N MET F 96 -1.80 51.58 -0.12
CA MET F 96 -1.35 52.29 -1.27
C MET F 96 -1.95 51.76 -2.51
N ALA F 97 -1.90 52.59 -3.54
CA ALA F 97 -2.65 52.47 -4.76
C ALA F 97 -1.81 53.05 -5.84
N LEU F 98 -1.52 52.22 -6.84
CA LEU F 98 -0.92 52.63 -8.11
C LEU F 98 -2.04 52.74 -9.10
N LEU F 99 -2.10 53.87 -9.79
CA LEU F 99 -3.09 54.00 -10.84
C LEU F 99 -2.55 53.21 -12.04
N LEU F 100 -3.45 52.55 -12.73
CA LEU F 100 -3.07 51.71 -13.85
C LEU F 100 -3.42 52.41 -15.14
N GLU F 101 -2.47 52.40 -16.06
CA GLU F 101 -2.65 52.93 -17.41
C GLU F 101 -4.02 52.44 -17.88
N GLY F 102 -4.85 53.39 -18.30
CA GLY F 102 -6.20 53.09 -18.78
C GLY F 102 -7.31 53.54 -17.85
N GLY F 103 -7.30 53.05 -16.62
CA GLY F 103 -8.37 53.38 -15.64
C GLY F 103 -8.17 52.83 -14.23
N GLY F 104 -7.87 51.53 -14.13
CA GLY F 104 -7.87 50.78 -12.88
C GLY F 104 -6.75 51.08 -11.88
N HIS F 105 -6.75 50.37 -10.75
CA HIS F 105 -5.71 50.55 -9.76
C HIS F 105 -4.88 49.27 -9.63
N TYR F 106 -3.74 49.40 -8.97
CA TYR F 106 -2.93 48.25 -8.55
C TYR F 106 -2.44 48.57 -7.17
N LEU F 107 -2.51 47.60 -6.25
CA LEU F 107 -2.56 47.94 -4.82
C LEU F 107 -1.52 47.35 -3.92
N CYS F 108 -1.27 48.08 -2.83
CA CYS F 108 -0.13 47.78 -2.01
C CYS F 108 -0.25 48.18 -0.54
N ASP F 109 -0.23 47.21 0.36
CA ASP F 109 0.10 47.51 1.76
C ASP F 109 1.54 47.75 1.96
N PHE F 110 1.85 48.74 2.80
CA PHE F 110 3.17 49.26 3.08
C PHE F 110 3.25 49.22 4.56
N LYS F 111 4.20 48.48 5.11
CA LYS F 111 4.45 48.56 6.56
C LYS F 111 5.90 48.90 6.78
N THR F 112 6.14 49.88 7.67
CA THR F 112 7.44 50.33 7.96
C THR F 112 7.72 50.25 9.44
N THR F 113 8.94 49.85 9.76
CA THR F 113 9.50 50.03 11.09
C THR F 113 10.65 51.01 11.05
N TYR F 114 10.41 52.17 11.67
CA TYR F 114 11.37 53.23 11.81
C TYR F 114 12.05 53.03 13.14
N LYS F 115 13.37 53.21 13.16
CA LYS F 115 14.19 52.89 14.32
C LYS F 115 15.26 53.94 14.49
N ALA F 116 15.11 54.79 15.52
CA ALA F 116 16.04 55.87 15.80
C ALA F 116 17.21 55.43 16.68
N LYS F 117 18.42 55.74 16.22
CA LYS F 117 19.66 55.27 16.83
C LYS F 117 19.92 56.20 18.02
N LYS F 118 18.91 56.30 18.89
CA LYS F 118 18.85 57.25 20.02
C LYS F 118 17.44 57.21 20.67
N VAL F 119 17.40 57.46 21.97
CA VAL F 119 16.13 57.57 22.70
C VAL F 119 15.53 58.94 22.38
N VAL F 120 14.26 58.99 21.96
CA VAL F 120 13.61 60.26 21.66
C VAL F 120 12.25 60.29 22.28
N GLN F 121 11.60 61.46 22.30
CA GLN F 121 10.24 61.51 22.85
C GLN F 121 9.28 60.88 21.86
N LEU F 122 8.47 59.96 22.37
CA LEU F 122 7.65 59.08 21.55
C LEU F 122 6.24 59.57 21.38
N PRO F 123 5.71 59.43 20.16
CA PRO F 123 4.41 59.99 19.93
C PRO F 123 3.33 59.02 20.24
N ASP F 124 2.13 59.55 20.34
CA ASP F 124 0.95 58.73 20.38
C ASP F 124 0.69 58.35 18.94
N TYR F 125 -0.47 57.76 18.73
CA TYR F 125 -1.02 57.45 17.43
C TYR F 125 -1.28 58.69 16.62
N HIS F 126 -0.82 58.68 15.37
CA HIS F 126 -1.06 59.84 14.53
C HIS F 126 -1.01 59.44 13.08
N PHE F 127 -1.33 60.41 12.21
CA PHE F 127 -1.24 60.24 10.78
C PHE F 127 -0.19 61.17 10.14
N VAL F 128 0.22 60.77 8.93
CA VAL F 128 0.96 61.54 8.00
C VAL F 128 0.17 61.41 6.74
N ASP F 129 0.07 62.49 5.97
CA ASP F 129 -0.64 62.49 4.72
C ASP F 129 0.50 62.72 3.75
N HIS F 130 0.49 62.00 2.64
CA HIS F 130 1.67 62.10 1.80
C HIS F 130 1.23 62.42 0.40
N ARG F 131 2.19 62.70 -0.48
CA ARG F 131 1.92 62.65 -1.94
C ARG F 131 3.26 62.51 -2.62
N ILE F 132 3.47 61.42 -3.36
CA ILE F 132 4.71 61.26 -4.13
C ILE F 132 4.50 61.24 -5.64
N GLU F 133 5.34 61.94 -6.37
CA GLU F 133 5.13 62.21 -7.77
C GLU F 133 6.45 62.21 -8.53
N ILE F 134 6.44 61.64 -9.72
CA ILE F 134 7.51 61.87 -10.70
C ILE F 134 7.21 63.14 -11.49
N LEU F 135 8.17 64.06 -11.43
CA LEU F 135 8.02 65.37 -12.05
C LEU F 135 8.65 65.44 -13.46
N SER F 136 9.76 64.74 -13.65
CA SER F 136 10.28 64.49 -14.99
C SER F 136 11.10 63.19 -15.09
N ASN F 137 11.47 62.82 -16.32
CA ASN F 137 12.32 61.66 -16.53
C ASN F 137 12.83 61.60 -17.95
N ASP F 138 13.76 60.67 -18.21
CA ASP F 138 14.13 60.28 -19.57
C ASP F 138 13.23 59.13 -20.05
N SER F 139 13.48 58.59 -21.23
CA SER F 139 12.56 57.60 -21.85
C SER F 139 12.37 56.33 -21.04
N ASP F 140 13.47 55.85 -20.51
CA ASP F 140 13.51 54.57 -19.79
C ASP F 140 13.71 54.83 -18.30
N TYR F 141 13.44 56.05 -17.86
CA TYR F 141 13.73 56.50 -16.49
C TYR F 141 15.13 56.20 -15.99
N ASN F 142 16.13 56.37 -16.88
CA ASN F 142 17.52 56.41 -16.42
C ASN F 142 17.73 57.71 -15.66
N LYS F 143 16.87 58.69 -15.92
CA LYS F 143 16.92 59.99 -15.27
C LYS F 143 15.50 60.25 -14.78
N VAL F 144 15.36 60.59 -13.51
CA VAL F 144 14.03 60.83 -12.93
C VAL F 144 14.11 61.99 -11.97
N LYS F 145 12.98 62.68 -11.81
CA LYS F 145 12.88 63.77 -10.87
C LYS F 145 11.67 63.57 -9.95
N LEU F 146 11.95 63.50 -8.66
CA LEU F 146 11.00 62.94 -7.73
C LEU F 146 10.50 63.98 -6.75
N TYR F 147 9.18 64.05 -6.54
CA TYR F 147 8.64 64.96 -5.57
C TYR F 147 7.72 64.24 -4.64
N GLU F 148 8.10 64.14 -3.38
CA GLU F 148 7.16 63.77 -2.30
C GLU F 148 6.73 65.04 -1.53
N HIS F 149 5.62 64.95 -0.79
CA HIS F 149 5.20 65.97 0.20
C HIS F 149 4.58 65.20 1.37
N GLY F 150 4.87 65.56 2.59
CA GLY F 150 4.27 64.82 3.73
C GLY F 150 4.08 65.66 4.98
N VAL F 151 2.89 65.58 5.59
CA VAL F 151 2.48 66.48 6.69
C VAL F 151 1.74 65.73 7.78
N ALA F 152 2.17 65.94 9.02
CA ALA F 152 1.63 65.16 10.17
C ALA F 152 0.52 65.89 10.97
N ARG F 153 -0.50 65.11 11.35
CA ARG F 153 -1.66 65.61 12.07
C ARG F 153 -2.28 64.58 12.99
N TYR F 154 -3.32 65.05 13.71
CA TYR F 154 -4.36 64.25 14.36
C TYR F 154 -5.61 64.22 13.44
N SER F 155 -6.68 63.59 13.90
CA SER F 155 -7.97 63.63 13.22
C SER F 155 -8.55 65.01 13.23
N PRO F 156 -9.31 65.38 12.17
CA PRO F 156 -9.91 66.70 12.11
C PRO F 156 -11.28 66.64 12.76
N LEU F 157 -11.86 65.46 12.72
CA LEU F 157 -13.12 65.17 13.30
C LEU F 157 -12.94 65.15 14.80
N PRO F 158 -13.53 66.14 15.50
CA PRO F 158 -13.38 66.28 16.95
C PRO F 158 -13.97 65.12 17.68
N SER F 159 -13.50 64.91 18.89
CA SER F 159 -13.96 63.81 19.68
C SER F 159 -15.17 64.37 20.43
N GLN F 160 -16.23 63.59 20.45
CA GLN F 160 -17.43 63.98 21.13
C GLN F 160 -17.75 63.07 22.28
N ALA F 161 -16.99 61.99 22.44
CA ALA F 161 -17.09 61.21 23.67
C ALA F 161 -16.60 62.13 24.75
N TRP F 162 -17.08 61.91 25.98
CA TRP F 162 -16.64 62.70 27.12
C TRP F 162 -17.20 62.15 28.42
N GLY F 163 -16.31 61.54 29.21
CA GLY F 163 -16.65 60.99 30.53
C GLY F 163 -17.12 59.57 30.39
N SER F 164 -16.41 58.63 30.99
CA SER F 164 -16.73 57.18 30.84
C SER F 164 -15.85 56.24 31.67
N HIS F 165 -16.33 55.01 31.83
CA HIS F 165 -15.60 54.01 32.60
C HIS F 165 -15.56 52.67 31.87
N HIS F 166 -14.38 52.10 31.79
CA HIS F 166 -14.15 50.84 31.06
C HIS F 166 -13.91 49.69 32.04
N LEU G 4 5.32 -8.36 12.10
CA LEU G 4 4.70 -8.87 10.84
C LEU G 4 5.06 -10.31 10.62
N ILE G 5 6.37 -10.53 10.57
CA ILE G 5 6.93 -11.85 10.46
C ILE G 5 7.36 -12.22 11.89
N LYS G 6 6.46 -12.93 12.55
CA LYS G 6 6.79 -13.57 13.84
C LYS G 6 8.19 -14.16 13.79
N GLU G 7 8.86 -14.17 14.94
CA GLU G 7 10.15 -14.84 15.16
C GLU G 7 10.22 -16.29 14.69
N ASP G 8 9.20 -17.07 15.07
CA ASP G 8 8.97 -18.49 14.71
C ASP G 8 7.81 -18.54 13.73
N MET G 9 7.84 -19.41 12.72
CA MET G 9 6.92 -19.26 11.60
C MET G 9 6.63 -20.55 10.83
N ARG G 10 5.44 -20.60 10.24
CA ARG G 10 4.94 -21.81 9.58
C ARG G 10 5.09 -21.74 8.07
N VAL G 11 5.21 -22.92 7.45
CA VAL G 11 5.27 -23.03 6.00
C VAL G 11 4.49 -24.26 5.55
N LYS G 12 3.97 -24.15 4.34
CA LYS G 12 3.53 -25.30 3.58
C LYS G 12 4.16 -25.12 2.20
N VAL G 13 4.27 -26.19 1.42
CA VAL G 13 4.76 -26.13 0.08
C VAL G 13 4.04 -27.20 -0.75
N HIS G 14 3.91 -26.94 -2.04
CA HIS G 14 3.24 -27.79 -2.98
C HIS G 14 4.04 -27.55 -4.25
N MET G 15 4.60 -28.61 -4.81
CA MET G 15 5.47 -28.52 -5.98
C MET G 15 4.97 -29.52 -6.97
N GLU G 16 4.82 -29.09 -8.22
CA GLU G 16 4.49 -29.98 -9.31
C GLU G 16 5.71 -29.87 -10.22
N GLY G 17 6.40 -30.97 -10.44
CA GLY G 17 7.52 -31.01 -11.36
C GLY G 17 7.39 -32.12 -12.40
N ASN G 18 8.27 -32.02 -13.40
CA ASN G 18 8.54 -33.13 -14.33
C ASN G 18 10.03 -33.18 -14.51
N VAL G 19 10.60 -34.39 -14.47
CA VAL G 19 12.06 -34.62 -14.55
C VAL G 19 12.17 -35.72 -15.58
N ASN G 20 12.79 -35.44 -16.73
CA ASN G 20 12.91 -36.41 -17.82
C ASN G 20 11.62 -37.13 -18.15
N GLY G 21 10.50 -36.46 -17.91
CA GLY G 21 9.20 -36.99 -18.27
C GLY G 21 8.48 -37.73 -17.16
N HIS G 22 9.15 -38.09 -16.06
CA HIS G 22 8.41 -38.65 -14.91
C HIS G 22 7.83 -37.45 -14.18
N ALA G 23 6.51 -37.39 -14.03
CA ALA G 23 5.88 -36.26 -13.30
C ALA G 23 5.58 -36.67 -11.89
N PHE G 24 5.59 -35.67 -11.00
CA PHE G 24 5.42 -35.93 -9.61
C PHE G 24 4.81 -34.71 -9.00
N VAL G 25 4.16 -34.88 -7.84
CA VAL G 25 3.73 -33.75 -7.06
C VAL G 25 4.18 -34.01 -5.64
N ILE G 26 4.66 -32.95 -4.98
CA ILE G 26 5.13 -33.01 -3.61
C ILE G 26 4.52 -31.97 -2.70
N GLU G 27 4.19 -32.39 -1.49
CA GLU G 27 3.50 -31.55 -0.55
C GLU G 27 4.36 -31.46 0.68
N GLY G 28 4.37 -30.29 1.34
CA GLY G 28 5.37 -30.03 2.34
C GLY G 28 4.84 -29.17 3.45
N GLU G 29 5.26 -29.47 4.68
CA GLU G 29 4.75 -28.82 5.87
C GLU G 29 5.92 -28.62 6.83
N GLY G 30 5.92 -27.50 7.58
CA GLY G 30 7.01 -27.24 8.53
C GLY G 30 7.22 -25.84 9.09
N LYS G 31 8.35 -25.65 9.76
CA LYS G 31 8.63 -24.50 10.61
C LYS G 31 10.04 -23.94 10.54
N GLY G 32 10.21 -22.73 11.02
CA GLY G 32 11.50 -22.09 11.09
C GLY G 32 11.36 -20.73 11.70
N LYS G 33 12.47 -20.06 11.95
CA LYS G 33 12.44 -18.73 12.49
C LYS G 33 13.19 -17.84 11.56
N PRO G 34 12.35 -17.09 10.72
CA PRO G 34 13.01 -16.22 9.73
C PRO G 34 14.31 -15.56 10.05
N TYR G 35 14.45 -15.05 11.24
CA TYR G 35 15.57 -14.19 11.66
C TYR G 35 16.69 -15.05 12.22
N GLU G 36 16.56 -16.36 12.10
CA GLU G 36 17.62 -17.28 12.49
C GLU G 36 18.25 -18.00 11.30
N GLY G 37 17.63 -17.92 10.13
CA GLY G 37 18.18 -18.56 8.95
C GLY G 37 17.95 -20.05 8.89
N THR G 38 16.95 -20.54 9.61
CA THR G 38 16.78 -21.97 9.82
C THR G 38 15.34 -22.32 9.54
N GLN G 39 15.09 -23.58 9.18
CA GLN G 39 13.76 -24.10 8.91
C GLN G 39 13.84 -25.61 8.64
N THR G 40 12.67 -26.22 8.59
CA THR G 40 12.52 -27.67 8.46
C THR G 40 11.23 -27.94 7.70
N LEU G 41 11.24 -28.96 6.84
CA LEU G 41 10.05 -29.35 6.09
C LEU G 41 9.92 -30.87 5.98
N ASN G 42 8.65 -31.29 6.00
CA ASN G 42 8.27 -32.66 5.87
C ASN G 42 7.51 -32.78 4.59
N LEU G 43 8.04 -33.60 3.70
CA LEU G 43 7.63 -33.63 2.31
C LEU G 43 7.17 -35.01 1.90
N THR G 44 6.15 -35.02 1.05
CA THR G 44 5.43 -36.23 0.72
C THR G 44 5.06 -36.23 -0.75
N VAL G 45 5.61 -37.18 -1.50
CA VAL G 45 5.22 -37.32 -2.91
C VAL G 45 3.78 -37.86 -2.92
N LYS G 46 2.81 -37.01 -3.30
CA LYS G 46 1.38 -37.40 -3.31
C LYS G 46 0.90 -38.16 -4.58
N GLU G 47 1.45 -37.83 -5.75
CA GLU G 47 1.26 -38.67 -6.96
C GLU G 47 2.57 -38.72 -7.75
N GLY G 48 2.69 -39.67 -8.66
CA GLY G 48 3.97 -39.87 -9.34
C GLY G 48 4.99 -40.65 -8.52
N ALA G 49 4.78 -40.71 -7.21
CA ALA G 49 5.64 -41.49 -6.32
C ALA G 49 5.71 -42.93 -6.80
N PRO G 50 6.86 -43.62 -6.62
CA PRO G 50 8.08 -43.16 -6.03
C PRO G 50 8.90 -42.48 -7.13
N LEU G 51 9.77 -41.54 -6.77
CA LEU G 51 10.58 -40.81 -7.74
C LEU G 51 11.82 -41.62 -8.09
N PRO G 52 12.19 -41.72 -9.40
CA PRO G 52 13.29 -42.48 -10.00
C PRO G 52 14.58 -41.68 -10.38
N PHE G 53 14.72 -40.51 -9.78
CA PHE G 53 15.92 -39.72 -9.94
C PHE G 53 16.29 -39.27 -8.56
N SER G 54 17.53 -38.92 -8.39
CA SER G 54 17.97 -38.35 -7.13
C SER G 54 17.15 -37.19 -6.53
N TYR G 55 16.73 -37.36 -5.28
CA TYR G 55 15.90 -36.37 -4.58
C TYR G 55 16.60 -35.03 -4.45
N ASP G 56 17.92 -35.06 -4.48
CA ASP G 56 18.75 -33.91 -4.19
C ASP G 56 18.60 -32.74 -5.18
N ILE G 57 18.28 -33.07 -6.39
CA ILE G 57 18.16 -32.03 -7.34
C ILE G 57 16.88 -31.28 -7.02
N LEU G 58 16.12 -31.71 -5.98
CA LEU G 58 14.82 -31.11 -5.70
C LEU G 58 14.81 -30.22 -4.48
N THR G 59 15.81 -30.34 -3.64
CA THR G 59 15.76 -29.95 -2.20
C THR G 59 15.89 -28.46 -2.03
N THR G 60 16.62 -27.85 -2.93
CA THR G 60 16.79 -26.41 -2.87
C THR G 60 15.55 -25.66 -3.41
N ALA G 61 14.52 -26.35 -3.84
CA ALA G 61 13.36 -25.62 -4.34
C ALA G 61 12.26 -25.80 -3.28
CD2 NLW G 62 9.62 -30.06 -2.70
CG NLW G 62 11.10 -29.85 -2.41
CD1 NLW G 62 11.80 -31.21 -2.12
CB NLW G 62 11.34 -28.82 -1.30
CA NLW G 62 11.20 -27.32 -1.70
N NLW G 62 12.24 -26.96 -2.64
C NLW G 62 11.24 -26.37 -0.50
O NLW G 62 10.36 -25.57 -0.34
NH2 NLW G 62 12.40 -26.18 0.14
C1 RC7 H 1 15.61 -23.79 -0.06
N2 RC7 H 1 16.90 -23.85 -0.20
CA2 RC7 H 1 17.18 -22.99 -1.22
C2 RC7 H 1 15.89 -22.41 -1.70
O2 RC7 H 1 15.71 -21.66 -2.51
N3 RC7 H 1 14.97 -22.89 -0.87
CA3 RC7 H 1 13.54 -22.78 -0.95
C3 RC7 H 1 13.03 -21.33 -0.69
O3 RC7 H 1 12.32 -21.00 -1.61
CA1 RC7 H 1 14.80 -24.50 0.93
CB2 RC7 H 1 18.35 -22.67 -1.76
CG2 RC7 H 1 19.71 -23.10 -1.47
CD1 RC7 H 1 20.77 -22.51 -2.12
CD2 RC7 H 1 19.91 -24.10 -0.53
CE1 RC7 H 1 22.04 -22.94 -1.84
CE2 RC7 H 1 21.20 -24.54 -0.26
CZ RC7 H 1 22.26 -23.97 -0.93
OH RC7 H 1 23.50 -24.40 -0.66
CB1 RC7 H 1 15.29 -25.48 1.73
CG1 RC7 H 1 14.45 -26.16 2.84
ND1 RC7 H 1 13.17 -25.97 3.16
CD3 RC7 H 1 14.83 -27.15 3.67
NE1 RC7 H 1 13.78 -27.48 4.42
CE3 RC7 H 1 12.80 -26.77 4.09
N ASN H 2 13.26 -20.69 0.18
CA ASN H 2 12.74 -19.33 0.45
C ASN H 2 13.62 -18.41 1.25
N ARG H 3 14.22 -17.58 0.91
CA ARG H 3 15.29 -16.85 1.54
C ARG H 3 14.77 -15.95 2.61
N VAL H 4 13.49 -16.07 2.93
CA VAL H 4 12.97 -15.45 4.15
C VAL H 4 13.67 -16.11 5.27
N PHE H 5 13.92 -17.42 5.13
CA PHE H 5 14.67 -18.17 6.16
C PHE H 5 16.15 -17.99 5.98
N THR H 6 16.60 -16.85 6.45
CA THR H 6 17.96 -16.43 6.37
C THR H 6 18.30 -15.26 7.30
N LYS H 7 19.39 -15.43 8.04
CA LYS H 7 19.85 -14.45 8.97
C LYS H 7 20.46 -13.24 8.27
N TYR H 8 19.73 -12.14 8.24
CA TYR H 8 20.26 -10.93 7.72
C TYR H 8 20.69 -10.05 8.88
N PRO H 9 21.85 -9.41 8.73
CA PRO H 9 22.25 -8.23 9.48
C PRO H 9 21.49 -6.98 9.00
N GLU H 10 21.58 -5.88 9.75
CA GLU H 10 20.78 -4.73 9.42
C GLU H 10 21.49 -3.84 8.47
N ASP H 11 22.81 -3.91 8.52
CA ASP H 11 23.76 -3.19 7.71
C ASP H 11 23.73 -3.68 6.29
N ILE H 12 23.13 -4.83 6.10
CA ILE H 12 22.69 -5.25 4.81
C ILE H 12 21.16 -5.28 4.82
N PRO H 13 20.53 -4.44 3.89
CA PRO H 13 19.09 -4.63 3.78
C PRO H 13 18.54 -6.00 3.45
N ASP H 14 17.34 -6.35 3.91
CA ASP H 14 16.67 -7.63 3.77
C ASP H 14 15.57 -7.66 2.73
N TYR H 15 15.96 -7.91 1.50
CA TYR H 15 15.01 -7.98 0.39
C TYR H 15 13.74 -8.79 0.66
N PHE H 16 13.95 -9.94 1.28
CA PHE H 16 12.97 -11.00 1.25
C PHE H 16 11.91 -10.65 2.28
N LYS H 17 12.33 -10.06 3.40
CA LYS H 17 11.43 -9.79 4.48
C LYS H 17 10.68 -8.47 4.33
N GLN H 18 11.12 -7.59 3.41
CA GLN H 18 10.36 -6.37 3.12
C GLN H 18 9.28 -6.63 2.09
N SER H 19 9.52 -7.58 1.19
CA SER H 19 8.57 -7.90 0.12
C SER H 19 7.16 -8.22 0.62
N PHE H 20 7.06 -8.65 1.87
CA PHE H 20 5.76 -8.97 2.46
C PHE H 20 5.04 -7.72 2.97
N PRO H 21 3.70 -7.77 3.03
CA PRO H 21 2.82 -8.94 2.90
C PRO H 21 2.51 -9.31 1.45
N GLU H 22 2.98 -8.47 0.51
CA GLU H 22 2.81 -8.67 -0.95
C GLU H 22 3.62 -9.87 -1.50
N GLY H 23 4.75 -10.19 -0.88
CA GLY H 23 5.51 -11.42 -1.21
C GLY H 23 6.44 -11.22 -2.39
N TYR H 24 7.05 -12.33 -2.81
CA TYR H 24 7.98 -12.29 -3.90
C TYR H 24 7.89 -13.58 -4.72
N SER H 25 8.78 -13.69 -5.67
CA SER H 25 8.74 -14.79 -6.59
C SER H 25 10.21 -14.99 -6.94
N TRP H 26 10.59 -16.16 -7.36
CA TRP H 26 11.97 -16.32 -7.73
C TRP H 26 12.00 -17.30 -8.84
N GLU H 27 13.01 -17.14 -9.72
CA GLU H 27 13.26 -17.97 -10.94
C GLU H 27 14.67 -18.51 -10.91
N ARG H 28 14.85 -19.81 -11.06
CA ARG H 28 16.14 -20.39 -10.93
C ARG H 28 16.36 -21.18 -12.17
N THR H 29 17.61 -21.28 -12.59
CA THR H 29 18.02 -22.34 -13.54
C THR H 29 19.20 -23.13 -12.89
N MET H 30 19.14 -24.44 -12.80
CA MET H 30 20.25 -25.20 -12.28
C MET H 30 20.90 -25.80 -13.55
N THR H 31 22.12 -25.39 -13.89
CA THR H 31 22.77 -25.93 -15.14
C THR H 31 23.90 -26.87 -14.79
N TYR H 32 23.65 -28.16 -14.99
CA TYR H 32 24.55 -29.17 -14.52
C TYR H 32 25.59 -29.41 -15.61
N GLU H 33 26.71 -29.99 -15.20
CA GLU H 33 27.83 -30.02 -16.12
C GLU H 33 27.62 -30.99 -17.31
N ASP H 34 26.73 -31.98 -17.17
CA ASP H 34 26.40 -32.87 -18.31
C ASP H 34 25.17 -32.33 -19.07
N LYS H 35 25.05 -31.03 -19.14
CA LYS H 35 23.86 -30.37 -19.66
C LYS H 35 22.50 -30.97 -19.19
N GLY H 36 22.43 -31.44 -17.94
CA GLY H 36 21.19 -31.68 -17.20
C GLY H 36 20.78 -30.30 -16.75
N ILE H 37 19.48 -29.97 -16.85
CA ILE H 37 19.03 -28.62 -16.67
C ILE H 37 17.68 -28.58 -15.91
N CYS H 38 17.56 -27.75 -14.89
CA CYS H 38 16.26 -27.57 -14.31
C CYS H 38 15.88 -26.08 -14.25
N THR H 39 14.67 -25.76 -14.68
CA THR H 39 14.15 -24.43 -14.41
C THR H 39 13.10 -24.52 -13.39
N ILE H 40 13.23 -23.67 -12.40
CA ILE H 40 12.30 -23.66 -11.34
C ILE H 40 11.56 -22.32 -11.12
N ARG H 41 10.27 -22.37 -10.84
CA ARG H 41 9.50 -21.20 -10.49
C ARG H 41 8.83 -21.45 -9.18
N SER H 42 8.81 -20.42 -8.36
CA SER H 42 8.13 -20.49 -7.11
C SER H 42 7.55 -19.15 -6.72
N ASP H 43 6.25 -19.18 -6.51
CA ASP H 43 5.51 -18.07 -5.94
C ASP H 43 5.34 -18.22 -4.46
N ILE H 44 5.76 -17.22 -3.71
CA ILE H 44 5.73 -17.40 -2.29
C ILE H 44 4.81 -16.30 -1.76
N SER H 45 3.59 -16.71 -1.43
CA SER H 45 2.63 -15.85 -0.70
C SER H 45 2.78 -15.97 0.84
N LEU H 46 2.11 -15.09 1.55
CA LEU H 46 1.96 -15.21 3.00
C LEU H 46 0.52 -15.50 3.45
N GLU H 47 0.33 -16.50 4.32
CA GLU H 47 -0.98 -16.77 4.94
C GLU H 47 -0.95 -16.61 6.47
N GLY H 48 -1.20 -15.40 6.96
CA GLY H 48 -1.15 -15.07 8.39
C GLY H 48 0.05 -15.61 9.13
N ASP H 49 -0.01 -16.90 9.47
CA ASP H 49 1.04 -17.63 10.18
C ASP H 49 1.94 -18.50 9.27
N CYS H 50 1.44 -18.75 8.06
CA CYS H 50 2.07 -19.65 7.14
C CYS H 50 2.68 -18.82 6.03
N PHE H 51 3.86 -19.24 5.60
CA PHE H 51 4.33 -18.87 4.31
C PHE H 51 3.84 -20.01 3.48
N PHE H 52 3.30 -19.70 2.32
CA PHE H 52 2.97 -20.73 1.37
C PHE H 52 3.95 -20.51 0.22
N GLN H 53 4.46 -21.61 -0.30
CA GLN H 53 5.36 -21.62 -1.42
C GLN H 53 4.77 -22.48 -2.51
N ASN H 54 4.84 -22.01 -3.72
CA ASN H 54 4.17 -22.65 -4.80
C ASN H 54 5.09 -22.80 -6.00
N VAL H 55 5.30 -24.00 -6.45
CA VAL H 55 6.50 -24.34 -7.11
C VAL H 55 6.40 -25.31 -8.27
N ARG H 56 6.97 -24.88 -9.37
CA ARG H 56 7.12 -25.68 -10.57
C ARG H 56 8.54 -26.09 -10.88
N PHE H 57 8.74 -27.33 -11.17
CA PHE H 57 10.09 -27.78 -11.26
C PHE H 57 10.07 -28.53 -12.54
N ASN H 58 10.90 -28.06 -13.45
CA ASN H 58 11.01 -28.57 -14.77
C ASN H 58 12.42 -29.05 -14.85
N GLY H 59 12.63 -30.35 -15.03
CA GLY H 59 13.99 -30.91 -15.15
C GLY H 59 14.15 -31.74 -16.41
N MET H 60 15.32 -31.65 -17.04
CA MET H 60 15.46 -32.17 -18.40
C MET H 60 16.83 -32.67 -18.77
N ASN H 61 16.90 -33.57 -19.73
CA ASN H 61 18.15 -33.82 -20.44
C ASN H 61 19.30 -34.34 -19.58
N PHE H 62 19.00 -34.81 -18.40
CA PHE H 62 19.98 -35.54 -17.66
C PHE H 62 20.42 -36.70 -18.48
N PRO H 63 21.73 -36.98 -18.43
CA PRO H 63 22.09 -38.31 -18.85
C PRO H 63 21.21 -39.37 -18.18
N PRO H 64 20.71 -40.33 -18.98
CA PRO H 64 20.08 -41.55 -18.45
C PRO H 64 20.98 -42.42 -17.57
N ASN H 65 22.29 -42.37 -17.76
N ASN H 65 22.29 -42.32 -17.80
CA ASN H 65 23.21 -43.17 -16.97
CA ASN H 65 23.32 -43.10 -17.12
C ASN H 65 24.09 -42.36 -16.02
C ASN H 65 24.03 -42.36 -15.99
N GLY H 66 23.83 -41.05 -15.91
CA GLY H 66 24.56 -40.20 -14.98
C GLY H 66 24.15 -40.39 -13.53
N PRO H 67 24.66 -39.52 -12.63
CA PRO H 67 24.49 -39.71 -11.17
C PRO H 67 23.15 -39.28 -10.58
N VAL H 68 22.37 -38.53 -11.37
CA VAL H 68 21.02 -38.04 -11.02
C VAL H 68 19.97 -39.06 -11.35
N MET H 69 20.03 -39.56 -12.56
CA MET H 69 19.04 -40.53 -12.98
C MET H 69 19.37 -41.86 -12.38
N GLN H 70 20.63 -42.05 -12.03
CA GLN H 70 21.06 -43.28 -11.39
C GLN H 70 21.24 -43.12 -9.90
N LYS H 71 20.28 -42.45 -9.25
CA LYS H 71 20.37 -42.05 -7.85
C LYS H 71 21.70 -42.35 -7.20
N LYS H 72 22.77 -41.62 -7.57
CA LYS H 72 24.06 -41.72 -6.86
C LYS H 72 24.55 -40.35 -6.39
N THR H 73 23.82 -39.77 -5.44
CA THR H 73 24.28 -38.59 -4.68
C THR H 73 23.90 -38.70 -3.22
N LEU H 74 24.73 -38.13 -2.38
CA LEU H 74 24.50 -38.17 -0.93
C LEU H 74 23.95 -36.88 -0.41
N LYS H 75 24.50 -35.79 -0.94
CA LYS H 75 24.14 -34.45 -0.56
C LYS H 75 24.87 -33.42 -1.43
N TRP H 76 24.26 -32.23 -1.56
CA TRP H 76 24.97 -31.01 -1.97
C TRP H 76 25.99 -30.83 -0.91
N GLU H 77 27.07 -30.10 -1.20
CA GLU H 77 27.91 -29.58 -0.10
C GLU H 77 27.31 -28.23 0.26
N PRO H 78 27.37 -27.84 1.54
CA PRO H 78 27.08 -26.45 1.85
C PRO H 78 27.68 -25.50 0.83
N SER H 79 27.14 -24.28 0.74
CA SER H 79 27.60 -23.28 -0.24
C SER H 79 27.61 -21.81 0.26
N THR H 80 27.88 -20.89 -0.68
CA THR H 80 27.78 -19.43 -0.51
C THR H 80 27.26 -18.81 -1.83
N GLU H 81 26.15 -18.10 -1.75
CA GLU H 81 25.55 -17.47 -2.92
C GLU H 81 26.01 -16.05 -2.98
N LYS H 82 26.17 -15.54 -4.20
CA LYS H 82 26.59 -14.17 -4.48
C LYS H 82 25.43 -13.29 -4.95
N LEU H 83 24.93 -12.38 -4.11
CA LEU H 83 23.76 -11.57 -4.52
C LEU H 83 24.10 -10.16 -4.98
N HIS H 84 23.42 -9.69 -6.01
CA HIS H 84 23.67 -8.36 -6.59
C HIS H 84 22.36 -7.99 -7.23
N VAL H 85 22.20 -6.71 -7.53
CA VAL H 85 20.95 -6.29 -8.15
C VAL H 85 21.20 -6.05 -9.62
N ARG H 86 20.26 -6.50 -10.44
CA ARG H 86 20.24 -6.12 -11.84
C ARG H 86 18.81 -5.75 -12.19
N ASP H 87 18.64 -4.59 -12.82
CA ASP H 87 17.37 -4.17 -13.35
C ASP H 87 16.27 -4.18 -12.31
N GLY H 88 16.58 -3.67 -11.12
CA GLY H 88 15.67 -3.63 -10.00
C GLY H 88 15.35 -4.97 -9.38
N LEU H 89 16.11 -5.99 -9.73
CA LEU H 89 15.84 -7.34 -9.29
C LEU H 89 17.11 -7.80 -8.61
N LEU H 90 16.98 -8.71 -7.66
CA LEU H 90 18.13 -9.18 -6.88
C LEU H 90 18.49 -10.59 -7.37
N VAL H 91 19.71 -10.77 -7.85
CA VAL H 91 20.04 -11.94 -8.66
C VAL H 91 21.13 -12.68 -7.96
N GLY H 92 21.03 -13.99 -7.91
CA GLY H 92 21.97 -14.76 -7.12
C GLY H 92 22.69 -15.78 -7.94
N ASN H 93 23.96 -15.97 -7.64
CA ASN H 93 24.72 -17.04 -8.25
C ASN H 93 25.42 -17.91 -7.22
N ILE H 94 25.40 -19.23 -7.45
CA ILE H 94 26.08 -20.17 -6.54
C ILE H 94 26.74 -21.32 -7.31
N ASN H 95 27.92 -21.73 -6.84
CA ASN H 95 28.57 -22.86 -7.43
C ASN H 95 28.26 -24.04 -6.58
N MET H 96 27.37 -24.90 -7.09
CA MET H 96 26.88 -25.98 -6.28
C MET H 96 27.59 -27.36 -6.55
N ALA H 97 27.58 -28.28 -5.59
CA ALA H 97 28.30 -29.55 -5.74
C ALA H 97 27.60 -30.63 -5.04
N LEU H 98 27.20 -31.65 -5.77
CA LEU H 98 26.73 -32.86 -5.17
C LEU H 98 27.93 -33.78 -4.84
N LEU H 99 27.84 -34.41 -3.68
CA LEU H 99 28.81 -35.39 -3.23
C LEU H 99 28.36 -36.73 -3.76
N LEU H 100 29.34 -37.58 -4.07
CA LEU H 100 29.10 -38.88 -4.64
C LEU H 100 29.23 -39.93 -3.59
N GLU H 101 29.07 -41.17 -4.02
CA GLU H 101 28.89 -42.27 -3.08
C GLU H 101 30.18 -42.61 -2.30
N GLY H 102 31.34 -42.30 -2.89
CA GLY H 102 32.62 -42.61 -2.24
C GLY H 102 33.62 -41.60 -2.71
N GLY H 103 33.53 -40.38 -2.16
CA GLY H 103 34.17 -39.21 -2.76
C GLY H 103 33.68 -39.00 -4.18
N GLY H 104 34.05 -37.88 -4.79
CA GLY H 104 33.57 -37.52 -6.13
C GLY H 104 32.55 -36.37 -6.07
N HIS H 105 32.39 -35.66 -7.19
CA HIS H 105 31.60 -34.42 -7.21
C HIS H 105 31.03 -34.10 -8.59
N TYR H 106 29.75 -33.72 -8.57
CA TYR H 106 28.96 -33.39 -9.78
C TYR H 106 28.53 -31.95 -9.54
N LEU H 107 28.45 -31.18 -10.62
CA LEU H 107 28.61 -29.78 -10.47
C LEU H 107 27.46 -29.01 -11.04
N CYS H 108 26.91 -28.17 -10.17
CA CYS H 108 25.76 -27.37 -10.52
C CYS H 108 25.95 -25.87 -10.29
N ASP H 109 25.64 -25.11 -11.32
CA ASP H 109 25.75 -23.70 -11.26
C ASP H 109 24.29 -23.18 -11.07
N PHE H 110 24.00 -22.62 -9.88
CA PHE H 110 22.68 -22.14 -9.52
C PHE H 110 22.59 -20.73 -10.00
N LYS H 111 21.54 -20.34 -10.71
CA LYS H 111 21.34 -18.89 -10.99
C LYS H 111 19.87 -18.60 -10.75
N THR H 112 19.63 -17.58 -9.93
CA THR H 112 18.31 -17.23 -9.40
C THR H 112 17.91 -15.75 -9.46
N THR H 113 16.69 -15.44 -9.85
CA THR H 113 16.29 -14.03 -9.76
C THR H 113 15.11 -13.92 -8.83
N TYR H 114 15.27 -13.04 -7.81
CA TYR H 114 14.30 -12.83 -6.74
C TYR H 114 13.53 -11.51 -7.06
N LYS H 115 12.19 -11.55 -7.14
CA LYS H 115 11.38 -10.43 -7.72
C LYS H 115 10.23 -9.94 -6.78
N ALA H 116 10.51 -8.99 -5.88
CA ALA H 116 9.53 -8.64 -4.83
C ALA H 116 8.28 -7.92 -5.39
N LYS H 117 7.13 -8.21 -4.81
CA LYS H 117 5.86 -7.72 -5.37
C LYS H 117 5.47 -6.33 -4.84
N LYS H 118 6.48 -5.47 -4.79
CA LYS H 118 6.34 -4.06 -4.52
C LYS H 118 7.74 -3.54 -4.82
N VAL H 119 7.97 -2.24 -4.71
CA VAL H 119 9.35 -1.73 -4.60
C VAL H 119 9.82 -1.76 -3.13
N VAL H 120 11.08 -2.16 -2.91
CA VAL H 120 11.67 -2.15 -1.56
C VAL H 120 13.07 -1.55 -1.58
N GLN H 121 13.72 -1.54 -0.43
CA GLN H 121 15.12 -1.11 -0.41
C GLN H 121 16.04 -2.21 -0.95
N LEU H 122 16.82 -1.88 -1.99
CA LEU H 122 17.78 -2.81 -2.61
C LEU H 122 19.11 -2.86 -1.90
N PRO H 123 19.54 -4.09 -1.48
CA PRO H 123 20.87 -4.18 -0.86
C PRO H 123 22.01 -4.11 -1.89
N ASP H 124 23.24 -4.20 -1.38
CA ASP H 124 24.45 -4.16 -2.17
C ASP H 124 24.85 -5.62 -2.42
N TYR H 125 25.99 -5.80 -3.09
CA TYR H 125 26.54 -7.13 -3.42
C TYR H 125 26.85 -7.82 -2.09
N HIS H 126 26.19 -8.91 -1.74
CA HIS H 126 26.54 -9.59 -0.47
C HIS H 126 26.56 -11.09 -0.72
N PHE H 127 26.61 -11.85 0.38
CA PHE H 127 26.89 -13.27 0.38
C PHE H 127 25.88 -13.86 1.34
N VAL H 128 25.27 -14.98 0.97
CA VAL H 128 24.55 -15.80 1.91
C VAL H 128 25.37 -17.07 1.93
N ASP H 129 25.71 -17.57 3.14
CA ASP H 129 26.29 -18.90 3.27
C ASP H 129 25.14 -19.83 3.53
N HIS H 130 25.18 -21.04 2.94
CA HIS H 130 24.06 -21.94 3.01
C HIS H 130 24.47 -23.35 3.47
N ARG H 131 23.56 -24.03 4.15
CA ARG H 131 23.71 -25.46 4.35
C ARG H 131 22.34 -26.09 4.31
N ILE H 132 22.17 -27.05 3.41
CA ILE H 132 20.96 -27.77 3.30
C ILE H 132 21.25 -29.27 3.34
N GLU H 133 20.47 -29.95 4.20
CA GLU H 133 20.69 -31.37 4.48
C GLU H 133 19.41 -32.13 4.57
N ILE H 134 19.42 -33.32 4.02
CA ILE H 134 18.39 -34.30 4.35
C ILE H 134 18.61 -34.86 5.78
N LEU H 135 17.55 -34.82 6.59
CA LEU H 135 17.52 -35.47 7.91
C LEU H 135 16.97 -36.92 7.87
N SER H 136 15.65 -37.05 7.66
CA SER H 136 15.01 -38.36 7.50
C SER H 136 14.34 -38.56 6.13
N ASN H 137 14.04 -39.81 5.80
CA ASN H 137 13.43 -40.14 4.54
C ASN H 137 13.18 -41.62 4.55
N ASP H 138 12.05 -42.04 4.00
CA ASP H 138 11.82 -43.49 3.81
C ASP H 138 12.66 -44.00 2.63
N SER H 139 12.36 -45.19 2.11
CA SER H 139 13.33 -45.84 1.20
C SER H 139 13.44 -45.12 -0.15
N ASP H 140 12.27 -44.79 -0.69
CA ASP H 140 12.17 -44.13 -1.98
C ASP H 140 11.74 -42.71 -1.78
N TYR H 141 11.95 -42.22 -0.58
CA TYR H 141 11.90 -40.80 -0.35
C TYR H 141 10.52 -40.25 -0.61
N ASN H 142 9.48 -41.05 -0.43
CA ASN H 142 8.09 -40.54 -0.53
C ASN H 142 7.84 -39.60 0.64
N LYS H 143 8.69 -39.67 1.67
CA LYS H 143 8.64 -38.78 2.83
C LYS H 143 10.06 -38.34 3.14
N VAL H 144 10.21 -37.10 3.58
CA VAL H 144 11.57 -36.54 3.65
C VAL H 144 11.58 -35.50 4.72
N LYS H 145 12.68 -35.39 5.46
CA LYS H 145 12.74 -34.32 6.43
C LYS H 145 13.99 -33.58 6.06
N LEU H 146 13.89 -32.26 6.00
CA LEU H 146 14.92 -31.52 5.30
C LEU H 146 15.08 -30.20 5.95
N TYR H 147 16.34 -29.90 6.24
CA TYR H 147 16.79 -28.77 7.01
C TYR H 147 17.71 -27.85 6.23
N GLU H 148 17.45 -26.57 6.39
CA GLU H 148 18.22 -25.58 5.69
C GLU H 148 18.69 -24.55 6.65
N HIS H 149 19.88 -24.02 6.38
CA HIS H 149 20.44 -22.96 7.17
C HIS H 149 21.02 -21.88 6.27
N GLY H 150 20.57 -20.64 6.45
CA GLY H 150 20.95 -19.53 5.58
C GLY H 150 21.33 -18.29 6.35
N VAL H 151 22.55 -17.77 6.12
CA VAL H 151 23.05 -16.63 6.91
C VAL H 151 23.78 -15.65 6.08
N ALA H 152 23.39 -14.39 6.17
CA ALA H 152 23.99 -13.41 5.25
C ALA H 152 25.19 -12.69 5.82
N ARG H 153 25.93 -12.02 4.93
CA ARG H 153 27.10 -11.32 5.38
C ARG H 153 27.86 -10.74 4.23
N TYR H 154 28.66 -9.75 4.59
CA TYR H 154 29.67 -9.22 3.72
C TYR H 154 30.97 -10.08 3.81
N SER H 155 31.92 -9.69 2.99
CA SER H 155 33.28 -10.12 3.10
C SER H 155 33.73 -9.88 4.57
N PRO H 156 34.24 -10.92 5.25
CA PRO H 156 34.95 -10.67 6.51
C PRO H 156 36.19 -9.86 6.26
N LEU H 157 36.93 -10.27 5.24
CA LEU H 157 38.22 -9.72 4.99
C LEU H 157 38.07 -8.21 4.93
N PRO H 158 38.95 -7.46 5.62
CA PRO H 158 38.87 -5.99 5.60
C PRO H 158 39.29 -5.41 4.27
N SER H 159 38.75 -4.26 3.90
CA SER H 159 39.27 -3.54 2.77
C SER H 159 40.44 -2.70 3.31
N GLN H 160 41.55 -2.74 2.59
CA GLN H 160 42.73 -1.98 2.94
C GLN H 160 43.09 -1.03 1.80
N ALA H 161 42.12 -0.72 0.93
CA ALA H 161 42.31 0.32 -0.07
C ALA H 161 41.86 1.64 0.54
N TRP H 162 42.63 2.68 0.28
CA TRP H 162 42.30 3.99 0.77
C TRP H 162 42.86 5.03 -0.15
N GLY H 163 42.02 5.67 -0.95
CA GLY H 163 42.48 6.67 -1.92
C GLY H 163 42.76 6.02 -3.25
N SER H 164 42.08 6.51 -4.28
CA SER H 164 42.24 5.98 -5.64
C SER H 164 41.84 7.09 -6.57
N HIS H 165 41.89 6.81 -7.86
CA HIS H 165 41.45 7.77 -8.87
C HIS H 165 40.92 7.08 -10.14
N HIS H 166 39.71 7.46 -10.55
CA HIS H 166 38.97 6.87 -11.67
C HIS H 166 39.36 5.44 -11.98
N LEU I 4 -15.41 0.90 20.30
CA LEU I 4 -16.70 1.63 20.12
C LEU I 4 -16.97 1.98 18.66
N ILE I 5 -16.14 2.83 18.06
CA ILE I 5 -16.27 3.05 16.61
C ILE I 5 -15.88 1.75 15.94
N LYS I 6 -16.60 1.40 14.86
CA LYS I 6 -16.46 0.10 14.19
C LYS I 6 -16.18 0.20 12.68
N GLU I 7 -15.53 -0.84 12.14
CA GLU I 7 -15.22 -0.96 10.70
C GLU I 7 -16.26 -0.35 9.74
N ASP I 8 -17.52 -0.55 10.04
CA ASP I 8 -18.62 -0.06 9.21
C ASP I 8 -19.40 0.96 10.02
N MET I 9 -19.44 2.21 9.60
CA MET I 9 -20.25 3.20 10.36
C MET I 9 -20.98 4.20 9.46
N ARG I 10 -22.18 4.58 9.85
CA ARG I 10 -22.99 5.51 9.06
C ARG I 10 -22.69 6.96 9.45
N VAL I 11 -23.14 7.88 8.60
CA VAL I 11 -22.97 9.36 8.78
C VAL I 11 -24.21 10.12 8.28
N LYS I 12 -24.64 11.12 9.06
N LYS I 12 -24.62 11.13 9.06
CA LYS I 12 -25.72 12.05 8.69
CA LYS I 12 -25.67 12.05 8.63
C LYS I 12 -25.14 13.47 8.70
C LYS I 12 -25.13 13.47 8.69
N VAL I 13 -25.50 14.28 7.69
CA VAL I 13 -24.90 15.62 7.48
C VAL I 13 -25.95 16.70 7.37
N HIS I 14 -25.82 17.71 8.23
CA HIS I 14 -26.61 18.92 8.14
C HIS I 14 -25.69 20.15 8.10
N MET I 15 -25.82 20.93 7.02
CA MET I 15 -25.07 22.19 6.82
C MET I 15 -26.04 23.30 6.45
N GLU I 16 -26.11 24.32 7.30
CA GLU I 16 -26.77 25.58 6.97
C GLU I 16 -25.62 26.44 6.49
N GLY I 17 -25.86 27.25 5.48
CA GLY I 17 -24.81 28.15 5.04
C GLY I 17 -25.29 29.26 4.14
N ASN I 18 -24.44 30.26 3.99
CA ASN I 18 -24.66 31.40 3.12
C ASN I 18 -23.30 31.63 2.43
N VAL I 19 -23.33 31.82 1.11
CA VAL I 19 -22.15 32.20 0.38
C VAL I 19 -22.51 33.42 -0.34
N ASN I 20 -21.67 34.44 -0.26
CA ASN I 20 -21.91 35.59 -1.09
C ASN I 20 -23.34 36.16 -0.94
N GLY I 21 -23.92 35.88 0.24
CA GLY I 21 -25.24 36.37 0.58
C GLY I 21 -26.34 35.51 0.06
N HIS I 22 -25.96 34.48 -0.72
CA HIS I 22 -26.93 33.56 -1.24
C HIS I 22 -27.02 32.50 -0.21
N ALA I 23 -28.28 32.24 0.23
CA ALA I 23 -28.58 31.25 1.22
C ALA I 23 -28.66 29.80 0.65
N PHE I 24 -28.39 28.83 1.52
CA PHE I 24 -28.57 27.42 1.20
C PHE I 24 -28.49 26.52 2.43
N VAL I 25 -29.48 25.64 2.52
CA VAL I 25 -29.52 24.53 3.46
C VAL I 25 -29.39 23.26 2.61
N ILE I 26 -28.56 22.33 3.09
CA ILE I 26 -28.15 21.13 2.36
C ILE I 26 -27.93 20.01 3.35
N GLU I 27 -28.40 18.82 2.99
CA GLU I 27 -28.29 17.67 3.87
C GLU I 27 -27.76 16.44 3.12
N GLY I 28 -27.27 15.47 3.91
CA GLY I 28 -26.61 14.29 3.33
C GLY I 28 -26.49 13.04 4.18
N GLU I 29 -26.49 11.88 3.52
CA GLU I 29 -26.42 10.64 4.25
C GLU I 29 -25.31 9.83 3.62
N GLY I 30 -24.43 9.28 4.46
CA GLY I 30 -23.32 8.47 3.95
C GLY I 30 -22.71 7.39 4.85
N LYS I 31 -21.65 6.79 4.37
CA LYS I 31 -21.00 5.69 5.05
C LYS I 31 -19.51 5.54 4.78
N GLY I 32 -18.91 4.66 5.56
CA GLY I 32 -17.49 4.38 5.50
C GLY I 32 -16.85 3.50 6.58
N LYS I 33 -15.53 3.50 6.51
CA LYS I 33 -14.66 2.63 7.25
C LYS I 33 -13.57 3.43 7.98
N PRO I 34 -13.96 3.82 9.27
CA PRO I 34 -12.97 4.58 10.06
C PRO I 34 -11.47 4.18 10.11
N TYR I 35 -11.21 2.90 10.10
CA TYR I 35 -9.87 2.33 10.14
C TYR I 35 -9.22 2.23 8.76
N GLU I 36 -10.00 2.04 7.69
CA GLU I 36 -9.46 2.07 6.31
C GLU I 36 -9.40 3.49 5.74
N GLY I 37 -9.93 4.46 6.50
CA GLY I 37 -9.82 5.86 6.11
C GLY I 37 -10.70 6.33 4.97
N THR I 38 -11.76 5.59 4.64
CA THR I 38 -12.68 6.03 3.56
C THR I 38 -14.07 6.43 4.05
N GLN I 39 -14.74 7.28 3.25
CA GLN I 39 -16.11 7.64 3.51
C GLN I 39 -16.79 8.21 2.29
N THR I 40 -18.04 7.73 2.09
CA THR I 40 -18.91 8.15 0.99
C THR I 40 -20.16 8.89 1.53
N LEU I 41 -20.62 9.91 0.82
CA LEU I 41 -21.78 10.69 1.29
C LEU I 41 -22.68 11.18 0.16
N ASN I 42 -23.98 10.94 0.33
CA ASN I 42 -25.04 11.36 -0.60
C ASN I 42 -25.71 12.68 -0.25
N LEU I 43 -25.39 13.71 -0.99
CA LEU I 43 -25.75 15.06 -0.57
C LEU I 43 -26.84 15.75 -1.40
N THR I 44 -27.77 16.42 -0.73
CA THR I 44 -28.89 17.06 -1.42
C THR I 44 -28.95 18.54 -1.03
N VAL I 45 -29.20 19.44 -2.00
CA VAL I 45 -29.55 20.85 -1.69
C VAL I 45 -31.03 21.13 -1.25
N LYS I 46 -31.25 21.40 0.04
CA LYS I 46 -32.60 21.57 0.68
C LYS I 46 -33.35 22.84 0.35
N GLU I 47 -32.69 23.98 0.47
CA GLU I 47 -33.20 25.23 -0.02
C GLU I 47 -32.11 25.96 -0.76
N GLY I 48 -32.51 26.78 -1.73
CA GLY I 48 -31.60 27.69 -2.43
C GLY I 48 -30.90 27.07 -3.62
N ALA I 49 -31.26 25.81 -3.89
CA ALA I 49 -30.90 25.17 -5.12
C ALA I 49 -31.58 25.96 -6.23
N PRO I 50 -30.84 26.22 -7.33
CA PRO I 50 -29.50 25.70 -7.55
C PRO I 50 -28.41 26.59 -6.97
N LEU I 51 -27.35 26.00 -6.42
CA LEU I 51 -26.19 26.79 -5.96
C LEU I 51 -25.58 27.45 -7.20
N PRO I 52 -25.34 28.77 -7.19
CA PRO I 52 -24.71 29.48 -8.32
C PRO I 52 -23.20 29.68 -8.11
N PHE I 53 -22.57 28.71 -7.47
CA PHE I 53 -21.12 28.79 -7.21
C PHE I 53 -20.52 27.35 -7.15
N SER I 54 -19.23 27.21 -7.42
CA SER I 54 -18.57 25.91 -7.50
C SER I 54 -18.84 25.04 -6.29
N TYR I 55 -19.49 23.91 -6.47
CA TYR I 55 -19.79 23.04 -5.31
C TYR I 55 -18.49 22.62 -4.48
N ASP I 56 -17.31 22.70 -5.09
CA ASP I 56 -16.02 22.29 -4.39
C ASP I 56 -15.69 23.12 -3.14
N ILE I 57 -16.10 24.39 -3.09
CA ILE I 57 -15.74 25.21 -1.93
C ILE I 57 -16.45 24.65 -0.74
N LEU I 58 -17.58 23.99 -1.01
CA LEU I 58 -18.31 23.42 0.05
C LEU I 58 -17.80 22.12 0.53
N THR I 59 -17.16 21.31 -0.35
CA THR I 59 -17.07 19.89 -0.16
C THR I 59 -16.22 19.47 1.06
N THR I 60 -15.17 20.22 1.33
CA THR I 60 -14.34 19.90 2.47
C THR I 60 -15.08 20.10 3.82
N ALA I 61 -16.24 20.76 3.72
CA ALA I 61 -17.03 21.04 4.89
C ALA I 61 -17.95 19.85 5.04
CD2 NLW I 62 -22.73 19.53 2.75
CG NLW I 62 -21.28 19.74 2.27
CD1 NLW I 62 -21.27 20.09 0.79
CB NLW I 62 -20.39 18.55 2.62
CA NLW I 62 -19.80 18.72 3.99
N NLW I 62 -18.61 19.51 3.92
C NLW I 62 -19.59 17.44 4.73
O NLW I 62 -20.21 17.30 5.81
NH2 NLW I 62 -18.41 16.76 4.53
C1 RC7 J 1 -14.15 16.40 4.79
N2 RC7 J 1 -13.03 16.60 4.22
CA2 RC7 J 1 -12.25 17.49 4.95
C2 RC7 J 1 -13.12 17.76 6.15
O2 RC7 J 1 -12.94 18.45 7.06
N3 RC7 J 1 -14.28 17.01 6.04
CA3 RC7 J 1 -15.54 17.05 6.82
C3 RC7 J 1 -15.37 16.49 8.20
O3 RC7 J 1 -15.59 17.21 9.08
CA1 RC7 J 1 -15.09 15.62 4.40
CB2 RC7 J 1 -10.99 18.00 4.71
CG2 RC7 J 1 -9.93 17.87 3.67
CD1 RC7 J 1 -8.62 18.39 3.83
CD2 RC7 J 1 -10.16 17.23 2.45
CE1 RC7 J 1 -7.64 18.31 2.86
CE2 RC7 J 1 -9.19 17.12 1.47
CZ RC7 J 1 -7.94 17.66 1.66
OH RC7 J 1 -7.01 17.56 0.73
CB1 RC7 J 1 -15.13 14.95 3.29
CG1 RC7 J 1 -16.27 14.08 2.96
ND1 RC7 J 1 -17.40 13.82 3.69
CD3 RC7 J 1 -16.39 13.28 1.87
NE1 RC7 J 1 -17.56 12.65 1.96
CE3 RC7 J 1 -18.14 13.02 3.07
N ASN J 2 -14.95 14.90 8.54
CA ASN J 2 -14.77 14.20 9.78
C ASN J 2 -13.59 13.42 9.53
N ARG J 3 -12.53 13.74 10.19
CA ARG J 3 -11.48 12.78 10.45
C ARG J 3 -12.12 11.54 11.22
N VAL J 4 -11.41 10.59 11.75
CA VAL J 4 -12.02 9.29 12.19
C VAL J 4 -12.14 8.56 10.88
N PHE J 5 -12.50 9.24 9.81
CA PHE J 5 -12.31 8.65 8.51
C PHE J 5 -10.93 9.05 7.91
N THR J 6 -9.94 8.40 8.51
CA THR J 6 -8.51 8.49 8.26
C THR J 6 -7.91 7.26 8.81
N LYS J 7 -6.95 6.67 8.12
CA LYS J 7 -6.25 5.48 8.59
C LYS J 7 -5.26 5.97 9.56
N TYR J 8 -5.31 5.53 10.81
CA TYR J 8 -4.17 5.69 11.71
C TYR J 8 -3.31 4.44 11.86
N PRO J 9 -2.02 4.63 11.79
CA PRO J 9 -1.06 3.61 12.20
C PRO J 9 -0.94 3.58 13.73
N GLU J 10 -0.53 2.45 14.28
CA GLU J 10 -0.62 2.19 15.70
C GLU J 10 0.27 3.02 16.57
N ASP J 11 1.25 3.65 15.95
CA ASP J 11 2.31 4.41 16.56
C ASP J 11 2.14 5.91 16.30
N ILE J 12 0.99 6.28 15.78
CA ILE J 12 0.42 7.58 15.89
C ILE J 12 -0.85 7.49 16.71
N PRO J 13 -0.93 8.38 17.79
CA PRO J 13 -2.26 8.42 18.40
C PRO J 13 -3.29 9.17 17.56
N ASP J 14 -4.52 8.66 17.69
CA ASP J 14 -5.66 8.94 16.88
C ASP J 14 -6.59 9.89 17.58
N TYR J 15 -6.24 11.17 17.54
CA TYR J 15 -6.94 12.24 18.25
C TYR J 15 -8.45 12.22 18.15
N PHE J 16 -8.95 11.83 16.97
N PHE J 16 -9.00 11.92 16.97
CA PHE J 16 -10.35 11.99 16.59
CA PHE J 16 -10.43 12.08 16.75
C PHE J 16 -11.21 10.87 17.15
C PHE J 16 -11.26 10.85 17.14
N LYS J 17 -10.67 9.66 17.10
CA LYS J 17 -11.41 8.46 17.51
C LYS J 17 -11.46 8.39 19.00
N GLN J 18 -10.29 8.36 19.64
CA GLN J 18 -10.17 8.61 21.09
C GLN J 18 -11.20 9.56 21.65
N SER J 19 -11.56 10.58 20.85
CA SER J 19 -12.49 11.64 21.24
C SER J 19 -13.90 11.17 21.48
N PHE J 20 -14.24 10.00 20.94
CA PHE J 20 -15.57 9.44 21.16
C PHE J 20 -15.54 8.50 22.37
N PRO J 21 -16.66 8.39 23.11
CA PRO J 21 -18.01 8.86 22.75
C PRO J 21 -18.33 10.35 22.86
N GLU J 22 -17.51 11.17 23.51
CA GLU J 22 -17.92 12.57 23.69
C GLU J 22 -18.04 13.30 22.35
N GLY J 23 -17.12 13.02 21.44
CA GLY J 23 -17.11 13.61 20.11
C GLY J 23 -16.02 14.65 20.10
N TYR J 24 -16.04 15.49 19.07
CA TYR J 24 -15.13 16.59 18.92
C TYR J 24 -15.78 17.57 17.93
N SER J 25 -15.50 18.88 18.05
CA SER J 25 -15.96 19.85 17.06
C SER J 25 -14.77 20.44 16.32
N TRP J 26 -15.02 21.22 15.27
CA TRP J 26 -13.93 21.88 14.60
C TRP J 26 -14.31 23.21 13.92
N GLU J 27 -13.27 23.94 13.52
CA GLU J 27 -13.37 25.33 13.06
C GLU J 27 -12.20 25.68 12.16
N ARG J 28 -12.54 26.06 10.91
CA ARG J 28 -11.61 26.26 9.84
C ARG J 28 -11.80 27.55 9.04
N THR J 29 -10.64 28.09 8.63
CA THR J 29 -10.54 29.29 7.82
C THR J 29 -10.01 28.95 6.43
N MET J 30 -10.75 29.34 5.38
CA MET J 30 -10.28 29.18 3.98
C MET J 30 -10.10 30.54 3.37
N THR J 31 -8.83 30.81 3.04
CA THR J 31 -8.39 32.07 2.44
C THR J 31 -7.87 31.91 1.03
N TYR J 32 -8.60 32.46 0.07
CA TYR J 32 -8.41 32.09 -1.30
C TYR J 32 -7.51 33.11 -1.88
N GLU J 33 -7.07 32.91 -3.12
CA GLU J 33 -5.95 33.66 -3.72
C GLU J 33 -6.39 34.82 -4.56
N ASP J 34 -7.69 35.07 -4.54
CA ASP J 34 -8.23 36.35 -4.98
C ASP J 34 -9.01 36.96 -3.80
N LYS J 35 -8.71 36.43 -2.59
CA LYS J 35 -9.25 36.80 -1.31
C LYS J 35 -10.76 36.65 -1.16
N GLY J 36 -11.30 35.61 -1.77
CA GLY J 36 -12.59 35.05 -1.32
C GLY J 36 -12.33 34.30 -0.01
N ILE J 37 -13.34 34.20 0.87
CA ILE J 37 -13.04 33.68 2.17
C ILE J 37 -14.19 32.88 2.80
N CYS J 38 -13.88 31.86 3.60
CA CYS J 38 -14.99 31.11 4.22
C CYS J 38 -14.75 30.70 5.68
N THR J 39 -15.79 30.91 6.51
CA THR J 39 -15.77 30.40 7.87
C THR J 39 -16.75 29.26 8.14
N ILE J 40 -16.25 28.30 8.90
CA ILE J 40 -16.97 27.09 9.19
C ILE J 40 -16.68 26.44 10.56
N ARG J 41 -17.75 25.84 11.08
CA ARG J 41 -17.79 25.18 12.40
C ARG J 41 -18.62 23.92 12.26
N SER J 42 -18.29 22.87 13.03
CA SER J 42 -18.95 21.54 12.93
C SER J 42 -18.96 20.84 14.29
N ASP J 43 -20.14 20.43 14.78
CA ASP J 43 -20.19 19.44 15.83
C ASP J 43 -20.21 18.13 15.11
N ILE J 44 -19.35 17.23 15.57
CA ILE J 44 -19.34 15.80 15.15
C ILE J 44 -19.62 14.90 16.37
N SER J 45 -20.84 14.33 16.41
CA SER J 45 -21.35 13.58 17.54
C SER J 45 -21.59 12.15 17.09
N LEU J 46 -21.55 11.21 18.05
CA LEU J 46 -21.85 9.79 17.77
C LEU J 46 -23.17 9.34 18.44
N GLU J 47 -24.23 9.24 17.63
CA GLU J 47 -25.44 8.52 18.06
C GLU J 47 -25.39 7.10 17.53
N GLY J 48 -24.81 6.20 18.34
CA GLY J 48 -24.81 4.77 18.00
C GLY J 48 -23.83 4.51 16.88
N ASP J 49 -24.26 3.85 15.80
CA ASP J 49 -23.41 3.60 14.61
C ASP J 49 -23.22 4.86 13.75
N CYS J 50 -24.08 5.85 13.95
CA CYS J 50 -24.19 6.98 13.07
C CYS J 50 -23.70 8.28 13.67
N PHE J 51 -22.56 8.75 13.15
CA PHE J 51 -22.04 10.09 13.39
C PHE J 51 -23.02 11.12 12.79
N PHE J 52 -23.36 12.15 13.55
CA PHE J 52 -24.06 13.29 12.99
C PHE J 52 -23.10 14.46 12.87
N GLN J 53 -22.91 14.95 11.64
CA GLN J 53 -22.20 16.23 11.37
C GLN J 53 -23.20 17.42 11.38
N ASN J 54 -22.92 18.46 12.15
CA ASN J 54 -23.74 19.66 12.20
C ASN J 54 -22.98 20.91 11.90
N VAL J 55 -23.20 21.44 10.71
CA VAL J 55 -22.36 22.49 10.15
C VAL J 55 -23.05 23.82 9.76
N ARG J 56 -22.24 24.85 9.85
CA ARG J 56 -22.52 26.19 9.43
C ARG J 56 -21.35 26.75 8.66
N PHE J 57 -21.66 27.31 7.49
CA PHE J 57 -20.69 27.68 6.47
C PHE J 57 -21.11 29.03 5.96
N ASN J 58 -20.11 29.87 5.76
CA ASN J 58 -20.19 31.26 5.47
C ASN J 58 -19.03 31.69 4.58
N GLY J 59 -19.28 32.22 3.38
CA GLY J 59 -18.17 32.78 2.62
C GLY J 59 -18.50 33.97 1.80
N MET J 60 -17.45 34.69 1.35
CA MET J 60 -17.51 36.09 0.88
C MET J 60 -16.40 36.60 -0.08
N ASN J 61 -16.71 37.70 -0.77
CA ASN J 61 -15.82 38.48 -1.65
C ASN J 61 -15.33 37.78 -2.90
N PHE J 62 -15.99 36.66 -3.23
CA PHE J 62 -15.69 35.88 -4.42
C PHE J 62 -16.02 36.73 -5.65
N PRO J 63 -15.00 37.25 -6.34
CA PRO J 63 -15.34 38.21 -7.39
C PRO J 63 -16.27 37.60 -8.41
N PRO J 64 -17.47 38.21 -8.61
CA PRO J 64 -18.41 37.71 -9.62
C PRO J 64 -17.79 36.95 -10.84
N ASN J 65 -16.78 37.54 -11.48
CA ASN J 65 -16.12 36.92 -12.66
C ASN J 65 -15.10 35.79 -12.30
N GLY J 66 -14.69 35.74 -11.03
CA GLY J 66 -13.90 34.64 -10.50
C GLY J 66 -14.44 33.23 -10.80
N PRO J 67 -13.58 32.22 -10.72
CA PRO J 67 -13.93 30.82 -11.02
C PRO J 67 -14.89 30.09 -10.04
N VAL J 68 -15.00 30.54 -8.81
CA VAL J 68 -16.03 29.99 -7.89
C VAL J 68 -17.45 30.30 -8.39
N MET J 69 -17.72 31.60 -8.58
CA MET J 69 -19.05 32.05 -9.01
C MET J 69 -19.32 31.63 -10.45
N GLN J 70 -18.25 31.61 -11.29
CA GLN J 70 -18.29 31.16 -12.74
C GLN J 70 -18.28 29.62 -12.92
N LYS J 71 -18.12 28.89 -11.80
CA LYS J 71 -18.10 27.41 -11.73
C LYS J 71 -17.02 26.77 -12.60
N LYS J 72 -15.79 27.25 -12.53
CA LYS J 72 -14.73 26.77 -13.42
C LYS J 72 -13.74 25.84 -12.70
N THR J 73 -14.15 25.30 -11.55
CA THR J 73 -13.37 24.29 -10.90
C THR J 73 -13.66 22.91 -11.52
N LEU J 74 -12.58 22.16 -11.70
CA LEU J 74 -12.74 20.74 -11.97
C LEU J 74 -12.69 20.03 -10.62
N LYS J 75 -11.65 20.22 -9.84
CA LYS J 75 -11.62 19.61 -8.52
C LYS J 75 -10.62 20.26 -7.58
N TRP J 76 -10.62 19.76 -6.33
CA TRP J 76 -9.49 19.95 -5.46
C TRP J 76 -8.34 18.99 -5.82
N GLU J 77 -7.13 19.52 -5.76
CA GLU J 77 -5.96 18.69 -5.69
C GLU J 77 -5.85 17.88 -4.35
N PRO J 78 -5.38 16.61 -4.41
CA PRO J 78 -5.12 15.98 -3.12
C PRO J 78 -4.15 16.88 -2.45
N SER J 79 -3.87 16.62 -1.17
CA SER J 79 -3.14 17.57 -0.32
C SER J 79 -2.54 16.84 0.89
N THR J 80 -1.98 17.56 1.85
CA THR J 80 -1.21 16.99 2.98
C THR J 80 -1.28 18.01 4.08
N GLU J 81 -2.01 17.70 5.15
CA GLU J 81 -2.31 18.64 6.20
C GLU J 81 -1.24 18.56 7.25
N LYS J 82 -0.78 19.71 7.72
CA LYS J 82 0.17 19.77 8.82
C LYS J 82 -0.56 19.79 10.16
N LEU J 83 -0.32 18.75 10.94
CA LEU J 83 -0.96 18.60 12.25
C LEU J 83 0.04 18.86 13.40
N HIS J 84 -0.28 19.86 14.22
CA HIS J 84 0.47 20.20 15.43
C HIS J 84 -0.48 20.47 16.58
N VAL J 85 0.09 20.47 17.77
CA VAL J 85 -0.62 20.82 18.98
C VAL J 85 -0.35 22.29 19.31
N ARG J 86 -1.40 23.08 19.38
CA ARG J 86 -1.31 24.45 19.81
C ARG J 86 -2.13 24.51 21.07
N ASP J 87 -1.55 25.01 22.17
CA ASP J 87 -2.25 25.27 23.44
C ASP J 87 -3.34 24.25 23.75
N GLY J 88 -2.96 22.97 23.80
CA GLY J 88 -3.88 21.86 24.11
C GLY J 88 -4.60 21.20 22.93
N LEU J 89 -4.77 21.98 21.87
CA LEU J 89 -5.54 21.58 20.69
C LEU J 89 -4.62 21.12 19.56
N LEU J 90 -5.20 20.29 18.68
CA LEU J 90 -4.60 19.83 17.43
C LEU J 90 -5.04 20.75 16.28
N VAL J 91 -4.04 21.50 15.81
CA VAL J 91 -4.15 22.44 14.72
C VAL J 91 -3.65 21.83 13.42
N GLY J 92 -4.50 21.78 12.41
CA GLY J 92 -4.04 21.40 11.05
C GLY J 92 -3.93 22.56 10.06
N ASN J 93 -2.78 22.64 9.38
CA ASN J 93 -2.62 23.60 8.26
C ASN J 93 -2.45 22.92 6.87
N ILE J 94 -3.11 23.47 5.80
CA ILE J 94 -2.97 22.91 4.41
C ILE J 94 -2.97 23.89 3.20
N ASN J 95 -2.12 23.59 2.20
CA ASN J 95 -2.03 24.36 0.95
C ASN J 95 -2.85 23.64 -0.10
N MET J 96 -4.09 24.09 -0.29
CA MET J 96 -4.96 23.49 -1.24
C MET J 96 -4.93 24.26 -2.57
N ALA J 97 -5.19 23.52 -3.63
CA ALA J 97 -5.30 24.08 -4.97
C ALA J 97 -6.42 23.37 -5.68
N LEU J 98 -7.29 24.15 -6.31
CA LEU J 98 -8.39 23.60 -7.07
C LEU J 98 -7.90 23.60 -8.50
N LEU J 99 -7.92 22.42 -9.13
CA LEU J 99 -7.54 22.31 -10.56
C LEU J 99 -8.49 23.17 -11.40
N LEU J 100 -7.97 24.09 -12.19
CA LEU J 100 -8.88 24.92 -12.97
C LEU J 100 -9.62 24.22 -14.07
N GLU J 101 -10.67 24.89 -14.57
CA GLU J 101 -11.13 24.56 -15.92
C GLU J 101 -9.97 24.85 -16.89
N GLY J 102 -9.72 23.92 -17.81
CA GLY J 102 -8.79 24.15 -18.89
C GLY J 102 -7.41 24.52 -18.39
N GLY J 103 -6.83 23.65 -17.57
CA GLY J 103 -5.49 23.88 -17.05
C GLY J 103 -5.43 25.05 -16.06
N GLY J 104 -4.37 25.05 -15.23
CA GLY J 104 -4.15 26.09 -14.22
C GLY J 104 -4.66 25.71 -12.85
N HIS J 105 -4.23 26.40 -11.83
CA HIS J 105 -4.66 26.02 -10.47
C HIS J 105 -5.09 27.27 -9.72
N TYR J 106 -6.03 27.13 -8.77
CA TYR J 106 -6.51 28.24 -7.92
C TYR J 106 -6.43 27.90 -6.42
N LEU J 107 -5.56 28.64 -5.73
CA LEU J 107 -5.10 28.30 -4.39
C LEU J 107 -5.86 28.90 -3.21
N CYS J 108 -5.70 28.20 -2.08
CA CYS J 108 -6.40 28.39 -0.89
C CYS J 108 -5.62 27.84 0.32
N ASP J 109 -5.64 28.65 1.38
CA ASP J 109 -5.02 28.34 2.64
C ASP J 109 -6.00 27.81 3.69
N PHE J 110 -5.55 26.81 4.43
CA PHE J 110 -6.44 26.04 5.30
C PHE J 110 -5.89 25.90 6.68
N LYS J 111 -6.65 26.43 7.62
CA LYS J 111 -6.33 26.29 9.00
C LYS J 111 -7.56 25.68 9.66
N THR J 112 -7.30 24.71 10.49
CA THR J 112 -8.35 23.92 11.07
C THR J 112 -7.88 23.66 12.48
N THR J 113 -8.80 23.84 13.44
CA THR J 113 -8.58 23.44 14.82
C THR J 113 -9.64 22.43 15.22
N TYR J 114 -9.18 21.31 15.79
CA TYR J 114 -10.09 20.27 16.29
C TYR J 114 -10.15 20.30 17.84
N LYS J 115 -11.28 20.72 18.40
CA LYS J 115 -11.45 20.82 19.85
C LYS J 115 -12.23 19.63 20.45
N ALA J 116 -11.50 18.56 20.74
CA ALA J 116 -12.04 17.38 21.46
C ALA J 116 -12.73 17.82 22.75
N LYS J 117 -13.69 17.02 23.22
CA LYS J 117 -14.38 17.32 24.48
C LYS J 117 -14.23 16.16 25.47
N LYS J 118 -12.97 15.73 25.61
CA LYS J 118 -12.57 14.68 26.53
C LYS J 118 -11.04 14.67 26.54
N VAL J 119 -10.49 14.31 27.69
CA VAL J 119 -9.10 13.90 27.83
C VAL J 119 -8.70 12.89 26.74
N VAL J 120 -7.82 13.30 25.82
CA VAL J 120 -7.20 12.37 24.83
C VAL J 120 -5.68 12.42 24.92
N GLN J 121 -5.01 11.46 24.28
CA GLN J 121 -3.56 11.38 24.33
C GLN J 121 -2.96 12.19 23.15
N LEU J 122 -2.44 13.38 23.44
CA LEU J 122 -2.02 14.29 22.38
C LEU J 122 -0.89 13.77 21.46
N PRO J 123 -0.96 14.10 20.15
CA PRO J 123 0.06 13.60 19.27
C PRO J 123 1.21 14.59 19.09
N ASP J 124 2.20 14.09 18.38
CA ASP J 124 3.33 14.89 17.96
C ASP J 124 3.06 15.20 16.47
N TYR J 125 3.86 16.11 15.93
CA TYR J 125 3.72 16.61 14.58
C TYR J 125 3.56 15.49 13.57
N HIS J 126 2.56 15.59 12.71
CA HIS J 126 2.27 14.54 11.75
C HIS J 126 1.39 15.08 10.60
N PHE J 127 1.08 14.21 9.65
CA PHE J 127 0.44 14.67 8.42
C PHE J 127 -0.67 13.72 7.99
N VAL J 128 -1.52 14.19 7.10
CA VAL J 128 -2.57 13.35 6.55
C VAL J 128 -2.58 13.63 5.09
N ASP J 129 -2.38 12.58 4.29
CA ASP J 129 -2.57 12.72 2.88
C ASP J 129 -4.08 12.73 2.78
N HIS J 130 -4.63 13.79 2.17
CA HIS J 130 -6.03 13.80 1.70
C HIS J 130 -6.25 13.60 0.19
N ARG J 131 -7.31 12.86 -0.19
CA ARG J 131 -7.96 13.09 -1.47
C ARG J 131 -9.47 13.15 -1.28
N ILE J 132 -10.06 14.30 -1.66
CA ILE J 132 -11.49 14.49 -1.58
C ILE J 132 -11.93 14.54 -3.00
N GLU J 133 -13.09 13.92 -3.28
CA GLU J 133 -13.61 13.74 -4.64
C GLU J 133 -15.16 13.76 -4.74
N ILE J 134 -15.64 14.62 -5.62
CA ILE J 134 -16.97 14.43 -6.19
C ILE J 134 -16.93 13.16 -7.08
N LEU J 135 -17.76 12.17 -6.73
CA LEU J 135 -17.86 10.91 -7.48
C LEU J 135 -19.12 10.82 -8.31
N SER J 136 -20.15 11.57 -7.92
CA SER J 136 -21.32 11.82 -8.79
C SER J 136 -22.11 13.12 -8.41
N ASN J 137 -22.81 13.67 -9.38
CA ASN J 137 -23.42 14.97 -9.26
C ASN J 137 -24.40 15.20 -10.39
N ASP J 138 -25.68 15.39 -10.12
CA ASP J 138 -26.48 15.94 -11.22
C ASP J 138 -25.87 17.22 -11.72
N SER J 139 -26.28 17.61 -12.93
CA SER J 139 -25.87 18.87 -13.59
C SER J 139 -25.92 20.10 -12.69
N ASP J 140 -27.11 20.47 -12.16
CA ASP J 140 -27.18 21.66 -11.26
C ASP J 140 -26.53 21.47 -9.85
N TYR J 141 -26.12 20.23 -9.57
CA TYR J 141 -25.50 19.77 -8.30
C TYR J 141 -26.45 19.68 -7.12
N ASN J 142 -27.76 19.66 -7.38
N ASN J 142 -27.76 19.66 -7.41
CA ASN J 142 -28.69 19.47 -6.28
CA ASN J 142 -28.76 19.42 -6.36
C ASN J 142 -28.37 18.18 -5.52
C ASN J 142 -28.36 18.20 -5.56
N LYS J 143 -28.12 17.09 -6.25
CA LYS J 143 -27.75 15.83 -5.64
C LYS J 143 -26.26 15.45 -5.96
N VAL J 144 -25.44 15.40 -4.92
CA VAL J 144 -23.99 15.17 -5.07
C VAL J 144 -23.52 14.02 -4.15
N LYS J 145 -22.70 13.12 -4.69
CA LYS J 145 -22.09 12.06 -3.87
C LYS J 145 -20.63 12.30 -3.65
N LEU J 146 -20.21 12.19 -2.39
CA LEU J 146 -18.92 12.68 -2.03
C LEU J 146 -18.01 11.64 -1.30
N TYR J 147 -16.75 11.65 -1.68
CA TYR J 147 -15.82 10.66 -1.17
C TYR J 147 -14.60 11.43 -0.69
N GLU J 148 -13.96 10.88 0.35
CA GLU J 148 -12.71 11.40 0.91
C GLU J 148 -11.89 10.23 1.53
N HIS J 149 -10.64 10.10 1.10
CA HIS J 149 -9.70 9.23 1.79
C HIS J 149 -8.84 10.04 2.85
N GLY J 150 -8.19 9.32 3.77
CA GLY J 150 -7.28 9.91 4.74
C GLY J 150 -6.29 8.89 5.24
N VAL J 151 -5.02 9.28 5.38
CA VAL J 151 -3.99 8.42 6.02
C VAL J 151 -3.05 9.25 6.94
N ALA J 152 -3.13 9.00 8.25
CA ALA J 152 -2.19 9.59 9.21
C ALA J 152 -0.79 9.27 8.75
N ARG J 153 0.16 10.11 9.14
CA ARG J 153 1.51 10.01 8.60
C ARG J 153 2.63 10.63 9.42
N TYR J 154 3.77 9.94 9.48
CA TYR J 154 5.06 10.57 9.79
C TYR J 154 5.79 10.75 8.48
N SER J 155 6.97 11.35 8.56
CA SER J 155 7.82 11.39 7.42
C SER J 155 8.15 9.96 7.01
N PRO J 156 8.18 9.73 5.69
CA PRO J 156 8.74 8.51 5.21
C PRO J 156 10.26 8.67 4.98
N LEU J 157 10.88 9.75 5.52
CA LEU J 157 12.31 10.07 5.36
C LEU J 157 13.07 9.91 6.70
N PRO J 158 14.24 9.22 6.65
CA PRO J 158 15.00 8.97 7.88
C PRO J 158 15.66 10.20 8.49
N SER J 159 15.37 10.43 9.76
CA SER J 159 16.14 11.37 10.53
C SER J 159 17.59 10.91 10.68
N GLN J 160 18.52 11.57 9.98
CA GLN J 160 19.94 11.30 10.17
C GLN J 160 20.49 11.83 11.48
N ALA J 161 19.62 12.18 12.43
CA ALA J 161 20.05 12.78 13.69
C ALA J 161 21.05 11.91 14.49
N TRP J 162 22.23 12.50 14.73
CA TRP J 162 23.23 11.92 15.60
C TRP J 162 24.18 13.01 16.09
N LEU K 4 -9.87 -40.66 -24.33
CA LEU K 4 -8.49 -41.07 -23.89
C LEU K 4 -8.35 -42.59 -23.72
N ILE K 5 -9.47 -43.25 -23.42
CA ILE K 5 -9.49 -44.68 -23.13
C ILE K 5 -9.96 -45.46 -24.36
N LYS K 6 -9.25 -46.56 -24.65
CA LYS K 6 -9.43 -47.37 -25.86
C LYS K 6 -9.76 -48.82 -25.51
N GLU K 7 -10.37 -49.55 -26.45
CA GLU K 7 -10.80 -50.95 -26.22
C GLU K 7 -9.76 -51.84 -25.48
N ASP K 8 -8.48 -51.68 -25.78
CA ASP K 8 -7.39 -52.41 -25.10
C ASP K 8 -6.46 -51.46 -24.32
N MET K 9 -6.55 -51.47 -22.99
CA MET K 9 -5.55 -50.84 -22.11
C MET K 9 -4.84 -51.91 -21.27
N ARG K 10 -3.89 -51.46 -20.45
CA ARG K 10 -3.15 -52.29 -19.49
C ARG K 10 -3.27 -51.69 -18.06
N VAL K 11 -2.89 -52.48 -17.03
CA VAL K 11 -3.10 -52.13 -15.59
C VAL K 11 -1.90 -52.48 -14.69
N LYS K 12 -1.69 -51.60 -13.70
CA LYS K 12 -0.58 -51.64 -12.78
C LYS K 12 -1.04 -51.24 -11.38
N VAL K 13 -0.60 -52.01 -10.37
CA VAL K 13 -1.21 -51.97 -9.02
C VAL K 13 -0.20 -52.10 -7.93
N HIS K 14 -0.24 -51.20 -6.96
CA HIS K 14 0.59 -51.28 -5.77
C HIS K 14 -0.32 -51.37 -4.52
N MET K 15 -0.06 -52.35 -3.64
CA MET K 15 -0.82 -52.48 -2.40
C MET K 15 0.07 -52.75 -1.20
N GLU K 16 -0.04 -51.88 -0.22
CA GLU K 16 0.47 -52.11 1.15
C GLU K 16 -0.68 -52.55 2.07
N GLY K 17 -0.32 -53.30 3.10
CA GLY K 17 -1.34 -53.97 3.89
C GLY K 17 -0.90 -54.54 5.20
N ASN K 18 -1.90 -54.86 6.00
CA ASN K 18 -1.73 -55.45 7.32
C ASN K 18 -3.06 -56.09 7.58
N VAL K 19 -3.04 -57.28 8.18
CA VAL K 19 -4.27 -58.03 8.44
C VAL K 19 -4.04 -58.84 9.71
N ASN K 20 -4.83 -58.55 10.75
CA ASN K 20 -4.67 -59.19 12.06
C ASN K 20 -3.26 -59.07 12.68
N GLY K 21 -2.45 -58.14 12.19
CA GLY K 21 -1.06 -57.99 12.64
C GLY K 21 -0.08 -58.13 11.48
N HIS K 22 -0.28 -59.14 10.64
CA HIS K 22 0.67 -59.39 9.57
C HIS K 22 0.72 -58.33 8.48
N ALA K 23 1.90 -57.75 8.22
CA ALA K 23 2.04 -56.84 7.05
C ALA K 23 2.36 -57.56 5.71
N PHE K 24 2.18 -56.83 4.61
CA PHE K 24 2.46 -57.31 3.25
C PHE K 24 2.41 -56.18 2.20
N VAL K 25 3.33 -56.27 1.24
CA VAL K 25 3.23 -55.50 0.03
C VAL K 25 2.99 -56.50 -1.11
N ILE K 26 2.06 -56.12 -1.98
CA ILE K 26 1.70 -56.89 -3.14
C ILE K 26 1.65 -55.89 -4.30
N GLU K 27 2.25 -56.33 -5.42
CA GLU K 27 2.28 -55.58 -6.67
C GLU K 27 1.78 -56.46 -7.79
N GLY K 28 1.27 -55.79 -8.83
CA GLY K 28 0.55 -56.43 -9.91
C GLY K 28 0.68 -55.70 -11.25
N GLU K 29 0.65 -56.46 -12.33
CA GLU K 29 0.75 -55.89 -13.66
C GLU K 29 -0.15 -56.73 -14.51
N GLY K 30 -0.91 -56.08 -15.37
CA GLY K 30 -2.02 -56.73 -15.97
C GLY K 30 -2.70 -55.83 -16.97
N LYS K 31 -3.89 -56.24 -17.33
CA LYS K 31 -4.65 -55.56 -18.35
C LYS K 31 -6.18 -55.64 -18.18
N GLY K 32 -6.89 -54.83 -18.93
CA GLY K 32 -8.32 -54.94 -19.07
C GLY K 32 -8.81 -54.35 -20.40
N LYS K 33 -10.07 -54.55 -20.67
CA LYS K 33 -10.69 -53.92 -21.78
C LYS K 33 -11.79 -53.11 -21.15
N PRO K 34 -11.56 -51.74 -21.20
CA PRO K 34 -12.55 -50.94 -20.45
C PRO K 34 -14.01 -51.21 -20.69
N TYR K 35 -14.46 -51.06 -21.92
CA TYR K 35 -15.85 -51.02 -22.36
C TYR K 35 -16.47 -52.41 -22.50
N GLU K 36 -15.63 -53.45 -22.43
CA GLU K 36 -16.10 -54.81 -22.27
C GLU K 36 -16.47 -55.13 -20.77
N GLY K 37 -15.85 -54.41 -19.83
CA GLY K 37 -16.03 -54.68 -18.39
C GLY K 37 -14.95 -55.55 -17.73
N THR K 38 -14.19 -56.24 -18.58
CA THR K 38 -13.19 -57.25 -18.16
C THR K 38 -11.79 -56.70 -17.87
N GLN K 39 -11.15 -57.18 -16.78
CA GLN K 39 -9.70 -56.98 -16.55
C GLN K 39 -9.05 -58.15 -15.84
N THR K 40 -7.71 -58.18 -15.94
CA THR K 40 -6.87 -59.35 -15.59
C THR K 40 -5.56 -58.87 -15.04
N LEU K 41 -5.17 -59.45 -13.91
CA LEU K 41 -4.02 -58.94 -13.20
C LEU K 41 -3.14 -60.12 -12.74
N ASN K 42 -1.82 -59.93 -12.86
CA ASN K 42 -0.83 -60.89 -12.44
C ASN K 42 -0.25 -60.36 -11.16
N LEU K 43 -0.61 -61.00 -10.05
CA LEU K 43 -0.23 -60.51 -8.78
C LEU K 43 1.01 -61.20 -8.19
N THR K 44 1.91 -60.37 -7.62
CA THR K 44 3.10 -60.77 -6.89
C THR K 44 3.05 -60.17 -5.43
N VAL K 45 3.10 -61.01 -4.43
CA VAL K 45 3.45 -60.63 -3.07
C VAL K 45 4.99 -60.46 -2.93
N LYS K 46 5.47 -59.22 -2.79
CA LYS K 46 6.89 -58.94 -2.66
C LYS K 46 7.31 -58.73 -1.20
N GLU K 47 6.32 -58.59 -0.32
CA GLU K 47 6.52 -58.64 1.13
C GLU K 47 5.43 -59.40 1.88
N GLY K 48 5.88 -60.05 2.96
CA GLY K 48 5.02 -60.67 3.96
C GLY K 48 4.64 -62.12 3.70
N ALA K 49 5.11 -62.65 2.57
CA ALA K 49 4.92 -64.04 2.24
C ALA K 49 5.48 -65.01 3.31
N PRO K 50 4.83 -66.17 3.49
CA PRO K 50 3.59 -66.55 2.83
C PRO K 50 2.39 -65.95 3.61
N LEU K 51 1.37 -65.44 2.92
CA LEU K 51 0.24 -64.74 3.60
C LEU K 51 -0.45 -65.73 4.48
N PRO K 52 -0.63 -65.46 5.79
CA PRO K 52 -1.38 -66.40 6.72
C PRO K 52 -2.90 -66.44 6.59
N PHE K 53 -3.42 -65.73 5.60
CA PHE K 53 -4.88 -65.49 5.57
C PHE K 53 -5.41 -65.56 4.14
N SER K 54 -6.72 -65.87 3.99
CA SER K 54 -7.29 -66.09 2.67
C SER K 54 -7.07 -64.89 1.76
N TYR K 55 -6.34 -65.11 0.69
CA TYR K 55 -6.12 -64.08 -0.33
C TYR K 55 -7.44 -63.38 -0.77
N ASP K 56 -8.53 -64.12 -0.74
CA ASP K 56 -9.83 -63.64 -1.33
C ASP K 56 -10.26 -62.26 -0.80
N ILE K 57 -10.02 -62.01 0.49
CA ILE K 57 -10.29 -60.65 1.07
C ILE K 57 -9.60 -59.54 0.28
N LEU K 58 -8.35 -59.75 -0.12
CA LEU K 58 -7.60 -58.73 -0.89
C LEU K 58 -8.14 -58.49 -2.27
N THR K 59 -8.80 -59.46 -2.88
CA THR K 59 -9.01 -59.42 -4.33
C THR K 59 -9.85 -58.24 -4.94
N THR K 60 -11.00 -57.95 -4.33
CA THR K 60 -11.85 -56.86 -4.81
C THR K 60 -11.18 -55.52 -4.62
N ALA K 61 -10.05 -55.46 -3.89
CA ALA K 61 -9.27 -54.21 -3.81
C ALA K 61 -8.12 -54.08 -4.83
CD2 NLW K 62 -3.79 -56.83 -4.44
CG NLW K 62 -5.22 -57.35 -4.65
CD1 NLW K 62 -5.26 -58.87 -4.61
CB NLW K 62 -5.78 -56.79 -5.97
CA NLW K 62 -6.33 -55.35 -6.03
N NLW K 62 -7.43 -55.20 -5.06
C NLW K 62 -6.80 -55.11 -7.45
O NLW K 62 -6.01 -54.66 -8.30
NH2 NLW K 62 -7.91 -55.73 -7.88
C1 RC7 L 1 -11.96 -54.92 -8.17
N2 RC7 L 1 -13.12 -55.44 -7.92
CA2 RC7 L 1 -13.91 -54.59 -7.13
C2 RC7 L 1 -13.05 -53.38 -6.99
O2 RC7 L 1 -13.27 -52.40 -6.44
N3 RC7 L 1 -11.87 -53.61 -7.73
CA3 RC7 L 1 -10.63 -52.80 -7.78
C3 RC7 L 1 -10.79 -51.60 -8.65
O3 RC7 L 1 -10.43 -50.64 -8.07
CA1 RC7 L 1 -11.00 -55.38 -8.89
CB2 RC7 L 1 -15.15 -54.78 -6.63
CG2 RC7 L 1 -16.17 -55.85 -6.67
CD1 RC7 L 1 -17.51 -55.74 -6.23
CD2 RC7 L 1 -15.79 -57.03 -7.21
CE1 RC7 L 1 -18.38 -56.84 -6.33
CE2 RC7 L 1 -16.63 -58.08 -7.30
CZ RC7 L 1 -17.89 -58.03 -6.88
OH RC7 L 1 -18.55 -59.15 -7.06
CB1 RC7 L 1 -11.01 -56.41 -9.73
CG1 RC7 L 1 -9.64 -56.66 -10.62
ND1 RC7 L 1 -8.53 -55.90 -10.60
CD3 RC7 L 1 -9.39 -57.64 -11.47
NE1 RC7 L 1 -8.18 -57.39 -11.96
CE3 RC7 L 1 -7.67 -56.35 -11.41
N ASN L 2 -11.31 -51.54 -10.16
CA ASN L 2 -11.34 -50.23 -10.77
C ASN L 2 -12.49 -50.10 -11.72
N ARG L 3 -13.52 -49.45 -11.26
CA ARG L 3 -14.77 -49.40 -11.95
C ARG L 3 -14.74 -48.83 -13.35
N VAL L 4 -13.63 -48.38 -13.92
CA VAL L 4 -13.35 -48.10 -15.35
C VAL L 4 -13.45 -49.37 -16.19
N PHE L 5 -13.12 -50.51 -15.57
CA PHE L 5 -13.35 -51.81 -16.20
C PHE L 5 -14.72 -52.32 -15.73
N THR L 6 -15.69 -51.88 -16.51
CA THR L 6 -17.10 -52.03 -16.29
C THR L 6 -17.76 -51.53 -17.52
N LYS L 7 -18.65 -52.27 -18.10
CA LYS L 7 -19.38 -51.80 -19.25
C LYS L 7 -20.20 -50.65 -18.72
N TYR L 8 -20.70 -49.76 -19.56
CA TYR L 8 -21.70 -48.75 -19.20
C TYR L 8 -22.48 -48.36 -20.43
N PRO L 9 -23.86 -48.45 -20.29
CA PRO L 9 -24.59 -48.09 -21.51
C PRO L 9 -24.57 -46.64 -22.01
N GLU L 10 -24.84 -46.58 -23.28
CA GLU L 10 -25.00 -45.34 -23.98
C GLU L 10 -25.86 -44.32 -23.25
N ASP L 11 -26.82 -44.84 -22.50
CA ASP L 11 -27.78 -44.11 -21.71
C ASP L 11 -27.64 -44.30 -20.17
N ILE L 12 -26.66 -43.62 -19.59
CA ILE L 12 -26.22 -43.79 -18.21
C ILE L 12 -24.82 -43.21 -18.02
N PRO L 13 -24.65 -42.36 -16.91
CA PRO L 13 -23.27 -41.98 -16.65
C PRO L 13 -22.31 -43.05 -16.09
N ASP L 14 -21.44 -43.49 -17.00
CA ASP L 14 -20.09 -44.01 -16.79
C ASP L 14 -19.21 -42.99 -16.08
N TYR L 15 -19.43 -42.84 -14.78
CA TYR L 15 -18.77 -41.86 -13.90
C TYR L 15 -17.27 -41.87 -14.09
N PHE L 16 -16.71 -43.09 -14.15
CA PHE L 16 -15.29 -43.33 -13.91
C PHE L 16 -14.37 -42.98 -15.06
N LYS L 17 -14.81 -43.34 -16.27
CA LYS L 17 -14.18 -42.89 -17.50
C LYS L 17 -14.12 -41.36 -17.49
N GLN L 18 -15.27 -40.72 -17.28
CA GLN L 18 -15.41 -39.26 -17.40
C GLN L 18 -14.79 -38.46 -16.23
N SER L 19 -14.11 -39.16 -15.32
CA SER L 19 -13.37 -38.52 -14.22
C SER L 19 -11.90 -38.29 -14.60
N PHE L 20 -11.44 -39.05 -15.59
CA PHE L 20 -10.10 -38.95 -16.14
C PHE L 20 -10.14 -37.89 -17.24
N PRO L 21 -9.00 -37.27 -17.56
CA PRO L 21 -7.63 -37.71 -17.28
C PRO L 21 -7.19 -37.48 -15.84
N GLU L 22 -7.88 -36.54 -15.19
CA GLU L 22 -7.60 -36.19 -13.81
C GLU L 22 -7.31 -37.47 -13.02
N GLY L 23 -8.33 -38.31 -12.90
CA GLY L 23 -8.23 -39.49 -12.09
C GLY L 23 -9.48 -39.67 -11.28
N TYR L 24 -9.29 -40.33 -10.14
CA TYR L 24 -10.31 -40.49 -9.11
C TYR L 24 -9.74 -41.29 -7.90
N SER L 25 -10.58 -41.46 -6.89
CA SER L 25 -10.25 -42.21 -5.69
C SER L 25 -11.43 -43.09 -5.30
N TRP L 26 -11.18 -44.17 -4.56
CA TRP L 26 -12.27 -44.81 -3.79
C TRP L 26 -11.87 -45.11 -2.36
N GLU L 27 -12.87 -45.46 -1.55
CA GLU L 27 -12.78 -45.51 -0.06
C GLU L 27 -13.81 -46.51 0.38
N ARG L 28 -13.44 -47.51 1.21
CA ARG L 28 -14.26 -48.73 1.30
C ARG L 28 -14.16 -49.41 2.64
N THR L 29 -15.31 -49.91 3.08
CA THR L 29 -15.49 -50.49 4.38
C THR L 29 -16.07 -51.82 4.05
N MET L 30 -15.58 -52.87 4.72
CA MET L 30 -15.99 -54.22 4.43
C MET L 30 -16.23 -54.74 5.79
N THR L 31 -17.47 -55.05 6.05
CA THR L 31 -17.87 -55.53 7.32
C THR L 31 -18.30 -56.96 7.12
N TYR L 32 -17.69 -57.89 7.88
CA TYR L 32 -17.99 -59.31 7.70
C TYR L 32 -18.81 -59.78 8.86
N GLU L 33 -19.56 -60.87 8.71
CA GLU L 33 -20.62 -61.33 9.69
C GLU L 33 -20.10 -61.87 11.01
N ASP L 34 -18.80 -61.80 11.20
CA ASP L 34 -18.13 -62.32 12.40
C ASP L 34 -17.22 -61.20 12.86
N LYS L 35 -17.65 -59.98 12.58
CA LYS L 35 -17.02 -58.78 13.10
C LYS L 35 -15.52 -58.60 12.80
N GLY L 36 -14.94 -59.37 11.87
CA GLY L 36 -13.62 -59.00 11.33
C GLY L 36 -13.91 -57.94 10.30
N ILE L 37 -12.97 -57.01 10.02
CA ILE L 37 -13.35 -55.79 9.30
C ILE L 37 -12.21 -55.34 8.39
N CYS L 38 -12.49 -54.57 7.33
CA CYS L 38 -11.40 -54.03 6.47
C CYS L 38 -11.62 -52.63 5.87
N THR L 39 -10.57 -51.80 5.96
CA THR L 39 -10.64 -50.47 5.39
C THR L 39 -9.60 -50.31 4.31
N ILE L 40 -9.99 -49.55 3.28
CA ILE L 40 -9.30 -49.56 2.03
C ILE L 40 -9.46 -48.23 1.25
N ARG L 41 -8.34 -47.78 0.67
CA ARG L 41 -8.26 -46.51 -0.05
C ARG L 41 -7.50 -46.69 -1.35
N SER L 42 -8.16 -46.43 -2.48
CA SER L 42 -7.53 -46.55 -3.80
C SER L 42 -7.48 -45.22 -4.60
N ASP L 43 -6.25 -44.80 -4.86
CA ASP L 43 -5.94 -43.70 -5.76
C ASP L 43 -5.80 -44.40 -7.07
N ILE L 44 -6.58 -43.99 -8.05
CA ILE L 44 -6.51 -44.63 -9.36
C ILE L 44 -6.05 -43.62 -10.40
N SER L 45 -4.84 -43.86 -10.92
CA SER L 45 -4.14 -42.91 -11.78
C SER L 45 -4.15 -43.33 -13.25
N LEU L 46 -3.47 -42.55 -14.09
CA LEU L 46 -3.07 -42.99 -15.45
C LEU L 46 -1.66 -42.44 -15.76
N GLU L 47 -1.13 -42.91 -16.89
CA GLU L 47 0.06 -42.36 -17.56
C GLU L 47 0.09 -43.14 -18.87
N GLY L 48 -0.40 -42.52 -19.95
CA GLY L 48 -0.46 -43.14 -21.26
C GLY L 48 -1.56 -44.19 -21.39
N ASP L 49 -1.16 -45.45 -21.58
CA ASP L 49 -2.08 -46.57 -21.71
C ASP L 49 -2.32 -47.33 -20.37
N CYS L 50 -1.78 -46.84 -19.25
CA CYS L 50 -1.75 -47.67 -18.03
C CYS L 50 -2.28 -47.05 -16.72
N PHE L 51 -3.19 -47.79 -16.08
CA PHE L 51 -3.79 -47.37 -14.82
C PHE L 51 -2.93 -47.79 -13.60
N PHE L 52 -2.59 -46.81 -12.77
CA PHE L 52 -1.79 -47.03 -11.57
C PHE L 52 -2.66 -47.02 -10.33
N GLN L 53 -3.04 -48.22 -9.87
CA GLN L 53 -3.83 -48.35 -8.67
C GLN L 53 -2.89 -48.31 -7.48
N ASN L 54 -2.92 -47.19 -6.80
CA ASN L 54 -2.24 -47.07 -5.55
C ASN L 54 -3.20 -47.27 -4.41
N VAL L 55 -2.96 -48.29 -3.61
CA VAL L 55 -3.92 -48.72 -2.64
C VAL L 55 -3.36 -49.09 -1.29
N ARG L 56 -4.22 -48.87 -0.32
CA ARG L 56 -4.00 -49.19 1.10
C ARG L 56 -5.10 -50.02 1.72
N PHE L 57 -4.70 -51.08 2.39
CA PHE L 57 -5.64 -52.09 2.89
C PHE L 57 -5.19 -52.43 4.29
N ASN L 58 -6.18 -52.68 5.15
CA ASN L 58 -6.07 -52.77 6.59
C ASN L 58 -7.20 -53.62 7.09
N GLY L 59 -6.91 -54.79 7.65
CA GLY L 59 -7.98 -55.58 8.21
C GLY L 59 -7.61 -56.05 9.57
N MET L 60 -8.60 -56.52 10.34
CA MET L 60 -8.32 -56.99 11.69
C MET L 60 -9.55 -57.61 12.31
N ASN L 61 -9.38 -58.13 13.52
CA ASN L 61 -10.49 -58.61 14.31
C ASN L 61 -11.18 -59.82 13.71
N PHE L 62 -10.67 -60.29 12.57
CA PHE L 62 -10.99 -61.64 12.12
C PHE L 62 -10.63 -62.55 13.28
N PRO L 63 -11.51 -63.53 13.57
CA PRO L 63 -11.06 -64.44 14.60
C PRO L 63 -9.95 -65.29 14.01
N PRO L 64 -8.96 -65.70 14.82
CA PRO L 64 -7.94 -66.67 14.36
C PRO L 64 -8.60 -67.92 13.78
N ASN L 65 -9.48 -68.52 14.57
N ASN L 65 -9.47 -68.54 14.56
CA ASN L 65 -10.22 -69.73 14.19
CA ASN L 65 -10.16 -69.77 14.15
C ASN L 65 -11.21 -69.56 13.03
C ASN L 65 -11.22 -69.57 13.04
N GLY L 66 -11.54 -68.32 12.68
CA GLY L 66 -12.40 -68.01 11.52
C GLY L 66 -11.85 -68.43 10.14
N PRO L 67 -12.55 -68.10 9.06
CA PRO L 67 -12.28 -68.72 7.76
C PRO L 67 -11.30 -67.96 6.91
N VAL L 68 -11.06 -66.69 7.27
CA VAL L 68 -10.05 -65.86 6.61
C VAL L 68 -8.65 -66.15 7.13
N MET L 69 -8.51 -66.42 8.42
CA MET L 69 -7.17 -66.79 8.96
C MET L 69 -6.85 -68.28 8.71
N GLN L 70 -7.89 -69.14 8.67
CA GLN L 70 -7.80 -70.61 8.40
C GLN L 70 -7.97 -71.03 6.92
N LYS L 71 -7.78 -70.08 6.00
CA LYS L 71 -7.93 -70.27 4.51
C LYS L 71 -9.02 -71.18 4.01
N LYS L 72 -10.26 -70.94 4.40
CA LYS L 72 -11.34 -71.82 3.99
C LYS L 72 -12.13 -71.27 2.81
N THR L 73 -11.94 -69.98 2.47
CA THR L 73 -12.68 -69.44 1.35
C THR L 73 -12.27 -70.09 0.01
N LEU L 74 -13.27 -70.54 -0.76
CA LEU L 74 -13.03 -70.99 -2.12
C LEU L 74 -13.07 -69.80 -3.10
N LYS L 75 -14.14 -69.03 -3.04
CA LYS L 75 -14.28 -67.80 -3.85
C LYS L 75 -15.36 -66.84 -3.34
N TRP L 76 -15.36 -65.65 -3.94
CA TRP L 76 -16.50 -64.73 -3.84
C TRP L 76 -17.61 -65.20 -4.72
N GLU L 77 -18.86 -65.11 -4.23
CA GLU L 77 -19.98 -65.29 -5.12
C GLU L 77 -20.06 -64.05 -6.05
N PRO L 78 -20.55 -64.22 -7.28
CA PRO L 78 -20.87 -63.01 -7.98
C PRO L 78 -21.88 -62.24 -7.12
N SER L 79 -21.98 -60.96 -7.38
CA SER L 79 -22.82 -60.04 -6.64
C SER L 79 -23.44 -58.98 -7.57
N THR L 80 -24.25 -58.11 -6.97
CA THR L 80 -24.83 -56.92 -7.64
C THR L 80 -24.64 -55.77 -6.69
N GLU L 81 -24.03 -54.70 -7.19
CA GLU L 81 -23.74 -53.55 -6.37
C GLU L 81 -24.68 -52.41 -6.69
N LYS L 82 -25.13 -51.74 -5.63
CA LYS L 82 -26.18 -50.72 -5.73
C LYS L 82 -25.52 -49.38 -5.74
N LEU L 83 -25.79 -48.60 -6.78
CA LEU L 83 -25.14 -47.31 -6.97
C LEU L 83 -26.13 -46.12 -6.92
N HIS L 84 -25.81 -45.20 -5.99
CA HIS L 84 -26.62 -44.05 -5.58
C HIS L 84 -25.71 -42.88 -5.12
N VAL L 85 -26.05 -41.70 -5.63
CA VAL L 85 -25.37 -40.44 -5.30
C VAL L 85 -25.75 -39.92 -3.91
N ARG L 86 -24.73 -39.65 -3.12
CA ARG L 86 -24.90 -39.05 -1.79
C ARG L 86 -23.92 -37.92 -1.71
N ASP L 87 -24.41 -36.70 -1.45
CA ASP L 87 -23.63 -35.46 -1.51
C ASP L 87 -22.77 -35.27 -2.76
N GLY L 88 -23.26 -35.65 -3.94
CA GLY L 88 -22.58 -35.34 -5.25
C GLY L 88 -21.63 -36.37 -5.89
N LEU L 89 -21.18 -37.32 -5.08
CA LEU L 89 -20.20 -38.33 -5.49
C LEU L 89 -20.91 -39.68 -5.77
N LEU L 90 -20.15 -40.74 -6.08
CA LEU L 90 -20.72 -42.10 -6.24
C LEU L 90 -20.48 -43.06 -5.04
N VAL L 91 -21.60 -43.64 -4.57
CA VAL L 91 -21.63 -44.52 -3.41
C VAL L 91 -22.17 -45.87 -3.85
N GLY L 92 -21.56 -46.95 -3.38
CA GLY L 92 -21.97 -48.30 -3.86
C GLY L 92 -22.21 -49.23 -2.70
N ASN L 93 -23.27 -50.05 -2.75
CA ASN L 93 -23.44 -51.06 -1.66
C ASN L 93 -23.61 -52.49 -2.22
N ILE L 94 -23.12 -53.49 -1.46
CA ILE L 94 -23.07 -54.92 -1.91
C ILE L 94 -23.22 -55.88 -0.72
N ASN L 95 -24.17 -56.81 -0.79
CA ASN L 95 -24.14 -58.02 0.07
C ASN L 95 -23.23 -59.10 -0.57
N MET L 96 -22.08 -59.35 0.03
CA MET L 96 -21.08 -60.23 -0.50
C MET L 96 -21.03 -61.50 0.29
N ALA L 97 -20.73 -62.58 -0.41
CA ALA L 97 -20.63 -63.85 0.27
C ALA L 97 -19.37 -64.59 -0.26
N LEU L 98 -18.70 -65.35 0.63
CA LEU L 98 -17.52 -66.17 0.32
C LEU L 98 -17.98 -67.58 0.49
N LEU L 99 -18.01 -68.38 -0.59
CA LEU L 99 -18.49 -69.77 -0.50
C LEU L 99 -17.39 -70.47 0.29
N LEU L 100 -17.74 -71.33 1.23
CA LEU L 100 -16.73 -72.03 1.99
C LEU L 100 -16.51 -73.41 1.42
N GLU L 101 -15.35 -74.00 1.75
CA GLU L 101 -15.23 -75.45 1.73
C GLU L 101 -16.55 -76.02 2.31
N GLY L 102 -17.15 -76.98 1.62
CA GLY L 102 -18.41 -77.56 2.07
C GLY L 102 -19.58 -76.58 2.03
N GLY L 103 -19.80 -75.98 0.85
CA GLY L 103 -21.12 -75.34 0.46
C GLY L 103 -21.62 -74.10 1.21
N GLY L 104 -21.22 -73.94 2.46
CA GLY L 104 -21.71 -72.84 3.31
C GLY L 104 -21.07 -71.55 2.90
N HIS L 105 -21.75 -70.44 3.22
CA HIS L 105 -21.32 -69.11 2.84
C HIS L 105 -21.00 -68.35 4.09
N TYR L 106 -20.00 -67.46 3.95
CA TYR L 106 -19.53 -66.53 4.96
C TYR L 106 -19.74 -65.16 4.32
N LEU L 107 -20.56 -64.36 4.99
CA LEU L 107 -21.12 -63.11 4.51
C LEU L 107 -20.37 -61.91 4.96
N CYS L 108 -20.46 -60.89 4.15
CA CYS L 108 -19.77 -59.64 4.35
C CYS L 108 -20.64 -58.57 3.75
N ASP L 109 -20.76 -57.48 4.48
CA ASP L 109 -21.24 -56.24 3.92
C ASP L 109 -20.13 -55.32 3.49
N PHE L 110 -20.26 -54.78 2.26
CA PHE L 110 -19.35 -53.80 1.69
C PHE L 110 -19.93 -52.36 1.77
N LYS L 111 -19.06 -51.37 1.55
CA LYS L 111 -19.45 -49.96 1.36
C LYS L 111 -18.33 -49.07 0.73
N THR L 112 -18.60 -48.53 -0.45
CA THR L 112 -17.60 -47.92 -1.31
C THR L 112 -17.92 -46.49 -1.80
N THR L 113 -17.25 -45.51 -1.19
CA THR L 113 -17.44 -44.13 -1.55
C THR L 113 -16.53 -43.83 -2.74
N TYR L 114 -17.13 -43.90 -3.94
CA TYR L 114 -16.41 -43.55 -5.17
C TYR L 114 -16.38 -42.02 -5.31
N LYS L 115 -15.19 -41.48 -5.54
CA LYS L 115 -14.93 -40.04 -5.53
C LYS L 115 -14.01 -39.60 -6.68
N ALA L 116 -14.46 -38.63 -7.47
CA ALA L 116 -13.56 -37.96 -8.38
C ALA L 116 -13.23 -36.59 -7.79
N LYS L 117 -12.24 -35.97 -8.39
CA LYS L 117 -11.71 -34.71 -7.97
C LYS L 117 -11.67 -33.82 -9.22
N LYS L 118 -11.78 -34.48 -10.38
CA LYS L 118 -12.51 -33.98 -11.54
C LYS L 118 -13.93 -34.56 -11.39
N VAL L 119 -14.74 -33.87 -10.62
CA VAL L 119 -15.97 -34.45 -10.00
C VAL L 119 -16.92 -35.32 -10.89
N VAL L 120 -16.91 -35.08 -12.20
CA VAL L 120 -17.91 -35.62 -13.19
C VAL L 120 -19.39 -35.27 -12.93
N GLN L 121 -20.13 -35.25 -14.05
CA GLN L 121 -21.57 -35.55 -14.18
C GLN L 121 -22.16 -36.49 -13.11
N LEU L 122 -23.50 -36.57 -13.07
CA LEU L 122 -24.16 -37.49 -12.15
C LEU L 122 -24.88 -38.67 -12.80
N PRO L 123 -24.92 -39.81 -12.09
CA PRO L 123 -25.85 -40.86 -12.47
C PRO L 123 -27.10 -40.90 -11.59
N ASP L 124 -28.14 -41.52 -12.11
CA ASP L 124 -29.33 -41.86 -11.34
C ASP L 124 -28.98 -43.11 -10.50
N TYR L 125 -29.99 -43.85 -10.00
CA TYR L 125 -29.73 -45.05 -9.25
C TYR L 125 -29.56 -46.22 -10.20
N HIS L 126 -28.47 -46.96 -10.06
CA HIS L 126 -28.27 -48.12 -10.92
C HIS L 126 -27.43 -49.20 -10.23
N PHE L 127 -27.30 -50.34 -10.90
CA PHE L 127 -26.56 -51.45 -10.32
C PHE L 127 -25.41 -51.92 -11.21
N VAL L 128 -24.43 -52.54 -10.55
CA VAL L 128 -23.31 -53.15 -11.21
C VAL L 128 -23.30 -54.62 -10.80
N ASP L 129 -23.57 -55.46 -11.77
CA ASP L 129 -23.48 -56.89 -11.66
C ASP L 129 -22.01 -57.29 -11.82
N HIS L 130 -21.41 -57.86 -10.78
CA HIS L 130 -20.01 -58.36 -10.88
C HIS L 130 -19.88 -59.88 -10.95
N ARG L 131 -18.68 -60.29 -11.34
CA ARG L 131 -18.12 -61.58 -10.98
C ARG L 131 -16.66 -61.25 -10.83
N ILE L 132 -16.05 -61.77 -9.77
CA ILE L 132 -14.63 -61.67 -9.60
C ILE L 132 -14.08 -63.05 -9.30
N GLU L 133 -12.88 -63.29 -9.87
CA GLU L 133 -12.34 -64.66 -9.98
C GLU L 133 -10.81 -64.77 -9.97
N ILE L 134 -10.31 -65.66 -9.11
CA ILE L 134 -8.93 -66.01 -9.15
C ILE L 134 -8.82 -67.11 -10.25
N LEU L 135 -8.16 -66.73 -11.34
CA LEU L 135 -7.92 -67.66 -12.46
C LEU L 135 -6.84 -68.68 -12.10
N SER L 136 -5.76 -68.20 -11.52
CA SER L 136 -4.66 -69.11 -11.22
C SER L 136 -3.86 -68.68 -9.97
N ASN L 137 -3.33 -69.67 -9.24
CA ASN L 137 -2.46 -69.41 -8.08
C ASN L 137 -1.40 -70.49 -7.82
N ASP L 138 -0.18 -70.08 -7.51
CA ASP L 138 0.73 -71.00 -6.83
C ASP L 138 0.19 -71.25 -5.44
N SER L 139 0.66 -72.35 -4.84
CA SER L 139 0.18 -72.88 -3.54
C SER L 139 -0.12 -71.92 -2.37
N ASP L 140 0.87 -71.11 -1.92
CA ASP L 140 0.68 -70.12 -0.84
C ASP L 140 0.18 -68.74 -1.33
N TYR L 141 -0.20 -68.67 -2.59
CA TYR L 141 -0.71 -67.43 -3.24
C TYR L 141 0.30 -66.30 -3.28
N ASN L 142 1.57 -66.61 -3.47
CA ASN L 142 2.54 -65.54 -3.66
C ASN L 142 2.48 -65.02 -5.09
N LYS L 143 1.85 -65.81 -5.98
CA LYS L 143 1.55 -65.41 -7.35
C LYS L 143 0.08 -65.74 -7.65
N VAL L 144 -0.65 -64.81 -8.26
CA VAL L 144 -2.11 -64.97 -8.40
C VAL L 144 -2.48 -64.17 -9.61
N LYS L 145 -3.35 -64.72 -10.43
CA LYS L 145 -3.81 -64.04 -11.64
C LYS L 145 -5.30 -63.74 -11.43
N LEU L 146 -5.72 -62.50 -11.64
CA LEU L 146 -7.07 -62.00 -11.23
C LEU L 146 -7.94 -61.50 -12.38
N TYR L 147 -9.17 -61.99 -12.34
CA TYR L 147 -10.16 -61.66 -13.32
C TYR L 147 -11.31 -60.94 -12.61
N GLU L 148 -11.67 -59.77 -13.13
CA GLU L 148 -12.96 -59.15 -12.88
C GLU L 148 -13.69 -58.92 -14.19
N HIS L 149 -14.93 -59.42 -14.21
CA HIS L 149 -15.95 -58.97 -15.13
C HIS L 149 -17.05 -58.21 -14.33
N GLY L 150 -17.41 -57.01 -14.80
CA GLY L 150 -18.54 -56.25 -14.25
C GLY L 150 -19.37 -55.64 -15.36
N VAL L 151 -20.64 -55.36 -15.11
CA VAL L 151 -21.49 -54.65 -16.10
C VAL L 151 -22.51 -53.75 -15.39
N ALA L 152 -22.35 -52.44 -15.52
CA ALA L 152 -23.31 -51.51 -14.98
C ALA L 152 -24.60 -51.58 -15.77
N ARG L 153 -25.70 -51.28 -15.09
CA ARG L 153 -27.03 -51.46 -15.69
C ARG L 153 -28.18 -50.85 -14.88
N TYR L 154 -29.36 -50.83 -15.50
CA TYR L 154 -30.62 -50.52 -14.84
C TYR L 154 -31.35 -51.82 -14.59
N SER L 155 -32.25 -51.81 -13.61
CA SER L 155 -33.12 -52.95 -13.39
C SER L 155 -33.79 -53.31 -14.70
N PRO L 156 -33.91 -54.62 -14.96
CA PRO L 156 -34.50 -55.15 -16.15
C PRO L 156 -35.98 -55.42 -15.98
N LEU L 157 -36.59 -54.79 -14.98
CA LEU L 157 -38.02 -54.90 -14.76
C LEU L 157 -38.54 -53.54 -15.20
N PRO L 158 -39.36 -53.50 -16.24
CA PRO L 158 -39.82 -52.20 -16.69
C PRO L 158 -40.59 -51.39 -15.63
N SER L 159 -40.29 -50.10 -15.55
CA SER L 159 -41.09 -49.15 -14.78
C SER L 159 -42.59 -49.26 -15.15
N GLN L 160 -43.43 -49.50 -14.14
CA GLN L 160 -44.88 -49.63 -14.31
C GLN L 160 -45.62 -48.34 -13.99
N ALA L 161 -45.23 -47.69 -12.89
CA ALA L 161 -45.97 -46.57 -12.33
C ALA L 161 -45.77 -45.34 -13.17
N TRP L 162 -46.82 -44.51 -13.26
CA TRP L 162 -46.76 -43.29 -14.04
C TRP L 162 -47.55 -42.13 -13.41
N LEU M 4 8.65 -55.80 39.48
CA LEU M 4 8.94 -55.30 38.09
C LEU M 4 8.28 -53.97 37.76
N ILE M 5 7.04 -53.82 38.18
CA ILE M 5 6.29 -52.58 37.95
C ILE M 5 6.16 -51.83 39.28
N LYS M 6 6.75 -50.64 39.33
CA LYS M 6 6.77 -49.79 40.53
C LYS M 6 5.41 -49.08 40.65
N GLU M 7 5.27 -48.27 41.70
CA GLU M 7 4.06 -47.48 41.93
C GLU M 7 4.08 -46.22 41.07
N ASP M 8 5.13 -45.42 41.16
CA ASP M 8 5.36 -44.35 40.17
C ASP M 8 6.16 -44.93 38.99
N MET M 9 5.73 -44.67 37.74
CA MET M 9 6.39 -45.27 36.55
C MET M 9 6.23 -44.46 35.28
N ARG M 10 7.08 -44.73 34.28
CA ARG M 10 7.22 -43.83 33.13
C ARG M 10 6.53 -44.36 31.90
N VAL M 11 6.09 -43.46 31.02
CA VAL M 11 5.51 -43.88 29.72
C VAL M 11 6.01 -43.06 28.54
N LYS M 12 6.12 -43.75 27.40
CA LYS M 12 6.41 -43.15 26.10
C LYS M 12 5.63 -43.81 24.90
N VAL M 13 5.16 -42.95 24.00
CA VAL M 13 4.13 -43.30 23.03
C VAL M 13 4.63 -42.95 21.66
N HIS M 14 4.39 -43.82 20.68
CA HIS M 14 4.66 -43.51 19.25
C HIS M 14 3.45 -44.02 18.47
N MET M 15 2.99 -43.20 17.51
CA MET M 15 1.81 -43.49 16.71
C MET M 15 1.94 -42.93 15.30
N GLU M 16 1.38 -43.66 14.31
CA GLU M 16 1.15 -43.20 12.95
C GLU M 16 -0.33 -43.53 12.67
N GLY M 17 -0.92 -42.83 11.70
CA GLY M 17 -2.33 -42.98 11.37
C GLY M 17 -2.71 -42.12 10.17
N ASN M 18 -3.79 -42.50 9.50
CA ASN M 18 -4.45 -41.69 8.45
C ASN M 18 -5.91 -41.56 8.90
N VAL M 19 -6.51 -40.38 8.65
CA VAL M 19 -7.90 -40.14 8.92
C VAL M 19 -8.43 -39.24 7.79
N ASN M 20 -9.30 -39.76 6.96
CA ASN M 20 -9.96 -39.03 5.86
C ASN M 20 -9.09 -38.67 4.66
N GLY M 21 -7.97 -39.40 4.55
CA GLY M 21 -6.96 -39.10 3.57
C GLY M 21 -5.93 -38.13 4.09
N HIS M 22 -5.67 -38.13 5.40
CA HIS M 22 -4.64 -37.25 6.01
C HIS M 22 -3.73 -38.06 6.99
N ALA M 23 -2.41 -38.13 6.71
CA ALA M 23 -1.50 -38.96 7.56
C ALA M 23 -0.95 -38.09 8.69
N PHE M 24 -0.24 -38.70 9.63
CA PHE M 24 0.25 -38.00 10.82
C PHE M 24 1.02 -38.98 11.73
N VAL M 25 2.02 -38.47 12.47
CA VAL M 25 2.72 -39.27 13.48
C VAL M 25 2.61 -38.51 14.83
N ILE M 26 2.59 -39.24 15.93
CA ILE M 26 2.40 -38.60 17.22
C ILE M 26 3.26 -39.32 18.26
N GLU M 27 4.02 -38.51 18.98
CA GLU M 27 4.95 -38.93 20.04
C GLU M 27 4.44 -38.44 21.38
N GLY M 28 4.58 -39.30 22.37
CA GLY M 28 4.13 -38.98 23.71
C GLY M 28 5.18 -39.27 24.75
N GLU M 29 5.40 -38.28 25.63
CA GLU M 29 6.30 -38.42 26.76
C GLU M 29 5.48 -38.23 28.02
N GLY M 30 5.55 -39.19 28.93
CA GLY M 30 4.75 -39.14 30.12
C GLY M 30 5.04 -40.21 31.18
N LYS M 31 3.99 -40.53 31.94
CA LYS M 31 4.13 -40.91 33.33
C LYS M 31 2.74 -41.31 33.84
N GLY M 32 2.70 -42.31 34.68
CA GLY M 32 1.55 -42.65 35.47
C GLY M 32 1.86 -43.34 36.82
N LYS M 33 0.81 -43.92 37.37
CA LYS M 33 0.88 -44.69 38.57
C LYS M 33 0.07 -45.89 38.19
N PRO M 34 0.78 -47.04 37.83
CA PRO M 34 -0.05 -48.06 37.19
C PRO M 34 -0.97 -48.82 38.12
N TYR M 35 -0.59 -48.86 39.40
CA TYR M 35 -1.40 -49.40 40.47
C TYR M 35 -2.57 -48.47 40.74
N GLU M 36 -2.34 -47.16 40.73
CA GLU M 36 -3.44 -46.20 40.79
C GLU M 36 -4.24 -46.08 39.49
N GLY M 37 -3.75 -46.70 38.41
CA GLY M 37 -4.46 -46.65 37.12
C GLY M 37 -4.68 -45.25 36.56
N THR M 38 -3.62 -44.44 36.58
CA THR M 38 -3.68 -43.09 36.04
C THR M 38 -2.50 -42.88 35.11
N GLN M 39 -2.74 -42.12 34.04
CA GLN M 39 -1.73 -41.80 33.04
C GLN M 39 -1.71 -40.32 32.83
N THR M 40 -0.52 -39.79 32.60
CA THR M 40 -0.33 -38.45 32.06
C THR M 40 0.67 -38.54 30.90
N LEU M 41 0.34 -37.87 29.80
CA LEU M 41 1.10 -37.99 28.58
C LEU M 41 1.20 -36.60 27.97
N ASN M 42 2.46 -36.17 27.72
CA ASN M 42 2.73 -34.99 26.91
C ASN M 42 2.91 -35.41 25.47
N LEU M 43 2.13 -34.80 24.59
CA LEU M 43 2.03 -35.26 23.26
C LEU M 43 2.48 -34.24 22.26
N THR M 44 2.95 -34.74 21.11
CA THR M 44 3.52 -33.89 20.08
C THR M 44 3.17 -34.45 18.67
N VAL M 45 2.40 -33.69 17.89
CA VAL M 45 2.35 -33.90 16.42
C VAL M 45 3.75 -33.81 15.83
N LYS M 46 4.09 -34.73 14.92
CA LYS M 46 5.44 -34.83 14.37
C LYS M 46 5.43 -34.85 12.84
N GLU M 47 4.40 -35.45 12.26
CA GLU M 47 3.99 -35.17 10.87
C GLU M 47 2.47 -34.86 10.78
N GLY M 48 2.10 -34.13 9.72
CA GLY M 48 0.70 -33.83 9.40
C GLY M 48 0.09 -32.58 10.03
N ALA M 49 0.90 -31.85 10.79
CA ALA M 49 0.41 -30.72 11.56
C ALA M 49 0.06 -29.54 10.66
N PRO M 50 -1.15 -28.97 10.87
CA PRO M 50 -2.08 -29.23 11.97
C PRO M 50 -3.16 -30.27 11.65
N LEU M 51 -3.35 -31.30 12.51
CA LEU M 51 -4.38 -32.35 12.33
C LEU M 51 -5.73 -31.75 11.97
N PRO M 52 -6.42 -32.27 10.92
CA PRO M 52 -7.67 -31.64 10.47
C PRO M 52 -8.97 -32.26 11.06
N PHE M 53 -8.81 -33.15 12.03
CA PHE M 53 -9.95 -33.81 12.66
C PHE M 53 -9.88 -33.64 14.20
N SER M 54 -10.89 -34.13 14.93
CA SER M 54 -10.95 -33.87 16.38
C SER M 54 -9.94 -34.74 17.07
N TYR M 55 -9.14 -34.16 17.93
CA TYR M 55 -8.05 -34.90 18.60
C TYR M 55 -8.62 -36.01 19.50
N ASP M 56 -9.88 -35.84 19.89
CA ASP M 56 -10.53 -36.76 20.83
C ASP M 56 -10.55 -38.19 20.31
N ILE M 57 -10.96 -38.36 19.08
CA ILE M 57 -10.95 -39.72 18.49
C ILE M 57 -9.58 -40.44 18.64
N LEU M 58 -8.47 -39.69 18.67
CA LEU M 58 -7.15 -40.25 18.99
C LEU M 58 -6.84 -40.62 20.42
N THR M 59 -7.41 -39.91 21.39
CA THR M 59 -6.89 -39.97 22.76
C THR M 59 -7.03 -41.34 23.46
N THR M 60 -8.09 -42.11 23.17
CA THR M 60 -8.21 -43.44 23.75
C THR M 60 -7.16 -44.45 23.17
N ALA M 61 -6.27 -43.98 22.30
CA ALA M 61 -5.21 -44.78 21.71
C ALA M 61 -3.81 -44.28 22.07
CD2 NLW M 62 -1.28 -40.66 20.49
CG NLW M 62 -2.62 -40.39 21.21
CD1 NLW M 62 -3.06 -38.93 21.00
CB NLW M 62 -2.54 -40.84 22.65
CA NLW M 62 -2.54 -42.34 22.88
N NLW M 62 -3.72 -42.96 22.32
C NLW M 62 -2.58 -42.66 24.34
O NLW M 62 -1.80 -43.51 24.79
NH2 NLW M 62 -3.69 -42.40 25.01
C1 RC7 N 1 -5.70 -44.66 26.67
N2 RC7 N 1 -6.92 -44.56 27.09
CA2 RC7 N 1 -7.74 -45.55 26.53
C2 RC7 N 1 -6.74 -46.29 25.68
O2 RC7 N 1 -6.86 -47.19 25.02
N3 RC7 N 1 -5.53 -45.69 25.80
CA3 RC7 N 1 -4.30 -46.06 25.14
C3 RC7 N 1 -3.66 -47.25 25.82
O3 RC7 N 1 -3.12 -47.97 25.10
CA1 RC7 N 1 -4.73 -43.90 26.96
CB2 RC7 N 1 -9.07 -45.85 26.69
CG2 RC7 N 1 -10.22 -45.34 27.43
CD1 RC7 N 1 -11.39 -46.07 27.45
CD2 RC7 N 1 -10.21 -44.14 28.12
CE1 RC7 N 1 -12.49 -45.63 28.13
CE2 RC7 N 1 -11.29 -43.66 28.81
CZ RC7 N 1 -12.42 -44.41 28.79
OH RC7 N 1 -13.45 -43.97 29.42
CB1 RC7 N 1 -4.93 -42.80 27.67
CG1 RC7 N 1 -3.90 -41.93 28.01
ND1 RC7 N 1 -2.58 -41.97 27.72
CD3 RC7 N 1 -4.09 -40.82 28.73
NE1 RC7 N 1 -2.91 -40.26 28.83
CE3 RC7 N 1 -2.03 -40.95 28.18
N ASN N 2 -3.70 -47.60 27.56
CA ASN N 2 -3.09 -48.74 28.17
C ASN N 2 -3.65 -49.06 29.56
N ARG N 3 -4.33 -50.16 29.62
CA ARG N 3 -4.99 -50.63 30.81
C ARG N 3 -4.09 -51.15 31.90
N VAL N 4 -2.83 -51.48 31.54
CA VAL N 4 -1.77 -51.60 32.50
C VAL N 4 -1.88 -50.56 33.58
N PHE N 5 -2.15 -49.34 33.17
CA PHE N 5 -2.62 -48.20 34.01
C PHE N 5 -4.13 -48.20 34.17
N THR N 6 -4.61 -49.13 34.97
CA THR N 6 -5.93 -49.17 35.48
C THR N 6 -5.88 -49.86 36.80
N LYS N 7 -6.55 -49.30 37.77
CA LYS N 7 -6.62 -49.84 39.09
C LYS N 7 -7.19 -51.22 39.09
N TYR N 8 -6.42 -52.20 39.53
CA TYR N 8 -6.94 -53.53 39.68
C TYR N 8 -6.90 -53.99 41.13
N PRO N 9 -8.07 -54.28 41.67
CA PRO N 9 -8.27 -55.06 42.89
C PRO N 9 -7.82 -56.55 42.92
N GLU N 10 -7.28 -56.92 44.08
CA GLU N 10 -6.75 -58.20 44.53
C GLU N 10 -7.74 -59.33 44.53
N ASP N 11 -8.29 -59.55 43.38
CA ASP N 11 -9.54 -60.32 43.37
C ASP N 11 -9.77 -60.50 42.01
N ILE N 12 -9.31 -59.60 41.16
CA ILE N 12 -9.47 -59.86 39.72
C ILE N 12 -8.17 -59.95 38.94
N PRO N 13 -7.93 -61.15 38.25
CA PRO N 13 -6.70 -61.16 37.46
C PRO N 13 -6.56 -59.96 36.49
N ASP N 14 -5.32 -59.63 36.19
CA ASP N 14 -4.98 -58.48 35.42
C ASP N 14 -4.34 -58.99 34.16
N TYR N 15 -5.16 -59.20 33.18
CA TYR N 15 -4.66 -59.59 31.86
C TYR N 15 -3.47 -58.72 31.35
N PHE N 16 -3.38 -57.47 31.79
CA PHE N 16 -2.45 -56.51 31.19
C PHE N 16 -1.08 -56.41 31.80
N LYS N 17 -1.03 -56.57 33.13
CA LYS N 17 0.23 -56.56 33.86
C LYS N 17 0.94 -57.87 33.71
N GLN N 18 0.17 -58.94 33.61
CA GLN N 18 0.73 -60.25 33.33
C GLN N 18 1.42 -60.27 31.95
N SER N 19 0.85 -59.62 30.93
CA SER N 19 1.35 -59.73 29.55
C SER N 19 2.85 -59.46 29.41
N PHE N 20 3.41 -58.70 30.35
CA PHE N 20 4.85 -58.45 30.43
C PHE N 20 5.60 -59.51 31.25
N PRO N 21 6.90 -59.72 30.95
CA PRO N 21 7.90 -58.98 30.17
C PRO N 21 7.52 -58.62 28.75
N GLU N 22 7.26 -59.64 27.95
CA GLU N 22 7.25 -59.52 26.49
C GLU N 22 6.23 -58.48 26.07
N GLY N 23 5.00 -58.68 26.55
CA GLY N 23 3.94 -57.71 26.33
C GLY N 23 2.77 -58.22 25.54
N TYR N 24 2.09 -57.28 24.89
CA TYR N 24 0.79 -57.57 24.28
C TYR N 24 0.34 -56.53 23.28
N SER N 25 -0.68 -56.94 22.51
CA SER N 25 -1.37 -56.10 21.52
C SER N 25 -2.79 -55.75 21.98
N TRP N 26 -3.34 -54.69 21.40
CA TRP N 26 -4.77 -54.62 21.32
C TRP N 26 -5.28 -54.13 19.97
N GLU N 27 -6.37 -54.79 19.60
CA GLU N 27 -7.06 -54.54 18.38
C GLU N 27 -8.36 -53.94 18.89
N ARG N 28 -8.98 -53.13 18.03
CA ARG N 28 -9.92 -52.12 18.42
C ARG N 28 -10.61 -51.50 17.21
N THR N 29 -11.94 -51.65 17.20
CA THR N 29 -12.82 -50.94 16.27
C THR N 29 -13.63 -49.94 17.08
N MET N 30 -13.73 -48.74 16.52
CA MET N 30 -14.52 -47.73 17.13
C MET N 30 -15.49 -47.41 16.02
N THR N 31 -16.72 -47.85 16.18
CA THR N 31 -17.72 -47.59 15.17
C THR N 31 -18.63 -46.48 15.64
N TYR N 32 -18.79 -45.47 14.79
CA TYR N 32 -19.42 -44.20 15.19
C TYR N 32 -20.79 -44.17 14.67
N GLU N 33 -21.64 -43.41 15.36
CA GLU N 33 -23.05 -43.41 15.04
C GLU N 33 -23.23 -43.02 13.58
N ASP N 34 -22.61 -41.91 13.18
CA ASP N 34 -22.76 -41.35 11.81
C ASP N 34 -21.92 -42.05 10.72
N LYS N 35 -21.59 -43.33 10.92
CA LYS N 35 -20.97 -44.13 9.87
C LYS N 35 -19.54 -43.74 9.57
N GLY N 36 -18.81 -43.30 10.58
CA GLY N 36 -17.34 -43.24 10.54
C GLY N 36 -16.80 -44.32 11.46
N ILE N 37 -15.59 -44.80 11.18
CA ILE N 37 -15.11 -46.01 11.78
C ILE N 37 -13.66 -45.73 12.04
N CYS N 38 -13.03 -46.42 12.99
CA CYS N 38 -11.60 -46.30 13.25
C CYS N 38 -11.03 -47.69 13.70
N THR N 39 -9.96 -48.14 13.06
CA THR N 39 -9.36 -49.42 13.45
C THR N 39 -7.97 -49.15 14.01
N ILE N 40 -7.57 -49.87 15.04
CA ILE N 40 -6.40 -49.53 15.81
C ILE N 40 -5.69 -50.70 16.51
N ARG N 41 -4.35 -50.63 16.53
CA ARG N 41 -3.52 -51.67 17.14
C ARG N 41 -2.33 -51.11 17.91
N SER N 42 -2.17 -51.60 19.14
CA SER N 42 -1.10 -51.23 20.01
C SER N 42 -0.43 -52.50 20.58
N ASP N 43 0.74 -52.81 20.03
CA ASP N 43 1.72 -53.54 20.83
C ASP N 43 2.22 -52.55 21.89
N ILE N 44 2.05 -52.92 23.16
CA ILE N 44 2.67 -52.24 24.26
C ILE N 44 3.81 -53.18 24.74
N SER N 45 5.05 -52.70 24.62
CA SER N 45 6.25 -53.44 25.08
C SER N 45 6.98 -52.56 26.08
N LEU N 46 7.44 -53.16 27.19
CA LEU N 46 8.18 -52.42 28.23
C LEU N 46 9.71 -52.49 27.94
N GLU N 47 10.48 -51.57 28.52
CA GLU N 47 11.95 -51.63 28.46
C GLU N 47 12.52 -50.75 29.57
N GLY N 48 12.83 -51.38 30.68
CA GLY N 48 13.16 -50.64 31.87
C GLY N 48 11.90 -50.05 32.44
N ASP N 49 12.03 -48.95 33.17
CA ASP N 49 10.91 -48.37 33.93
C ASP N 49 9.86 -47.67 33.04
N CYS N 50 10.04 -47.73 31.71
CA CYS N 50 9.17 -47.04 30.75
C CYS N 50 8.43 -47.96 29.76
N PHE N 51 7.11 -48.06 29.93
CA PHE N 51 6.22 -48.77 29.01
C PHE N 51 6.35 -48.12 27.64
N PHE N 52 6.28 -48.92 26.57
CA PHE N 52 6.30 -48.36 25.23
C PHE N 52 5.23 -48.88 24.29
N GLN N 53 4.33 -47.95 23.98
CA GLN N 53 3.15 -48.20 23.19
C GLN N 53 3.56 -47.91 21.75
N ASN N 54 3.32 -48.85 20.84
CA ASN N 54 3.47 -48.59 19.42
C ASN N 54 2.18 -48.78 18.68
N VAL N 55 1.65 -47.69 18.19
CA VAL N 55 0.28 -47.67 17.74
C VAL N 55 0.09 -47.21 16.35
N ARG N 56 -0.74 -47.95 15.66
CA ARG N 56 -1.24 -47.61 14.37
C ARG N 56 -2.73 -47.49 14.51
N PHE N 57 -3.28 -46.49 13.84
CA PHE N 57 -4.64 -46.01 13.98
C PHE N 57 -5.19 -45.52 12.63
N ASN N 58 -6.36 -46.01 12.26
CA ASN N 58 -6.89 -45.80 10.91
C ASN N 58 -8.35 -45.57 10.95
N GLY N 59 -8.82 -44.43 10.39
CA GLY N 59 -10.23 -44.15 10.37
C GLY N 59 -10.74 -43.52 9.11
N MET N 60 -12.02 -43.79 8.84
CA MET N 60 -12.58 -43.56 7.55
C MET N 60 -13.96 -42.91 7.54
N ASN N 61 -14.22 -42.28 6.39
CA ASN N 61 -15.53 -41.78 6.01
C ASN N 61 -16.22 -41.29 7.26
N PHE N 62 -15.63 -40.24 7.83
CA PHE N 62 -16.29 -39.43 8.81
C PHE N 62 -16.88 -38.42 7.88
N PRO N 63 -18.21 -38.34 7.83
CA PRO N 63 -18.89 -37.48 6.88
C PRO N 63 -18.37 -36.05 6.98
N PRO N 64 -17.54 -35.63 6.00
CA PRO N 64 -16.77 -34.37 6.13
C PRO N 64 -17.42 -33.22 6.92
N ASN N 65 -18.75 -33.10 6.95
CA ASN N 65 -19.44 -32.23 7.94
C ASN N 65 -19.55 -32.94 9.30
N GLY N 66 -18.62 -33.86 9.56
CA GLY N 66 -18.61 -34.67 10.77
C GLY N 66 -18.32 -33.81 11.98
N PRO N 67 -18.90 -34.17 13.12
CA PRO N 67 -18.40 -33.54 14.35
C PRO N 67 -16.91 -33.81 14.54
N VAL N 68 -16.38 -34.82 13.87
CA VAL N 68 -14.94 -35.14 13.94
C VAL N 68 -14.07 -34.31 12.97
N MET N 69 -14.40 -34.38 11.68
CA MET N 69 -13.65 -33.61 10.69
C MET N 69 -13.79 -32.12 10.92
N GLN N 70 -14.96 -31.70 11.41
CA GLN N 70 -15.27 -30.28 11.63
C GLN N 70 -15.09 -29.89 13.09
N LYS N 71 -14.55 -30.82 13.91
CA LYS N 71 -14.07 -30.54 15.26
C LYS N 71 -15.14 -29.83 16.11
N LYS N 72 -16.24 -30.54 16.38
CA LYS N 72 -17.28 -30.00 17.26
C LYS N 72 -17.32 -30.77 18.59
N THR N 73 -16.35 -31.65 18.82
CA THR N 73 -16.29 -32.42 20.04
C THR N 73 -15.67 -31.59 21.16
N LEU N 74 -16.19 -31.74 22.38
CA LEU N 74 -15.42 -31.20 23.50
C LEU N 74 -14.74 -32.26 24.37
N LYS N 75 -15.37 -33.41 24.52
CA LYS N 75 -14.75 -34.42 25.29
C LYS N 75 -15.48 -35.74 25.15
N TRP N 76 -14.79 -36.77 25.67
CA TRP N 76 -15.41 -38.02 25.99
C TRP N 76 -16.13 -37.81 27.30
N GLU N 77 -17.33 -38.37 27.40
CA GLU N 77 -17.91 -38.61 28.68
C GLU N 77 -17.10 -39.73 29.35
N PRO N 78 -17.16 -39.78 30.68
CA PRO N 78 -16.69 -40.94 31.40
C PRO N 78 -17.56 -42.07 30.95
N SER N 79 -17.03 -43.28 31.04
CA SER N 79 -17.68 -44.47 30.56
C SER N 79 -17.42 -45.55 31.56
N THR N 80 -18.26 -46.59 31.51
CA THR N 80 -17.91 -47.88 32.07
C THR N 80 -17.61 -48.81 30.87
N GLU N 81 -16.57 -49.63 31.00
CA GLU N 81 -16.22 -50.62 29.96
C GLU N 81 -16.55 -51.97 30.48
N LYS N 82 -17.06 -52.86 29.60
CA LYS N 82 -17.34 -54.26 29.95
C LYS N 82 -16.26 -55.20 29.36
N LEU N 83 -15.91 -56.28 30.07
CA LEU N 83 -14.66 -57.07 29.83
C LEU N 83 -14.88 -58.57 29.92
N HIS N 84 -14.61 -59.28 28.82
CA HIS N 84 -15.07 -60.67 28.69
C HIS N 84 -14.24 -61.55 27.73
N VAL N 85 -14.28 -62.89 27.96
CA VAL N 85 -13.46 -63.87 27.21
C VAL N 85 -14.18 -64.44 25.98
N ARG N 86 -13.45 -64.55 24.87
CA ARG N 86 -13.91 -65.22 23.64
C ARG N 86 -12.67 -65.70 22.86
N ASP N 87 -12.66 -66.97 22.47
CA ASP N 87 -11.49 -67.60 21.82
C ASP N 87 -10.23 -67.54 22.71
N GLY N 88 -10.40 -67.63 24.02
CA GLY N 88 -9.26 -67.55 24.94
C GLY N 88 -8.48 -66.24 24.86
N LEU N 89 -9.08 -65.22 24.24
CA LEU N 89 -8.59 -63.86 24.26
C LEU N 89 -9.62 -62.92 24.88
N LEU N 90 -9.14 -61.76 25.32
CA LEU N 90 -9.94 -60.84 26.12
C LEU N 90 -10.47 -59.70 25.30
N VAL N 91 -11.79 -59.54 25.33
CA VAL N 91 -12.41 -58.39 24.69
C VAL N 91 -12.69 -57.31 25.74
N GLY N 92 -13.08 -56.13 25.26
CA GLY N 92 -13.38 -55.01 26.15
C GLY N 92 -14.44 -54.18 25.48
N ASN N 93 -15.53 -53.94 26.20
CA ASN N 93 -16.77 -53.38 25.63
C ASN N 93 -17.29 -52.10 26.32
N ILE N 94 -17.50 -51.05 25.52
CA ILE N 94 -17.88 -49.73 26.02
C ILE N 94 -18.75 -48.93 25.04
N ASN N 95 -19.93 -48.55 25.52
CA ASN N 95 -20.72 -47.47 24.91
C ASN N 95 -20.18 -46.11 25.24
N MET N 96 -19.36 -45.56 24.33
CA MET N 96 -18.78 -44.24 24.51
C MET N 96 -19.59 -43.10 23.87
N ALA N 97 -19.39 -41.89 24.39
CA ALA N 97 -20.03 -40.66 23.82
C ALA N 97 -19.10 -39.47 23.92
N LEU N 98 -18.95 -38.75 22.80
CA LEU N 98 -18.32 -37.45 22.78
C LEU N 98 -19.46 -36.38 22.98
N LEU N 99 -19.27 -35.46 23.94
CA LEU N 99 -20.23 -34.39 24.17
C LEU N 99 -19.85 -33.33 23.14
N LEU N 100 -20.82 -32.80 22.44
CA LEU N 100 -20.55 -31.83 21.39
C LEU N 100 -20.81 -30.44 21.89
N GLU N 101 -20.36 -29.45 21.13
CA GLU N 101 -20.82 -28.09 21.32
C GLU N 101 -22.32 -28.16 21.34
N GLY N 102 -22.91 -27.20 22.05
CA GLY N 102 -24.36 -27.17 22.23
C GLY N 102 -24.95 -28.23 23.14
N GLY N 103 -24.12 -28.99 23.86
CA GLY N 103 -24.60 -30.12 24.65
C GLY N 103 -25.04 -31.27 23.75
N GLY N 104 -25.45 -32.38 24.33
CA GLY N 104 -25.86 -33.55 23.50
C GLY N 104 -24.63 -34.24 22.87
N HIS N 105 -24.72 -35.56 22.69
CA HIS N 105 -23.54 -36.38 22.46
C HIS N 105 -23.52 -37.06 21.09
N TYR N 106 -22.33 -37.49 20.72
CA TYR N 106 -22.11 -38.21 19.48
C TYR N 106 -21.46 -39.49 19.97
N LEU N 107 -21.99 -40.62 19.49
CA LEU N 107 -21.83 -41.92 20.08
C LEU N 107 -20.88 -42.93 19.38
N CYS N 108 -20.47 -43.89 20.17
CA CYS N 108 -19.37 -44.74 19.80
C CYS N 108 -19.33 -46.01 20.58
N ASP N 109 -19.33 -47.09 19.83
CA ASP N 109 -19.00 -48.39 20.34
C ASP N 109 -17.49 -48.68 20.26
N PHE N 110 -16.93 -49.15 21.36
CA PHE N 110 -15.52 -49.42 21.53
C PHE N 110 -15.38 -50.94 21.76
N LYS N 111 -15.22 -51.69 20.67
CA LYS N 111 -14.87 -53.11 20.79
C LYS N 111 -13.35 -53.20 20.76
N THR N 112 -12.76 -53.93 21.70
CA THR N 112 -11.34 -53.96 21.82
C THR N 112 -10.82 -55.35 22.15
N THR N 113 -10.02 -55.90 21.22
CA THR N 113 -9.37 -57.19 21.45
C THR N 113 -8.06 -57.06 22.21
N TYR N 114 -7.97 -57.70 23.36
CA TYR N 114 -6.82 -57.61 24.23
C TYR N 114 -6.02 -58.90 24.22
N LYS N 115 -5.07 -59.00 23.29
CA LYS N 115 -4.24 -60.20 23.11
C LYS N 115 -2.88 -60.13 23.80
N ALA N 116 -2.58 -61.15 24.59
CA ALA N 116 -1.25 -61.31 25.20
C ALA N 116 -0.29 -62.06 24.26
N LYS N 117 0.94 -61.57 24.08
CA LYS N 117 1.94 -62.33 23.33
C LYS N 117 2.57 -63.42 24.22
N LYS N 118 2.25 -63.31 25.50
CA LYS N 118 2.45 -64.36 26.48
C LYS N 118 1.09 -65.10 26.58
N VAL N 119 0.94 -65.99 27.55
CA VAL N 119 -0.34 -66.64 27.88
C VAL N 119 -0.56 -66.52 29.37
N VAL N 120 -1.80 -66.27 29.77
CA VAL N 120 -2.08 -65.59 31.02
C VAL N 120 -3.26 -66.22 31.76
N GLN N 121 -3.41 -65.81 33.03
CA GLN N 121 -4.52 -66.18 33.87
C GLN N 121 -5.63 -65.20 33.51
N LEU N 122 -6.81 -65.72 33.17
CA LEU N 122 -7.89 -64.91 32.60
C LEU N 122 -9.00 -64.72 33.63
N PRO N 123 -9.41 -63.46 33.87
CA PRO N 123 -10.45 -63.14 34.88
C PRO N 123 -11.90 -63.32 34.42
N ASP N 124 -12.82 -63.12 35.35
CA ASP N 124 -14.26 -63.28 35.07
C ASP N 124 -14.83 -61.98 34.47
N TYR N 125 -16.06 -62.01 33.99
CA TYR N 125 -16.73 -60.79 33.49
C TYR N 125 -16.66 -59.73 34.60
N HIS N 126 -16.30 -58.51 34.23
CA HIS N 126 -16.16 -57.39 35.16
C HIS N 126 -15.95 -56.08 34.36
N PHE N 127 -15.93 -54.93 35.05
CA PHE N 127 -15.94 -53.60 34.40
C PHE N 127 -14.87 -52.61 34.85
N VAL N 128 -14.56 -51.67 33.95
CA VAL N 128 -13.66 -50.56 34.30
C VAL N 128 -14.33 -49.18 34.11
N ASP N 129 -14.52 -48.47 35.23
CA ASP N 129 -14.90 -47.07 35.15
C ASP N 129 -13.67 -46.38 34.57
N HIS N 130 -13.90 -45.42 33.67
CA HIS N 130 -12.84 -44.53 33.18
C HIS N 130 -13.20 -43.05 33.27
N ARG N 131 -12.18 -42.21 33.43
CA ARG N 131 -12.25 -40.86 32.93
C ARG N 131 -11.01 -40.55 32.09
N ILE N 132 -11.22 -40.18 30.84
CA ILE N 132 -10.16 -39.64 30.07
C ILE N 132 -10.53 -38.21 29.82
N GLU N 133 -9.49 -37.38 29.77
CA GLU N 133 -9.64 -35.95 29.62
C GLU N 133 -8.43 -35.42 28.93
N ILE N 134 -8.61 -34.28 28.30
CA ILE N 134 -7.49 -33.40 27.98
C ILE N 134 -7.53 -32.23 29.02
N LEU N 135 -6.34 -31.84 29.46
CA LEU N 135 -6.14 -30.86 30.48
C LEU N 135 -5.62 -29.58 29.86
N SER N 136 -4.78 -29.75 28.85
CA SER N 136 -4.20 -28.65 28.13
C SER N 136 -3.87 -29.02 26.68
N ASN N 137 -3.66 -27.97 25.90
CA ASN N 137 -3.59 -28.09 24.46
C ASN N 137 -3.38 -26.73 23.83
N ASP N 138 -2.54 -26.65 22.81
CA ASP N 138 -2.57 -25.53 21.87
C ASP N 138 -3.92 -25.47 21.17
N SER N 139 -4.25 -24.32 20.57
CA SER N 139 -5.46 -24.12 19.75
C SER N 139 -5.71 -25.15 18.63
N ASP N 140 -4.61 -25.54 17.94
CA ASP N 140 -4.60 -26.55 16.84
C ASP N 140 -4.15 -27.96 17.28
N TYR N 141 -3.83 -28.08 18.56
CA TYR N 141 -3.47 -29.35 19.21
C TYR N 141 -2.21 -29.99 18.71
N ASN N 142 -1.20 -29.18 18.37
CA ASN N 142 0.10 -29.77 18.09
C ASN N 142 0.73 -30.29 19.37
N LYS N 143 0.49 -29.57 20.47
CA LYS N 143 0.80 -30.07 21.82
C LYS N 143 -0.52 -30.36 22.60
N VAL N 144 -0.52 -31.50 23.25
CA VAL N 144 -1.61 -31.93 24.08
C VAL N 144 -1.07 -32.62 25.31
N LYS N 145 -1.50 -32.11 26.47
CA LYS N 145 -1.46 -32.85 27.74
C LYS N 145 -2.68 -33.76 27.82
N LEU N 146 -2.43 -35.08 27.94
CA LEU N 146 -3.49 -36.07 28.11
C LEU N 146 -3.46 -36.76 29.47
N TYR N 147 -4.66 -36.99 30.03
CA TYR N 147 -4.84 -37.46 31.39
C TYR N 147 -5.91 -38.54 31.35
N GLU N 148 -5.65 -39.64 32.06
CA GLU N 148 -6.60 -40.74 32.19
C GLU N 148 -6.68 -41.21 33.63
N HIS N 149 -7.86 -41.73 33.97
CA HIS N 149 -8.00 -42.40 35.24
C HIS N 149 -8.92 -43.59 35.01
N GLY N 150 -8.41 -44.79 35.35
CA GLY N 150 -9.15 -46.03 35.20
C GLY N 150 -9.35 -46.80 36.51
N VAL N 151 -10.52 -47.44 36.65
CA VAL N 151 -10.83 -48.19 37.88
C VAL N 151 -11.66 -49.45 37.58
N ALA N 152 -11.07 -50.60 37.86
CA ALA N 152 -11.69 -51.90 37.62
C ALA N 152 -12.59 -52.27 38.79
N ARG N 153 -13.65 -53.01 38.48
CA ARG N 153 -14.61 -53.46 39.49
C ARG N 153 -15.50 -54.57 38.96
N TYR N 154 -16.21 -55.21 39.89
CA TYR N 154 -17.36 -56.03 39.57
C TYR N 154 -18.55 -55.07 39.52
N SER N 155 -19.74 -55.59 39.81
CA SER N 155 -20.90 -54.78 40.11
C SER N 155 -20.87 -54.27 41.56
N PRO N 156 -21.47 -53.09 41.81
CA PRO N 156 -21.69 -52.63 43.18
C PRO N 156 -23.04 -53.10 43.69
N LEU N 157 -23.79 -53.82 42.86
CA LEU N 157 -25.09 -54.32 43.27
C LEU N 157 -24.90 -55.78 43.66
N PRO N 158 -25.67 -56.26 44.62
CA PRO N 158 -25.26 -57.53 45.20
C PRO N 158 -26.19 -58.70 44.88
N SER N 159 -25.63 -59.82 44.42
CA SER N 159 -26.47 -60.96 44.03
C SER N 159 -27.33 -61.38 45.22
N GLN N 160 -28.61 -61.65 44.96
CA GLN N 160 -29.53 -62.20 45.95
C GLN N 160 -29.79 -63.68 45.72
N ALA N 161 -28.81 -64.41 45.16
CA ALA N 161 -29.05 -65.72 44.55
C ALA N 161 -28.88 -66.93 45.51
N TRP N 162 -29.65 -67.99 45.26
CA TRP N 162 -29.61 -69.26 46.04
C TRP N 162 -30.59 -70.38 45.56
N GLY N 163 -30.20 -71.18 44.58
CA GLY N 163 -30.95 -72.38 44.16
C GLY N 163 -31.83 -72.26 42.91
N SER N 164 -31.41 -72.94 41.83
CA SER N 164 -32.20 -73.07 40.58
C SER N 164 -31.43 -73.98 39.63
N HIS N 165 -32.15 -74.58 38.67
CA HIS N 165 -31.49 -75.37 37.61
C HIS N 165 -31.76 -74.90 36.19
N HIS N 166 -30.86 -75.36 35.32
CA HIS N 166 -30.84 -75.00 33.92
C HIS N 166 -31.10 -76.22 33.05
N LEU O 4 -34.03 65.54 -1.74
CA LEU O 4 -34.58 64.24 -1.20
C LEU O 4 -34.05 63.95 0.23
N ILE O 5 -32.72 64.00 0.43
CA ILE O 5 -32.12 63.89 1.77
C ILE O 5 -31.92 65.25 2.44
N LYS O 6 -32.29 65.32 3.73
CA LYS O 6 -32.51 66.58 4.44
C LYS O 6 -31.69 66.69 5.70
N GLU O 7 -31.46 67.94 6.12
CA GLU O 7 -30.47 68.23 7.17
C GLU O 7 -30.64 67.42 8.43
N ASP O 8 -31.88 67.10 8.72
CA ASP O 8 -32.24 66.13 9.73
C ASP O 8 -32.92 64.97 9.00
N MET O 9 -32.39 63.76 9.17
CA MET O 9 -33.06 62.52 8.75
C MET O 9 -33.06 61.62 9.99
N ARG O 10 -33.61 60.39 9.85
CA ARG O 10 -33.73 59.41 10.94
C ARG O 10 -33.14 58.04 10.52
N VAL O 11 -32.73 57.23 11.51
CA VAL O 11 -32.09 55.93 11.25
C VAL O 11 -32.60 54.85 12.17
N LYS O 12 -32.75 53.66 11.60
CA LYS O 12 -33.09 52.46 12.32
C LYS O 12 -32.26 51.30 11.74
N VAL O 13 -31.84 50.37 12.59
CA VAL O 13 -30.81 49.35 12.21
C VAL O 13 -31.01 48.02 12.88
N HIS O 14 -30.84 46.96 12.11
CA HIS O 14 -31.12 45.60 12.58
C HIS O 14 -29.87 44.77 12.22
N MET O 15 -29.42 43.96 13.19
CA MET O 15 -28.20 43.16 13.05
C MET O 15 -28.31 41.81 13.65
N GLU O 16 -28.34 40.79 12.81
CA GLU O 16 -28.17 39.42 13.27
C GLU O 16 -26.66 39.12 13.32
N GLY O 17 -26.24 38.27 14.25
CA GLY O 17 -24.79 38.10 14.42
C GLY O 17 -24.34 36.77 14.95
N ASN O 18 -23.21 36.29 14.42
CA ASN O 18 -22.43 35.24 15.07
C ASN O 18 -20.97 35.66 15.20
N VAL O 19 -20.37 35.37 16.36
CA VAL O 19 -18.99 35.74 16.69
C VAL O 19 -18.61 34.59 17.54
N ASN O 20 -17.66 33.78 17.06
CA ASN O 20 -17.03 32.72 17.88
C ASN O 20 -17.97 31.64 18.38
N GLY O 21 -18.91 31.31 17.50
CA GLY O 21 -19.96 30.37 17.81
C GLY O 21 -21.12 31.19 18.30
N HIS O 22 -20.87 32.04 19.31
CA HIS O 22 -21.90 32.73 20.08
C HIS O 22 -22.82 33.61 19.23
N ALA O 23 -24.13 33.35 19.25
CA ALA O 23 -25.08 34.16 18.49
C ALA O 23 -25.52 35.43 19.24
N PHE O 24 -26.14 36.36 18.51
CA PHE O 24 -26.77 37.52 19.11
C PHE O 24 -27.57 38.30 18.09
N VAL O 25 -28.66 38.93 18.54
CA VAL O 25 -29.33 39.96 17.73
C VAL O 25 -29.18 41.36 18.39
N ILE O 26 -29.23 42.39 17.56
CA ILE O 26 -29.07 43.72 18.04
C ILE O 26 -29.86 44.68 17.17
N GLU O 27 -30.56 45.56 17.86
CA GLU O 27 -31.39 46.55 17.20
C GLU O 27 -31.07 47.95 17.71
N GLY O 28 -31.27 48.93 16.83
CA GLY O 28 -30.99 50.30 17.15
C GLY O 28 -31.81 51.27 16.32
N GLU O 29 -32.01 52.47 16.88
CA GLU O 29 -32.75 53.51 16.19
C GLU O 29 -32.00 54.77 16.55
N GLY O 30 -32.00 55.77 15.65
CA GLY O 30 -31.11 56.93 15.79
C GLY O 30 -31.38 58.09 14.83
N LYS O 31 -30.31 58.83 14.58
CA LYS O 31 -30.38 60.13 13.97
C LYS O 31 -29.01 60.90 13.79
N GLY O 32 -29.07 61.93 12.97
CA GLY O 32 -27.95 62.81 12.69
C GLY O 32 -28.20 63.79 11.54
N LYS O 33 -27.14 64.24 10.90
CA LYS O 33 -27.22 65.21 9.84
C LYS O 33 -26.38 64.83 8.58
N PRO O 34 -27.08 64.12 7.60
CA PRO O 34 -26.24 63.70 6.47
C PRO O 34 -25.27 64.73 5.81
N TYR O 35 -25.69 65.89 5.39
CA TYR O 35 -24.78 66.93 4.85
C TYR O 35 -23.73 67.41 5.87
N GLU O 36 -24.05 67.30 7.15
CA GLU O 36 -23.12 67.65 8.20
C GLU O 36 -22.45 66.42 8.76
N GLY O 37 -22.45 65.33 7.98
CA GLY O 37 -21.69 64.13 8.27
C GLY O 37 -21.38 63.80 9.70
N THR O 38 -22.44 63.68 10.50
CA THR O 38 -22.40 63.17 11.86
C THR O 38 -23.64 62.35 12.12
N GLN O 39 -23.50 61.30 12.92
CA GLN O 39 -24.60 60.35 13.11
C GLN O 39 -24.64 59.90 14.57
N THR O 40 -25.87 59.77 15.10
CA THR O 40 -26.08 59.27 16.46
C THR O 40 -27.01 58.07 16.40
N LEU O 41 -26.86 57.15 17.33
CA LEU O 41 -27.62 55.90 17.30
C LEU O 41 -27.78 55.28 18.69
N ASN O 42 -28.98 54.72 18.97
CA ASN O 42 -29.29 53.98 20.22
C ASN O 42 -29.47 52.48 20.07
N LEU O 43 -28.56 51.70 20.68
CA LEU O 43 -28.49 50.27 20.45
C LEU O 43 -28.96 49.38 21.59
N THR O 44 -29.81 48.43 21.22
CA THR O 44 -30.28 47.38 22.11
C THR O 44 -29.86 45.95 21.66
N VAL O 45 -29.14 45.24 22.53
CA VAL O 45 -28.91 43.81 22.30
C VAL O 45 -30.16 43.02 22.67
N LYS O 46 -30.94 42.70 21.62
CA LYS O 46 -32.19 41.98 21.74
C LYS O 46 -32.01 40.51 22.06
N GLU O 47 -30.91 39.91 21.68
CA GLU O 47 -30.67 38.53 22.03
C GLU O 47 -29.20 38.27 22.02
N GLY O 48 -28.79 37.27 22.82
CA GLY O 48 -27.41 36.83 22.98
C GLY O 48 -26.65 37.38 24.18
N ALA O 49 -27.31 38.26 24.97
CA ALA O 49 -26.68 39.03 26.05
C ALA O 49 -26.42 38.20 27.32
N PRO O 50 -25.31 38.50 28.04
CA PRO O 50 -24.38 39.60 27.76
C PRO O 50 -23.34 39.18 26.70
N LEU O 51 -22.84 40.12 25.89
CA LEU O 51 -21.93 39.76 24.81
C LEU O 51 -20.56 39.57 25.38
N PRO O 52 -20.00 38.34 25.33
CA PRO O 52 -18.69 37.98 25.89
C PRO O 52 -17.50 38.42 25.03
N PHE O 53 -17.69 39.40 24.16
CA PHE O 53 -16.60 39.85 23.32
C PHE O 53 -16.76 41.35 23.20
N SER O 54 -15.67 42.03 22.86
CA SER O 54 -15.66 43.47 22.76
C SER O 54 -16.67 43.92 21.76
N TYR O 55 -17.20 45.10 22.05
CA TYR O 55 -18.33 45.65 21.35
CA TYR O 55 -18.32 45.59 21.33
C TYR O 55 -17.82 46.51 20.23
N ASP O 56 -16.57 46.97 20.34
CA ASP O 56 -15.94 47.85 19.31
C ASP O 56 -15.90 47.17 17.97
N ILE O 57 -15.59 45.89 18.01
CA ILE O 57 -15.50 45.09 16.78
C ILE O 57 -16.86 44.91 16.10
N LEU O 58 -17.93 45.36 16.75
CA LEU O 58 -19.22 45.40 16.08
C LEU O 58 -19.61 46.77 15.56
N THR O 59 -18.95 47.83 16.01
CA THR O 59 -19.56 49.15 15.90
C THR O 59 -19.57 49.87 14.54
N THR O 60 -18.50 49.75 13.72
CA THR O 60 -18.52 50.32 12.35
C THR O 60 -19.49 49.53 11.45
N ALA O 61 -19.90 48.33 11.90
CA ALA O 61 -21.07 47.63 11.32
C ALA O 61 -22.46 48.16 11.78
CD2 NLW O 62 -25.28 47.32 16.07
CG NLW O 62 -23.83 47.72 15.88
CD1 NLW O 62 -23.10 47.69 17.22
CB NLW O 62 -23.68 49.05 15.18
CA NLW O 62 -23.84 49.01 13.68
N NLW O 62 -22.55 48.56 13.05
C NLW O 62 -24.34 50.36 13.17
O NLW O 62 -25.45 50.44 12.64
NH2 NLW O 62 -23.50 51.36 13.02
C1 RC7 P 1 -20.60 52.79 10.34
N2 RC7 P 1 -19.36 53.13 10.40
CA2 RC7 P 1 -18.65 52.59 9.34
C2 RC7 P 1 -19.69 51.88 8.51
O2 RC7 P 1 -19.60 51.33 7.50
N3 RC7 P 1 -20.90 52.08 9.22
CA3 RC7 P 1 -22.21 51.55 8.86
C3 RC7 P 1 -22.95 52.47 7.89
O3 RC7 P 1 -23.80 51.96 7.29
CA1 RC7 P 1 -21.52 53.12 11.13
CB2 RC7 P 1 -17.34 52.68 9.03
CG2 RC7 P 1 -16.17 53.31 9.62
CD1 RC7 P 1 -14.91 53.23 9.00
CD2 RC7 P 1 -16.20 53.99 10.83
CE1 RC7 P 1 -13.76 53.82 9.51
CE2 RC7 P 1 -15.07 54.58 11.37
CZ RC7 P 1 -13.86 54.48 10.73
OH RC7 P 1 -12.83 55.06 11.29
CB1 RC7 P 1 -21.26 53.77 12.26
CG1 RC7 P 1 -22.33 54.22 13.16
ND1 RC7 P 1 -23.67 54.06 13.06
CD3 RC7 P 1 -22.18 54.88 14.32
NE1 RC7 P 1 -23.41 55.07 14.82
CE3 RC7 P 1 -24.29 54.56 14.05
N ASN P 2 -22.70 54.29 7.51
CA ASN P 2 -23.58 54.93 6.50
C ASN P 2 -22.93 56.12 5.74
N ARG P 3 -22.14 55.95 5.06
CA ARG P 3 -21.45 56.94 4.34
C ARG P 3 -22.28 58.14 3.81
N VAL P 4 -23.63 58.03 3.91
CA VAL P 4 -24.59 59.10 3.78
C VAL P 4 -24.22 60.26 4.70
N PHE P 5 -23.94 59.90 5.93
CA PHE P 5 -23.64 60.87 6.94
C PHE P 5 -22.17 61.12 6.88
N THR P 6 -21.75 61.66 5.76
CA THR P 6 -20.40 61.98 5.50
C THR P 6 -20.46 63.24 4.70
N LYS P 7 -19.90 64.29 5.23
CA LYS P 7 -19.96 65.56 4.61
C LYS P 7 -19.12 65.55 3.38
N TYR P 8 -19.75 65.86 2.26
CA TYR P 8 -19.04 66.04 1.02
C TYR P 8 -18.96 67.49 0.59
N PRO P 9 -17.72 67.94 0.51
CA PRO P 9 -17.40 69.18 -0.18
C PRO P 9 -17.76 69.10 -1.67
N GLU P 10 -18.17 70.21 -2.23
CA GLU P 10 -18.88 70.18 -3.50
C GLU P 10 -18.01 69.80 -4.69
N ASP P 11 -16.71 69.76 -4.43
CA ASP P 11 -15.70 69.40 -5.39
C ASP P 11 -15.73 67.89 -5.69
N ILE P 12 -16.07 67.13 -4.67
CA ILE P 12 -16.09 65.70 -4.76
C ILE P 12 -17.50 65.35 -4.99
N PRO P 13 -17.71 64.35 -5.94
CA PRO P 13 -19.01 63.69 -5.80
C PRO P 13 -19.15 62.65 -4.72
N ASP P 14 -19.95 63.03 -3.75
CA ASP P 14 -20.70 62.23 -2.83
C ASP P 14 -21.43 61.08 -3.54
N TYR P 15 -20.75 59.98 -3.74
CA TYR P 15 -21.31 58.73 -4.22
C TYR P 15 -22.52 58.28 -3.40
N PHE P 16 -22.55 58.70 -2.12
CA PHE P 16 -23.52 58.17 -1.19
C PHE P 16 -24.91 58.80 -1.33
N LYS P 17 -24.99 60.10 -1.16
CA LYS P 17 -26.31 60.70 -1.11
C LYS P 17 -26.91 60.68 -2.52
N GLN P 18 -26.07 60.63 -3.56
CA GLN P 18 -26.53 60.43 -4.96
C GLN P 18 -27.18 59.07 -5.29
N SER P 19 -26.87 58.04 -4.48
CA SER P 19 -27.42 56.68 -4.68
C SER P 19 -28.88 56.58 -4.22
N PHE P 20 -29.30 57.52 -3.39
CA PHE P 20 -30.72 57.64 -3.03
C PHE P 20 -31.46 58.57 -3.99
N PRO P 21 -32.77 58.34 -4.18
CA PRO P 21 -33.72 57.47 -3.43
C PRO P 21 -33.48 55.94 -3.41
N GLU P 22 -33.01 55.38 -4.52
CA GLU P 22 -33.03 53.92 -4.65
C GLU P 22 -32.27 53.19 -3.53
N GLY P 23 -31.09 53.68 -3.20
CA GLY P 23 -30.33 53.15 -2.09
C GLY P 23 -28.95 52.70 -2.50
N TYR P 24 -28.32 51.94 -1.61
CA TYR P 24 -27.00 51.37 -1.84
C TYR P 24 -26.75 50.31 -0.78
N SER P 25 -26.09 49.22 -1.20
CA SER P 25 -25.66 48.13 -0.33
C SER P 25 -24.16 48.12 -0.34
N TRP P 26 -23.58 47.43 0.65
CA TRP P 26 -22.12 47.33 0.78
C TRP P 26 -21.69 46.06 1.51
N GLU P 27 -20.37 45.81 1.52
CA GLU P 27 -19.80 44.48 1.85
C GLU P 27 -18.39 44.68 2.33
N ARG P 28 -18.07 44.10 3.48
CA ARG P 28 -16.79 44.39 4.15
C ARG P 28 -16.16 43.17 4.77
N THR P 29 -14.81 43.19 4.86
CA THR P 29 -14.07 42.16 5.61
C THR P 29 -13.01 42.81 6.50
N MET P 30 -12.73 42.17 7.63
CA MET P 30 -11.99 42.77 8.71
C MET P 30 -11.05 41.73 9.27
N THR P 31 -9.78 41.99 9.11
CA THR P 31 -8.80 40.99 9.41
C THR P 31 -7.98 41.53 10.49
N TYR P 32 -7.91 40.78 11.55
CA TYR P 32 -7.25 41.27 12.75
C TYR P 32 -5.91 40.68 12.73
N GLU P 33 -4.99 41.18 13.51
CA GLU P 33 -3.56 40.85 13.36
C GLU P 33 -3.14 39.59 14.09
N ASP P 34 -4.12 38.99 14.74
CA ASP P 34 -4.06 37.65 15.29
C ASP P 34 -5.07 36.81 14.47
N LYS P 35 -5.41 37.35 13.28
CA LYS P 35 -6.28 36.68 12.26
C LYS P 35 -7.68 36.25 12.70
N GLY P 36 -8.26 37.00 13.62
CA GLY P 36 -9.65 36.83 13.87
C GLY P 36 -10.22 37.57 12.70
N ILE P 37 -11.45 37.27 12.38
CA ILE P 37 -11.81 37.68 11.05
C ILE P 37 -13.27 37.87 11.07
N CYS P 38 -13.75 38.95 10.43
CA CYS P 38 -15.16 39.21 10.33
C CYS P 38 -15.63 39.49 8.90
N THR P 39 -16.76 38.88 8.53
CA THR P 39 -17.40 39.14 7.24
C THR P 39 -18.77 39.80 7.55
N ILE P 40 -19.16 40.81 6.80
CA ILE P 40 -20.37 41.54 7.09
C ILE P 40 -21.00 42.17 5.82
N ARG P 41 -22.33 42.28 5.87
CA ARG P 41 -23.13 42.78 4.80
C ARG P 41 -24.26 43.70 5.31
N SER P 42 -24.63 44.66 4.48
CA SER P 42 -25.56 45.70 4.89
C SER P 42 -26.30 46.34 3.70
N ASP P 43 -27.61 46.45 3.86
CA ASP P 43 -28.46 47.07 2.87
C ASP P 43 -28.98 48.39 3.46
N ILE P 44 -29.05 49.44 2.65
CA ILE P 44 -29.48 50.76 3.16
C ILE P 44 -30.71 51.31 2.40
N SER P 45 -31.89 51.18 2.99
CA SER P 45 -33.13 51.55 2.31
C SER P 45 -33.76 52.83 2.87
N LEU P 46 -33.91 53.84 2.02
CA LEU P 46 -34.64 55.03 2.44
C LEU P 46 -36.13 54.74 2.43
N GLU P 47 -36.80 55.10 3.51
CA GLU P 47 -38.25 55.22 3.52
C GLU P 47 -38.54 56.50 4.28
N GLY P 48 -39.45 57.31 3.75
CA GLY P 48 -39.81 58.60 4.33
C GLY P 48 -38.58 59.45 4.60
N ASP P 49 -38.11 59.44 5.85
CA ASP P 49 -36.78 59.99 6.19
C ASP P 49 -35.87 58.96 6.89
N CYS P 50 -36.35 57.71 6.98
CA CYS P 50 -35.63 56.59 7.63
C CYS P 50 -34.68 55.91 6.67
N PHE P 51 -33.40 55.79 7.08
CA PHE P 51 -32.51 54.84 6.46
C PHE P 51 -32.54 53.58 7.30
N PHE P 52 -33.33 52.58 6.91
CA PHE P 52 -33.30 51.33 7.68
C PHE P 52 -32.15 50.46 7.23
N GLN P 53 -31.09 50.47 8.00
CA GLN P 53 -29.94 49.64 7.71
C GLN P 53 -30.26 48.22 7.97
N ASN P 54 -29.95 47.36 7.03
CA ASN P 54 -30.11 45.94 7.25
C ASN P 54 -28.85 45.16 7.15
N VAL P 55 -28.53 44.49 8.24
CA VAL P 55 -27.22 43.89 8.46
C VAL P 55 -27.09 42.47 8.97
N ARG P 56 -26.31 41.72 8.22
CA ARG P 56 -25.77 40.41 8.61
C ARG P 56 -24.25 40.50 8.93
N PHE P 57 -23.86 40.06 10.12
CA PHE P 57 -22.47 40.22 10.66
C PHE P 57 -22.04 38.90 11.25
N ASN P 58 -20.79 38.55 10.90
CA ASN P 58 -20.20 37.24 11.14
C ASN P 58 -18.74 37.36 11.49
N GLY P 59 -18.38 36.92 12.69
CA GLY P 59 -17.02 37.10 13.23
C GLY P 59 -16.43 35.78 13.65
N MET P 60 -15.11 35.65 13.50
CA MET P 60 -14.45 34.33 13.49
C MET P 60 -13.06 34.28 14.13
N ASN P 61 -12.84 33.19 14.87
CA ASN P 61 -11.56 32.81 15.47
C ASN P 61 -10.75 33.97 16.01
N PHE P 62 -11.40 34.71 16.92
CA PHE P 62 -10.71 35.57 17.85
C PHE P 62 -10.15 34.70 18.95
N PRO P 63 -8.86 34.87 19.28
CA PRO P 63 -8.23 34.01 20.27
C PRO P 63 -8.63 34.26 21.74
N PRO P 64 -8.92 33.18 22.48
CA PRO P 64 -9.36 33.19 23.88
C PRO P 64 -8.80 34.29 24.78
N ASN P 65 -7.48 34.38 24.83
CA ASN P 65 -6.81 35.37 25.69
C ASN P 65 -6.55 36.68 24.98
N GLY P 66 -7.03 36.82 23.75
CA GLY P 66 -7.00 38.10 23.05
C GLY P 66 -7.77 39.23 23.74
N PRO P 67 -7.65 40.46 23.20
CA PRO P 67 -8.36 41.69 23.63
C PRO P 67 -9.87 41.63 23.45
N VAL P 68 -10.31 41.00 22.35
CA VAL P 68 -11.75 40.95 22.01
C VAL P 68 -12.47 40.12 23.07
N MET P 69 -11.97 38.91 23.26
CA MET P 69 -12.57 38.00 24.22
C MET P 69 -12.31 38.40 25.67
N GLN P 70 -11.23 39.15 25.92
CA GLN P 70 -10.97 39.69 27.27
C GLN P 70 -11.42 41.11 27.50
N LYS P 71 -11.98 41.71 26.44
CA LYS P 71 -12.67 43.00 26.49
C LYS P 71 -11.72 44.04 26.96
N LYS P 72 -10.59 44.18 26.28
CA LYS P 72 -9.59 45.22 26.65
C LYS P 72 -9.41 46.29 25.58
N THR P 73 -10.36 46.40 24.66
CA THR P 73 -10.44 47.60 23.86
C THR P 73 -11.13 48.77 24.59
N LEU P 74 -10.65 49.98 24.28
CA LEU P 74 -11.33 51.20 24.70
C LEU P 74 -12.02 51.92 23.56
N LYS P 75 -11.35 52.02 22.43
CA LYS P 75 -12.05 52.47 21.25
C LYS P 75 -11.26 52.06 20.03
N TRP P 76 -11.80 52.45 18.87
CA TRP P 76 -11.04 52.66 17.63
C TRP P 76 -10.40 54.02 17.59
N GLU P 77 -9.18 54.10 17.05
CA GLU P 77 -8.58 55.36 16.66
C GLU P 77 -9.38 55.88 15.47
N PRO P 78 -9.49 57.20 15.33
CA PRO P 78 -9.99 57.62 14.07
C PRO P 78 -9.26 56.83 12.96
N SER P 79 -9.65 57.05 11.71
CA SER P 79 -8.98 56.42 10.60
C SER P 79 -9.25 57.22 9.37
N THR P 80 -8.64 56.84 8.26
CA THR P 80 -8.77 57.56 7.01
C THR P 80 -8.99 56.51 5.96
N GLU P 81 -10.15 56.54 5.32
CA GLU P 81 -10.51 55.52 4.34
C GLU P 81 -10.08 55.88 2.96
N LYS P 82 -9.51 54.88 2.27
CA LYS P 82 -9.02 55.06 0.90
C LYS P 82 -10.13 54.64 0.02
N LEU P 83 -10.57 55.62 -0.81
CA LEU P 83 -11.71 55.49 -1.73
C LEU P 83 -11.30 55.68 -3.22
N HIS P 84 -11.68 54.69 -4.02
CA HIS P 84 -11.05 54.38 -5.29
C HIS P 84 -12.05 53.56 -6.16
N VAL P 85 -12.47 54.13 -7.28
CA VAL P 85 -13.48 53.47 -8.13
C VAL P 85 -12.94 52.18 -8.83
N ARG P 86 -13.63 51.07 -8.60
CA ARG P 86 -13.25 49.81 -9.24
C ARG P 86 -14.41 49.05 -9.82
N ASP P 87 -14.27 48.61 -11.08
CA ASP P 87 -15.32 47.90 -11.81
C ASP P 87 -16.65 48.65 -11.69
N GLY P 88 -16.58 49.99 -11.69
CA GLY P 88 -17.73 50.84 -11.38
C GLY P 88 -18.03 51.03 -9.88
N LEU P 89 -17.32 50.31 -9.01
CA LEU P 89 -17.58 50.20 -7.55
C LEU P 89 -16.60 50.94 -6.68
N LEU P 90 -17.10 51.84 -5.81
CA LEU P 90 -16.27 52.49 -4.83
C LEU P 90 -15.86 51.42 -3.80
N VAL P 91 -14.55 51.22 -3.78
CA VAL P 91 -13.91 50.35 -2.85
C VAL P 91 -13.20 51.28 -1.87
N GLY P 92 -13.29 50.92 -0.59
CA GLY P 92 -12.60 51.65 0.44
C GLY P 92 -11.67 50.73 1.20
N ASN P 93 -10.57 51.30 1.62
CA ASN P 93 -9.49 50.56 2.29
C ASN P 93 -9.05 51.37 3.54
N ILE P 94 -8.78 50.65 4.66
CA ILE P 94 -8.36 51.30 5.93
C ILE P 94 -7.43 50.49 6.89
N ASN P 95 -6.34 51.10 7.40
CA ASN P 95 -5.61 50.54 8.56
C ASN P 95 -6.29 51.05 9.83
N MET P 96 -7.21 50.28 10.38
CA MET P 96 -7.80 50.57 11.66
C MET P 96 -6.96 50.06 12.79
N ALA P 97 -7.21 50.62 13.97
CA ALA P 97 -6.47 50.16 15.18
C ALA P 97 -7.35 50.41 16.38
N LEU P 98 -7.20 49.60 17.45
CA LEU P 98 -8.04 49.70 18.64
C LEU P 98 -7.16 49.86 19.83
N LEU P 99 -7.26 51.04 20.46
CA LEU P 99 -6.52 51.36 21.67
C LEU P 99 -6.83 50.34 22.74
N LEU P 100 -5.86 49.96 23.53
CA LEU P 100 -6.07 49.00 24.60
C LEU P 100 -5.82 49.65 25.96
N GLU P 101 -6.57 49.19 26.97
CA GLU P 101 -6.21 49.39 28.39
C GLU P 101 -4.69 49.44 28.54
N GLY P 102 -4.18 50.58 28.97
CA GLY P 102 -2.73 50.83 29.02
C GLY P 102 -2.07 50.54 27.69
N GLY P 103 -1.96 49.24 27.38
CA GLY P 103 -1.15 48.71 26.29
C GLY P 103 -1.46 49.03 24.85
N GLY P 104 -1.11 50.22 24.40
CA GLY P 104 -1.05 50.50 22.98
C GLY P 104 -2.21 49.96 22.12
N HIS P 105 -1.87 49.33 21.00
CA HIS P 105 -2.83 49.08 19.92
C HIS P 105 -2.95 47.65 19.46
N TYR P 106 -4.04 47.38 18.76
CA TYR P 106 -4.28 46.10 18.12
C TYR P 106 -4.95 46.38 16.79
N LEU P 107 -4.30 45.93 15.71
CA LEU P 107 -4.58 46.41 14.35
C LEU P 107 -5.45 45.53 13.50
N CYS P 108 -5.98 46.15 12.47
CA CYS P 108 -6.96 45.54 11.66
C CYS P 108 -7.00 46.16 10.28
N ASP P 109 -7.10 45.29 9.27
CA ASP P 109 -7.27 45.73 7.89
C ASP P 109 -8.78 45.75 7.51
N PHE P 110 -9.12 46.41 6.41
CA PHE P 110 -10.51 46.80 6.15
C PHE P 110 -10.70 47.08 4.66
N LYS P 111 -11.54 46.23 4.06
CA LYS P 111 -11.93 46.40 2.70
C LYS P 111 -13.44 46.44 2.64
N THR P 112 -13.90 47.50 2.01
CA THR P 112 -15.31 47.79 1.85
C THR P 112 -15.45 48.11 0.37
N THR P 113 -16.52 47.60 -0.22
CA THR P 113 -16.96 48.02 -1.50
C THR P 113 -18.40 48.47 -1.30
N TYR P 114 -18.75 49.65 -1.86
CA TYR P 114 -20.12 50.20 -1.83
C TYR P 114 -20.71 50.09 -3.24
N LYS P 115 -21.88 49.41 -3.36
CA LYS P 115 -22.55 49.20 -4.65
C LYS P 115 -23.89 50.00 -4.80
N ALA P 116 -23.99 50.77 -5.89
CA ALA P 116 -25.13 51.67 -6.11
C ALA P 116 -26.32 50.94 -6.69
N LYS P 117 -27.50 51.24 -6.18
CA LYS P 117 -28.71 50.69 -6.75
C LYS P 117 -29.06 51.44 -8.04
N LYS P 118 -28.59 52.68 -8.17
CA LYS P 118 -28.74 53.42 -9.40
C LYS P 118 -27.44 54.01 -9.92
N VAL P 119 -27.51 54.42 -11.19
CA VAL P 119 -26.47 55.17 -11.85
C VAL P 119 -26.27 56.52 -11.15
N VAL P 120 -25.09 56.67 -10.54
CA VAL P 120 -24.62 57.94 -9.98
C VAL P 120 -23.31 58.35 -10.68
N GLN P 121 -22.91 59.61 -10.47
CA GLN P 121 -21.63 60.16 -10.92
C GLN P 121 -20.43 59.69 -10.04
N LEU P 122 -19.39 59.11 -10.66
CA LEU P 122 -18.30 58.51 -9.89
C LEU P 122 -17.19 59.49 -9.55
N PRO P 123 -16.61 59.34 -8.34
CA PRO P 123 -15.62 60.34 -7.98
C PRO P 123 -14.26 59.86 -8.42
N ASP P 124 -13.30 60.79 -8.42
CA ASP P 124 -11.88 60.44 -8.43
C ASP P 124 -11.45 60.05 -6.99
N TYR P 125 -10.22 59.53 -6.91
CA TYR P 125 -9.70 58.89 -5.72
C TYR P 125 -9.67 59.88 -4.59
N HIS P 126 -10.08 59.46 -3.41
CA HIS P 126 -10.21 60.42 -2.30
C HIS P 126 -10.42 59.69 -0.98
N PHE P 127 -10.43 60.48 0.10
CA PHE P 127 -10.39 59.91 1.43
C PHE P 127 -11.49 60.43 2.37
N VAL P 128 -11.97 59.52 3.23
CA VAL P 128 -12.95 59.89 4.22
C VAL P 128 -12.31 59.65 5.57
N ASP P 129 -12.04 60.76 6.23
CA ASP P 129 -11.63 60.76 7.61
C ASP P 129 -12.89 60.35 8.39
N HIS P 130 -12.72 59.40 9.31
CA HIS P 130 -13.79 59.01 10.23
C HIS P 130 -13.39 59.26 11.68
N ARG P 131 -14.34 59.13 12.59
CA ARG P 131 -14.04 58.86 14.00
C ARG P 131 -15.30 58.27 14.58
N ILE P 132 -15.15 57.13 15.28
CA ILE P 132 -16.31 56.40 15.71
C ILE P 132 -16.11 56.07 17.16
N GLU P 133 -17.22 56.05 17.92
CA GLU P 133 -17.10 56.23 19.34
C GLU P 133 -18.30 55.82 20.14
N ILE P 134 -18.03 55.09 21.21
CA ILE P 134 -19.06 54.80 22.19
C ILE P 134 -19.26 56.06 23.07
N LEU P 135 -20.38 56.78 22.93
CA LEU P 135 -20.64 57.93 23.79
C LEU P 135 -20.99 57.41 25.15
N SER P 136 -21.76 56.34 25.17
CA SER P 136 -22.17 55.77 26.42
C SER P 136 -22.60 54.31 26.32
N ASN P 137 -22.54 53.66 27.49
CA ASN P 137 -22.91 52.27 27.60
C ASN P 137 -23.21 51.81 29.01
N ASP P 138 -24.18 50.92 29.16
CA ASP P 138 -24.26 50.22 30.43
C ASP P 138 -23.00 49.37 30.61
N SER P 139 -22.85 48.81 31.80
CA SER P 139 -21.70 47.98 32.12
C SER P 139 -21.63 46.70 31.26
N ASP P 140 -22.76 46.31 30.66
CA ASP P 140 -22.94 45.09 29.84
C ASP P 140 -22.90 45.31 28.33
N TYR P 141 -22.97 46.59 27.97
CA TYR P 141 -23.21 47.03 26.61
C TYR P 141 -24.57 46.64 26.05
N ASN P 142 -25.48 46.12 26.88
CA ASN P 142 -26.85 45.88 26.41
C ASN P 142 -27.40 47.14 25.69
N LYS P 143 -27.20 48.32 26.27
CA LYS P 143 -27.61 49.57 25.65
C LYS P 143 -26.33 50.37 25.38
N VAL P 144 -26.15 50.79 24.14
CA VAL P 144 -24.94 51.47 23.77
C VAL P 144 -25.34 52.64 22.87
N LYS P 145 -24.89 53.84 23.19
CA LYS P 145 -25.15 55.01 22.34
C LYS P 145 -23.97 55.08 21.39
N LEU P 146 -24.20 54.94 20.09
CA LEU P 146 -23.16 55.07 19.07
C LEU P 146 -23.27 56.37 18.26
N TYR P 147 -22.12 57.06 18.22
CA TYR P 147 -21.88 58.25 17.43
C TYR P 147 -20.85 57.90 16.37
N GLU P 148 -20.90 58.70 15.30
CA GLU P 148 -19.89 58.68 14.25
C GLU P 148 -19.75 60.05 13.57
N HIS P 149 -18.51 60.40 13.23
CA HIS P 149 -18.25 61.54 12.38
C HIS P 149 -17.45 61.06 11.18
N GLY P 150 -17.93 61.37 9.96
CA GLY P 150 -17.21 61.12 8.72
C GLY P 150 -17.10 62.35 7.80
N VAL P 151 -15.90 62.67 7.28
CA VAL P 151 -15.70 63.77 6.32
C VAL P 151 -14.81 63.39 5.09
N ALA P 152 -15.44 63.31 3.92
CA ALA P 152 -14.72 63.09 2.67
C ALA P 152 -13.85 64.29 2.30
N ARG P 153 -12.59 64.03 1.94
CA ARG P 153 -11.72 65.08 1.37
C ARG P 153 -10.95 64.59 0.13
N TYR P 154 -10.08 65.48 -0.36
CA TYR P 154 -9.01 65.17 -1.30
C TYR P 154 -7.77 65.08 -0.44
N SER P 155 -6.62 65.44 -1.03
CA SER P 155 -5.35 65.63 -0.36
C SER P 155 -5.15 67.10 -0.01
N PRO P 156 -4.75 67.36 1.24
CA PRO P 156 -4.47 68.76 1.56
C PRO P 156 -3.24 69.34 0.82
N LEU P 157 -2.48 68.51 0.11
CA LEU P 157 -1.15 68.90 -0.36
C LEU P 157 -1.14 69.28 -1.84
N PRO P 158 -0.35 70.30 -2.22
CA PRO P 158 -0.22 70.64 -3.63
C PRO P 158 0.61 69.67 -4.49
N SER P 159 -0.06 68.96 -5.38
CA SER P 159 0.54 68.43 -6.57
C SER P 159 1.24 69.67 -7.12
N GLN P 160 2.53 69.76 -6.76
CA GLN P 160 3.40 70.85 -7.12
C GLN P 160 4.18 70.45 -8.34
N ALA P 161 3.53 69.68 -9.19
CA ALA P 161 4.19 69.08 -10.32
C ALA P 161 3.84 69.86 -11.56
N TRP P 162 4.68 69.65 -12.55
CA TRP P 162 4.57 70.32 -13.82
C TRP P 162 5.28 69.45 -14.83
C1 GOL Q . 32.99 -1.79 1.32
O1 GOL Q . 34.17 -1.01 1.02
C2 GOL Q . 33.07 -3.20 0.70
O2 GOL Q . 34.30 -3.34 -0.06
C3 GOL Q . 32.97 -4.28 1.80
O3 GOL Q . 32.36 -5.48 1.32
C1 GOL R . -19.42 39.58 -0.76
O1 GOL R . -18.49 40.64 -0.55
C2 GOL R . -19.47 39.10 -2.21
O2 GOL R . -18.59 39.80 -3.11
C3 GOL R . -20.91 39.24 -2.70
O3 GOL R . -21.80 38.61 -1.75
MG MG S . -15.47 24.49 -5.49
MG MG T . -26.22 17.65 -2.82
MG MG U . -11.88 -58.60 -1.65
MG MG V . -15.50 -56.58 8.11
C1 GOL W . -13.44 -36.49 1.33
O1 GOL W . -12.87 -35.19 1.50
C2 GOL W . -12.57 -37.57 2.01
O2 GOL W . -11.64 -37.05 2.97
C3 GOL W . -11.84 -38.39 0.98
O3 GOL W . -12.65 -39.54 0.78
MG MG X . -8.38 -41.70 20.34
MG MG Y . -16.53 -46.04 14.04
MG MG Z . -23.40 35.53 17.07
MG MG AA . -26.74 40.78 11.11
MG MG BA . -16.09 35.03 15.60
MG MG CA . -7.93 35.61 15.17
MG MG DA . -9.77 53.34 19.34
#